data_2MPE
#
_entry.id   2MPE
#
_entity_poly.entity_id   1
_entity_poly.type   'polypeptide(L)'
_entity_poly.pdbx_seq_one_letter_code
;GAMGMSPDTARRFDTEFAPRIARAIADLLNHRAHTDVVGYGGHGHPTQVRIVAPHAEHVRGYAHPLNLALTWNTDEIERL
MEADGAARFERYLAALPRKLAAWENARGVDFGSRTQADALVLLGGLDFEA
;
_entity_poly.pdbx_strand_id   A
#
# COMPACT_ATOMS: atom_id res chain seq x y z
N GLY A 1 -17.17 -14.95 -16.98
CA GLY A 1 -17.22 -16.05 -15.98
C GLY A 1 -16.94 -15.55 -14.59
N ALA A 2 -16.51 -16.46 -13.72
CA ALA A 2 -16.22 -16.12 -12.34
C ALA A 2 -14.84 -15.46 -12.22
N MET A 3 -14.79 -14.18 -12.51
CA MET A 3 -13.56 -13.42 -12.35
C MET A 3 -13.76 -12.32 -11.32
N GLY A 4 -12.67 -11.71 -10.88
CA GLY A 4 -12.73 -10.69 -9.85
C GLY A 4 -13.24 -9.35 -10.36
N MET A 5 -14.50 -9.33 -10.75
CA MET A 5 -15.15 -8.10 -11.21
C MET A 5 -16.43 -7.89 -10.42
N SER A 6 -16.48 -8.49 -9.24
CA SER A 6 -17.66 -8.41 -8.41
C SER A 6 -17.46 -7.38 -7.30
N PRO A 7 -18.52 -6.64 -6.94
CA PRO A 7 -18.49 -5.69 -5.83
C PRO A 7 -18.30 -6.40 -4.49
N ASP A 8 -18.49 -7.72 -4.53
CA ASP A 8 -18.25 -8.55 -3.35
C ASP A 8 -16.76 -8.86 -3.23
N THR A 9 -16.11 -8.97 -4.38
CA THR A 9 -14.68 -9.22 -4.44
C THR A 9 -13.93 -8.01 -3.90
N ALA A 10 -14.32 -6.84 -4.38
CA ALA A 10 -13.70 -5.60 -3.97
C ALA A 10 -13.93 -5.35 -2.48
N ARG A 11 -15.13 -5.69 -2.01
CA ARG A 11 -15.46 -5.53 -0.60
C ARG A 11 -14.60 -6.43 0.27
N ARG A 12 -14.37 -7.66 -0.19
CA ARG A 12 -13.56 -8.61 0.55
C ARG A 12 -12.15 -8.08 0.77
N PHE A 13 -11.60 -7.44 -0.26
CA PHE A 13 -10.27 -6.85 -0.15
C PHE A 13 -10.29 -5.68 0.83
N ASP A 14 -11.27 -4.80 0.65
CA ASP A 14 -11.42 -3.61 1.49
C ASP A 14 -11.60 -3.96 2.96
N THR A 15 -12.36 -5.00 3.24
CA THR A 15 -12.70 -5.33 4.61
C THR A 15 -11.64 -6.22 5.28
N GLU A 16 -11.13 -7.21 4.56
CA GLU A 16 -10.25 -8.21 5.16
C GLU A 16 -8.77 -7.89 4.98
N PHE A 17 -8.37 -7.49 3.77
CA PHE A 17 -6.96 -7.44 3.42
C PHE A 17 -6.38 -6.03 3.55
N ALA A 18 -7.10 -5.04 3.06
CA ALA A 18 -6.58 -3.67 3.02
C ALA A 18 -6.21 -3.13 4.41
N PRO A 19 -7.08 -3.27 5.44
CA PRO A 19 -6.76 -2.80 6.79
C PRO A 19 -5.57 -3.55 7.40
N ARG A 20 -5.36 -4.77 6.91
CA ARG A 20 -4.26 -5.60 7.40
C ARG A 20 -2.93 -5.02 6.92
N ILE A 21 -2.91 -4.55 5.68
CA ILE A 21 -1.72 -3.94 5.11
C ILE A 21 -1.43 -2.62 5.79
N ALA A 22 -2.47 -1.78 5.88
CA ALA A 22 -2.33 -0.44 6.43
C ALA A 22 -1.82 -0.47 7.87
N ARG A 23 -2.42 -1.34 8.67
CA ARG A 23 -2.06 -1.44 10.09
C ARG A 23 -0.69 -2.07 10.27
N ALA A 24 -0.36 -3.04 9.44
CA ALA A 24 0.93 -3.71 9.50
C ALA A 24 2.06 -2.74 9.18
N ILE A 25 1.86 -1.93 8.14
CA ILE A 25 2.85 -0.94 7.73
C ILE A 25 3.02 0.14 8.79
N ALA A 26 1.90 0.65 9.30
CA ALA A 26 1.92 1.71 10.30
C ALA A 26 2.68 1.27 11.54
N ASP A 27 2.42 0.05 11.98
CA ASP A 27 3.07 -0.51 13.15
C ASP A 27 4.55 -0.81 12.89
N LEU A 28 4.84 -1.21 11.66
CA LEU A 28 6.21 -1.55 11.27
C LEU A 28 7.07 -0.29 11.28
N LEU A 29 6.47 0.82 10.87
CA LEU A 29 7.17 2.10 10.83
C LEU A 29 7.10 2.79 12.19
N ASN A 30 6.62 2.06 13.19
CA ASN A 30 6.48 2.58 14.55
C ASN A 30 5.65 3.86 14.58
N HIS A 31 4.64 3.90 13.71
CA HIS A 31 3.71 5.02 13.61
C HIS A 31 4.42 6.32 13.21
N ARG A 32 5.46 6.20 12.39
CA ARG A 32 6.10 7.38 11.82
C ARG A 32 5.28 7.90 10.65
N ALA A 33 4.37 7.07 10.19
CA ALA A 33 3.48 7.43 9.10
C ALA A 33 2.06 7.02 9.43
N HIS A 34 1.11 7.82 9.01
CA HIS A 34 -0.29 7.51 9.21
C HIS A 34 -0.83 6.85 7.95
N THR A 35 -1.52 5.74 8.12
CA THR A 35 -2.01 4.99 6.99
C THR A 35 -3.53 5.07 6.90
N ASP A 36 -4.04 5.21 5.69
CA ASP A 36 -5.47 5.37 5.48
C ASP A 36 -5.90 4.62 4.22
N VAL A 37 -6.83 3.71 4.37
CA VAL A 37 -7.28 2.90 3.25
C VAL A 37 -8.45 3.55 2.53
N VAL A 38 -8.25 3.89 1.27
CA VAL A 38 -9.33 4.30 0.41
C VAL A 38 -10.17 3.08 0.05
N GLY A 39 -11.28 2.92 0.75
CA GLY A 39 -12.10 1.74 0.57
C GLY A 39 -12.96 1.80 -0.68
N TYR A 40 -13.64 0.71 -0.96
CA TYR A 40 -14.52 0.63 -2.12
C TYR A 40 -15.74 1.52 -1.89
N GLY A 41 -15.86 2.56 -2.69
CA GLY A 41 -16.96 3.49 -2.55
C GLY A 41 -17.83 3.53 -3.78
N GLY A 42 -18.19 2.35 -4.27
CA GLY A 42 -19.01 2.27 -5.45
C GLY A 42 -18.22 1.90 -6.69
N HIS A 43 -18.91 1.48 -7.73
CA HIS A 43 -18.27 1.04 -8.97
C HIS A 43 -17.53 2.21 -9.61
N GLY A 44 -16.22 2.08 -9.70
CA GLY A 44 -15.42 3.15 -10.26
C GLY A 44 -14.49 3.76 -9.23
N HIS A 45 -14.63 3.29 -7.99
CA HIS A 45 -13.77 3.76 -6.90
C HIS A 45 -12.89 2.62 -6.41
N PRO A 46 -11.64 2.54 -6.91
CA PRO A 46 -10.72 1.45 -6.57
C PRO A 46 -10.17 1.57 -5.16
N THR A 47 -9.92 0.41 -4.54
CA THR A 47 -9.37 0.38 -3.20
C THR A 47 -7.84 0.49 -3.25
N GLN A 48 -7.30 1.35 -2.40
CA GLN A 48 -5.87 1.63 -2.37
C GLN A 48 -5.49 2.21 -1.02
N VAL A 49 -4.26 1.98 -0.58
CA VAL A 49 -3.84 2.45 0.73
C VAL A 49 -2.78 3.54 0.60
N ARG A 50 -3.06 4.68 1.21
CA ARG A 50 -2.11 5.78 1.23
C ARG A 50 -1.32 5.77 2.53
N ILE A 51 -0.02 6.00 2.40
CA ILE A 51 0.86 6.11 3.56
C ILE A 51 1.45 7.51 3.60
N VAL A 52 1.06 8.28 4.59
CA VAL A 52 1.46 9.68 4.69
C VAL A 52 2.31 9.91 5.93
N ALA A 53 3.38 10.65 5.79
CA ALA A 53 4.26 10.95 6.91
C ALA A 53 4.53 12.45 6.99
N PRO A 54 3.61 13.21 7.57
CA PRO A 54 3.76 14.64 7.74
C PRO A 54 4.47 14.96 9.05
N HIS A 55 4.62 16.26 9.34
CA HIS A 55 5.29 16.72 10.56
C HIS A 55 6.74 16.21 10.60
N ALA A 56 7.58 16.83 9.78
CA ALA A 56 9.01 16.52 9.80
C ALA A 56 9.69 17.33 10.91
N GLU A 57 9.81 16.71 12.07
CA GLU A 57 10.30 17.41 13.25
C GLU A 57 11.80 17.65 13.20
N HIS A 58 12.57 16.57 13.12
CA HIS A 58 14.03 16.69 13.16
C HIS A 58 14.64 16.39 11.79
N VAL A 59 13.84 16.54 10.75
CA VAL A 59 14.30 16.22 9.41
C VAL A 59 14.12 17.43 8.48
N ARG A 60 15.22 17.87 7.90
CA ARG A 60 15.18 18.95 6.92
C ARG A 60 16.06 18.59 5.74
N GLY A 61 15.51 18.71 4.55
CA GLY A 61 16.26 18.41 3.35
C GLY A 61 15.43 18.59 2.10
N TYR A 62 14.44 17.74 1.93
CA TYR A 62 13.56 17.81 0.77
C TYR A 62 12.23 18.39 1.18
N ALA A 63 11.63 19.18 0.30
CA ALA A 63 10.39 19.88 0.61
C ALA A 63 9.17 19.08 0.20
N HIS A 64 9.27 17.76 0.31
CA HIS A 64 8.17 16.88 -0.04
C HIS A 64 7.91 15.87 1.07
N PRO A 65 6.72 15.91 1.67
CA PRO A 65 6.31 14.94 2.68
C PRO A 65 5.98 13.59 2.03
N LEU A 66 6.11 12.52 2.78
CA LEU A 66 5.84 11.19 2.26
C LEU A 66 4.35 11.02 1.95
N ASN A 67 4.04 10.81 0.69
CA ASN A 67 2.68 10.53 0.25
C ASN A 67 2.71 9.38 -0.74
N LEU A 68 2.53 8.17 -0.23
CA LEU A 68 2.62 6.97 -1.05
C LEU A 68 1.24 6.37 -1.30
N ALA A 69 0.96 6.06 -2.56
CA ALA A 69 -0.27 5.38 -2.92
C ALA A 69 0.02 4.00 -3.48
N LEU A 70 -0.29 2.98 -2.68
CA LEU A 70 -0.05 1.60 -3.06
C LEU A 70 -1.27 1.01 -3.76
N THR A 71 -1.07 0.48 -4.95
CA THR A 71 -2.15 -0.16 -5.69
C THR A 71 -1.68 -1.54 -6.20
N TRP A 72 -2.61 -2.47 -6.34
CA TRP A 72 -2.26 -3.83 -6.73
C TRP A 72 -3.16 -4.31 -7.87
N ASN A 73 -2.62 -5.23 -8.66
CA ASN A 73 -3.32 -5.78 -9.82
C ASN A 73 -4.56 -6.55 -9.41
N THR A 74 -5.68 -6.22 -10.03
CA THR A 74 -6.97 -6.80 -9.71
C THR A 74 -6.98 -8.32 -9.91
N ASP A 75 -6.16 -8.82 -10.82
CA ASP A 75 -6.01 -10.26 -11.02
C ASP A 75 -5.51 -10.93 -9.75
N GLU A 76 -4.44 -10.37 -9.20
CA GLU A 76 -3.87 -10.87 -7.95
C GLU A 76 -4.90 -10.79 -6.81
N ILE A 77 -5.63 -9.67 -6.76
CA ILE A 77 -6.69 -9.50 -5.76
C ILE A 77 -7.73 -10.62 -5.87
N GLU A 78 -8.04 -10.99 -7.11
CA GLU A 78 -8.95 -12.08 -7.40
C GLU A 78 -8.42 -13.39 -6.81
N ARG A 79 -7.12 -13.58 -6.95
CA ARG A 79 -6.45 -14.78 -6.45
C ARG A 79 -6.54 -14.90 -4.94
N LEU A 80 -6.60 -13.75 -4.27
CA LEU A 80 -6.62 -13.71 -2.81
C LEU A 80 -7.85 -14.43 -2.24
N MET A 81 -8.86 -14.62 -3.08
CA MET A 81 -10.09 -15.28 -2.65
C MET A 81 -9.90 -16.79 -2.52
N GLU A 82 -8.82 -17.30 -3.07
CA GLU A 82 -8.55 -18.74 -3.01
C GLU A 82 -7.64 -19.08 -1.85
N ALA A 83 -7.54 -20.36 -1.51
CA ALA A 83 -6.68 -20.80 -0.42
C ALA A 83 -5.22 -20.39 -0.66
N ASP A 84 -4.70 -20.69 -1.85
CA ASP A 84 -3.35 -20.29 -2.23
C ASP A 84 -3.25 -18.78 -2.32
N GLY A 85 -4.39 -18.12 -2.38
CA GLY A 85 -4.42 -16.68 -2.45
C GLY A 85 -4.08 -16.08 -1.11
N ALA A 86 -4.71 -16.59 -0.06
CA ALA A 86 -4.36 -16.23 1.30
C ALA A 86 -2.87 -16.50 1.56
N ALA A 87 -2.37 -17.60 1.00
CA ALA A 87 -0.96 -17.95 1.15
C ALA A 87 -0.08 -16.94 0.42
N ARG A 88 -0.60 -16.39 -0.67
CA ARG A 88 0.09 -15.37 -1.44
C ARG A 88 0.23 -14.10 -0.61
N PHE A 89 -0.85 -13.75 0.09
CA PHE A 89 -0.90 -12.57 0.93
C PHE A 89 0.07 -12.70 2.10
N GLU A 90 0.10 -13.89 2.70
CA GLU A 90 0.98 -14.15 3.84
C GLU A 90 2.45 -14.01 3.43
N ARG A 91 2.75 -14.41 2.21
CA ARG A 91 4.09 -14.33 1.67
C ARG A 91 4.49 -12.87 1.46
N TYR A 92 3.52 -12.05 1.13
CA TYR A 92 3.76 -10.64 0.88
C TYR A 92 4.07 -9.91 2.17
N LEU A 93 3.37 -10.28 3.24
CA LEU A 93 3.58 -9.68 4.55
C LEU A 93 4.99 -9.97 5.04
N ALA A 94 5.46 -11.19 4.80
CA ALA A 94 6.80 -11.59 5.18
C ALA A 94 7.88 -10.81 4.44
N ALA A 95 7.52 -10.25 3.30
CA ALA A 95 8.48 -9.55 2.47
C ALA A 95 8.32 -8.04 2.57
N LEU A 96 7.49 -7.58 3.49
CA LEU A 96 7.28 -6.14 3.70
C LEU A 96 8.61 -5.40 3.93
N PRO A 97 9.47 -5.86 4.87
CA PRO A 97 10.77 -5.21 5.11
C PRO A 97 11.67 -5.20 3.88
N ARG A 98 11.49 -6.20 3.02
CA ARG A 98 12.35 -6.35 1.85
C ARG A 98 11.92 -5.38 0.75
N LYS A 99 10.62 -5.29 0.51
CA LYS A 99 10.10 -4.44 -0.54
C LYS A 99 10.19 -2.98 -0.11
N LEU A 100 9.99 -2.75 1.18
CA LEU A 100 10.07 -1.41 1.75
C LEU A 100 11.45 -0.81 1.50
N ALA A 101 12.48 -1.58 1.83
CA ALA A 101 13.86 -1.13 1.65
C ALA A 101 14.16 -0.93 0.17
N ALA A 102 13.57 -1.78 -0.67
CA ALA A 102 13.76 -1.71 -2.10
C ALA A 102 13.20 -0.41 -2.65
N TRP A 103 12.01 -0.04 -2.17
CA TRP A 103 11.35 1.18 -2.62
C TRP A 103 12.11 2.41 -2.17
N GLU A 104 12.67 2.38 -0.97
CA GLU A 104 13.44 3.51 -0.46
C GLU A 104 14.60 3.83 -1.40
N ASN A 105 15.38 2.80 -1.72
CA ASN A 105 16.57 2.96 -2.56
C ASN A 105 16.21 3.37 -3.99
N ALA A 106 15.14 2.79 -4.51
CA ALA A 106 14.82 2.96 -5.93
C ALA A 106 13.98 4.20 -6.18
N ARG A 107 13.03 4.47 -5.30
CA ARG A 107 12.05 5.52 -5.54
C ARG A 107 12.47 6.86 -4.93
N GLY A 108 13.61 6.87 -4.25
CA GLY A 108 14.08 8.10 -3.64
C GLY A 108 13.24 8.52 -2.46
N VAL A 109 12.90 7.54 -1.64
CA VAL A 109 12.01 7.75 -0.50
C VAL A 109 12.71 7.32 0.77
N ASP A 110 12.52 8.07 1.85
CA ASP A 110 13.14 7.71 3.11
C ASP A 110 12.11 7.77 4.23
N PHE A 111 11.63 6.61 4.66
CA PHE A 111 10.57 6.52 5.65
C PHE A 111 11.02 6.99 7.03
N GLY A 112 12.32 6.84 7.31
CA GLY A 112 12.85 7.28 8.59
C GLY A 112 12.94 8.78 8.67
N SER A 113 13.11 9.41 7.51
CA SER A 113 13.19 10.85 7.44
C SER A 113 11.82 11.47 7.19
N ARG A 114 10.84 10.61 6.89
CA ARG A 114 9.44 11.03 6.69
C ARG A 114 9.32 11.98 5.50
N THR A 115 10.31 11.95 4.62
CA THR A 115 10.36 12.83 3.48
C THR A 115 10.77 12.08 2.22
N GLN A 116 10.68 12.74 1.08
CA GLN A 116 11.03 12.12 -0.19
C GLN A 116 11.60 13.14 -1.15
N ALA A 117 12.45 12.67 -2.07
CA ALA A 117 13.07 13.54 -3.07
C ALA A 117 12.28 13.49 -4.37
N ASP A 118 11.12 12.87 -4.34
CA ASP A 118 10.26 12.76 -5.51
C ASP A 118 9.14 13.79 -5.40
N ALA A 119 8.37 13.94 -6.47
CA ALA A 119 7.21 14.80 -6.44
C ALA A 119 6.07 14.11 -5.72
N LEU A 120 5.89 12.84 -6.03
CA LEU A 120 4.81 12.03 -5.49
C LEU A 120 5.09 10.57 -5.82
N VAL A 121 4.95 9.67 -4.85
CA VAL A 121 5.30 8.28 -5.10
C VAL A 121 4.05 7.43 -5.23
N LEU A 122 3.67 7.18 -6.47
CA LEU A 122 2.57 6.30 -6.80
C LEU A 122 3.12 4.98 -7.27
N LEU A 123 2.58 3.87 -6.78
CA LEU A 123 3.10 2.56 -7.13
C LEU A 123 1.99 1.68 -7.68
N GLY A 124 1.99 1.50 -8.99
CA GLY A 124 0.97 0.71 -9.63
C GLY A 124 1.53 -0.55 -10.25
N GLY A 125 0.67 -1.52 -10.51
CA GLY A 125 1.10 -2.77 -11.09
C GLY A 125 1.83 -3.67 -10.10
N LEU A 126 1.54 -3.50 -8.83
CA LEU A 126 2.15 -4.33 -7.80
C LEU A 126 1.40 -5.64 -7.64
N ASP A 127 2.11 -6.65 -7.15
CA ASP A 127 1.53 -7.98 -6.95
C ASP A 127 1.86 -8.44 -5.54
N PHE A 128 1.33 -9.60 -5.16
CA PHE A 128 1.56 -10.13 -3.82
C PHE A 128 2.57 -11.27 -3.86
N GLU A 129 3.45 -11.20 -4.85
CA GLU A 129 4.50 -12.20 -5.01
C GLU A 129 5.73 -11.78 -4.22
N ALA A 130 6.45 -12.75 -3.69
CA ALA A 130 7.67 -12.49 -2.96
C ALA A 130 8.53 -13.74 -2.89
N GLY A 1 -27.03 -15.82 -9.03
CA GLY A 1 -26.98 -14.44 -8.50
C GLY A 1 -27.72 -13.47 -9.40
N ALA A 2 -27.20 -12.25 -9.52
CA ALA A 2 -27.82 -11.25 -10.39
C ALA A 2 -26.78 -10.66 -11.33
N MET A 3 -25.75 -11.45 -11.63
CA MET A 3 -24.64 -11.04 -12.47
C MET A 3 -23.96 -9.81 -11.88
N GLY A 4 -23.85 -9.78 -10.56
CA GLY A 4 -23.25 -8.65 -9.89
C GLY A 4 -22.42 -9.08 -8.70
N MET A 5 -21.12 -9.25 -8.92
CA MET A 5 -20.21 -9.63 -7.85
C MET A 5 -18.93 -8.80 -7.92
N SER A 6 -18.85 -7.92 -8.90
CA SER A 6 -17.66 -7.09 -9.08
C SER A 6 -17.44 -6.17 -7.87
N PRO A 7 -18.47 -5.40 -7.43
CA PRO A 7 -18.33 -4.55 -6.25
C PRO A 7 -18.15 -5.38 -4.98
N ASP A 8 -18.50 -6.65 -5.06
CA ASP A 8 -18.36 -7.57 -3.92
C ASP A 8 -16.91 -7.96 -3.72
N THR A 9 -16.21 -8.23 -4.81
CA THR A 9 -14.79 -8.56 -4.74
C THR A 9 -14.00 -7.36 -4.23
N ALA A 10 -14.35 -6.19 -4.75
CA ALA A 10 -13.71 -4.95 -4.34
C ALA A 10 -13.96 -4.67 -2.86
N ARG A 11 -15.20 -4.90 -2.43
CA ARG A 11 -15.60 -4.66 -1.04
C ARG A 11 -14.98 -5.67 -0.09
N ARG A 12 -14.89 -6.92 -0.53
CA ARG A 12 -14.30 -7.98 0.27
C ARG A 12 -12.82 -7.71 0.52
N PHE A 13 -12.13 -7.23 -0.49
CA PHE A 13 -10.74 -6.81 -0.35
C PHE A 13 -10.66 -5.61 0.59
N ASP A 14 -11.62 -4.70 0.42
CA ASP A 14 -11.70 -3.47 1.21
C ASP A 14 -11.88 -3.77 2.71
N THR A 15 -12.63 -4.81 3.02
CA THR A 15 -12.95 -5.11 4.41
C THR A 15 -12.00 -6.14 5.02
N GLU A 16 -11.60 -7.15 4.24
CA GLU A 16 -10.85 -8.27 4.79
C GLU A 16 -9.34 -8.07 4.67
N PHE A 17 -8.89 -7.52 3.55
CA PHE A 17 -7.45 -7.48 3.28
C PHE A 17 -6.85 -6.10 3.53
N ALA A 18 -7.46 -5.07 2.97
CA ALA A 18 -6.90 -3.72 3.01
C ALA A 18 -6.59 -3.21 4.42
N PRO A 19 -7.53 -3.35 5.41
CA PRO A 19 -7.27 -2.90 6.79
C PRO A 19 -6.06 -3.59 7.41
N ARG A 20 -5.86 -4.86 7.06
CA ARG A 20 -4.77 -5.64 7.62
C ARG A 20 -3.44 -5.18 7.04
N ILE A 21 -3.46 -4.76 5.78
CA ILE A 21 -2.28 -4.22 5.13
C ILE A 21 -1.89 -2.90 5.78
N ALA A 22 -2.88 -2.02 5.94
CA ALA A 22 -2.67 -0.69 6.49
C ALA A 22 -2.06 -0.74 7.88
N ARG A 23 -2.61 -1.59 8.75
CA ARG A 23 -2.15 -1.69 10.11
C ARG A 23 -0.76 -2.34 10.18
N ALA A 24 -0.52 -3.31 9.32
CA ALA A 24 0.77 -4.00 9.29
C ALA A 24 1.88 -3.03 8.93
N ILE A 25 1.63 -2.20 7.92
CA ILE A 25 2.58 -1.21 7.47
C ILE A 25 2.82 -0.15 8.55
N ALA A 26 1.74 0.32 9.17
CA ALA A 26 1.84 1.33 10.21
C ALA A 26 2.69 0.85 11.38
N ASP A 27 2.53 -0.43 11.73
CA ASP A 27 3.31 -1.04 12.80
C ASP A 27 4.76 -1.23 12.37
N LEU A 28 4.95 -1.59 11.11
CA LEU A 28 6.28 -1.86 10.57
C LEU A 28 7.11 -0.58 10.57
N LEU A 29 6.47 0.52 10.22
CA LEU A 29 7.13 1.82 10.15
C LEU A 29 7.31 2.44 11.55
N ASN A 30 7.05 1.65 12.59
CA ASN A 30 7.20 2.09 13.98
C ASN A 30 6.25 3.25 14.28
N HIS A 31 5.10 3.26 13.61
CA HIS A 31 4.10 4.32 13.78
C HIS A 31 4.70 5.70 13.47
N ARG A 32 5.58 5.75 12.48
CA ARG A 32 6.16 7.01 12.04
C ARG A 32 5.42 7.52 10.81
N ALA A 33 4.37 6.81 10.44
CA ALA A 33 3.54 7.18 9.32
C ALA A 33 2.11 6.75 9.56
N HIS A 34 1.18 7.45 8.93
CA HIS A 34 -0.23 7.16 9.06
C HIS A 34 -0.77 6.58 7.76
N THR A 35 -1.46 5.46 7.85
CA THR A 35 -1.98 4.80 6.67
C THR A 35 -3.51 4.88 6.63
N ASP A 36 -4.06 5.06 5.45
CA ASP A 36 -5.51 5.13 5.28
C ASP A 36 -5.99 4.12 4.26
N VAL A 37 -7.06 3.44 4.60
CA VAL A 37 -7.68 2.49 3.69
C VAL A 37 -8.66 3.20 2.78
N VAL A 38 -8.19 3.55 1.60
CA VAL A 38 -9.03 4.22 0.62
C VAL A 38 -9.96 3.21 -0.02
N GLY A 39 -11.26 3.43 0.14
CA GLY A 39 -12.24 2.49 -0.34
C GLY A 39 -12.43 2.56 -1.84
N TYR A 40 -13.04 1.53 -2.39
CA TYR A 40 -13.32 1.48 -3.82
C TYR A 40 -14.29 2.59 -4.20
N GLY A 41 -13.80 3.54 -4.99
CA GLY A 41 -14.62 4.67 -5.36
C GLY A 41 -15.42 4.41 -6.61
N GLY A 42 -14.89 3.59 -7.48
CA GLY A 42 -15.56 3.27 -8.71
C GLY A 42 -14.59 2.95 -9.82
N HIS A 43 -15.05 2.98 -11.06
CA HIS A 43 -14.18 2.71 -12.20
C HIS A 43 -13.04 3.72 -12.26
N GLY A 44 -11.81 3.21 -12.19
CA GLY A 44 -10.65 4.06 -12.26
C GLY A 44 -10.12 4.44 -10.89
N HIS A 45 -10.84 4.04 -9.85
CA HIS A 45 -10.44 4.33 -8.48
C HIS A 45 -10.63 3.11 -7.60
N PRO A 46 -9.62 2.22 -7.59
CA PRO A 46 -9.67 0.97 -6.82
C PRO A 46 -9.35 1.19 -5.35
N THR A 47 -9.56 0.16 -4.55
CA THR A 47 -9.17 0.17 -3.16
C THR A 47 -7.65 0.24 -3.06
N GLN A 48 -7.15 1.18 -2.27
CA GLN A 48 -5.72 1.45 -2.20
C GLN A 48 -5.37 2.03 -0.85
N VAL A 49 -4.15 1.80 -0.40
CA VAL A 49 -3.73 2.29 0.90
C VAL A 49 -2.66 3.37 0.74
N ARG A 50 -2.95 4.55 1.26
CA ARG A 50 -2.01 5.65 1.21
C ARG A 50 -1.20 5.71 2.49
N ILE A 51 0.10 5.93 2.35
CA ILE A 51 0.98 6.08 3.48
C ILE A 51 1.48 7.52 3.52
N VAL A 52 1.05 8.25 4.53
CA VAL A 52 1.44 9.64 4.69
C VAL A 52 2.27 9.80 5.96
N ALA A 53 3.41 10.44 5.83
CA ALA A 53 4.30 10.63 6.97
C ALA A 53 4.49 12.11 7.26
N PRO A 54 3.86 12.61 8.34
CA PRO A 54 4.03 14.00 8.79
C PRO A 54 5.48 14.27 9.15
N HIS A 55 6.17 15.04 8.31
CA HIS A 55 7.59 15.29 8.50
C HIS A 55 7.81 16.21 9.70
N ALA A 56 8.43 15.66 10.74
CA ALA A 56 8.80 16.43 11.91
C ALA A 56 10.08 17.20 11.62
N GLU A 57 10.91 16.62 10.78
CA GLU A 57 12.14 17.24 10.32
C GLU A 57 11.81 18.38 9.36
N HIS A 58 12.19 19.60 9.72
CA HIS A 58 11.94 20.76 8.87
C HIS A 58 13.19 21.60 8.71
N VAL A 59 14.32 21.05 9.09
CA VAL A 59 15.60 21.74 8.93
C VAL A 59 16.45 21.00 7.91
N ARG A 60 16.34 19.70 7.93
CA ARG A 60 17.10 18.84 7.02
C ARG A 60 16.14 18.08 6.10
N GLY A 61 16.70 17.24 5.24
CA GLY A 61 15.88 16.40 4.39
C GLY A 61 15.41 17.12 3.14
N TYR A 62 14.42 16.55 2.48
CA TYR A 62 13.86 17.13 1.27
C TYR A 62 12.53 17.80 1.58
N ALA A 63 12.16 18.78 0.76
CA ALA A 63 10.95 19.57 0.99
C ALA A 63 9.71 18.87 0.43
N HIS A 64 9.66 17.56 0.60
CA HIS A 64 8.54 16.77 0.14
C HIS A 64 8.15 15.75 1.20
N PRO A 65 6.96 15.89 1.79
CA PRO A 65 6.41 14.91 2.73
C PRO A 65 6.19 13.57 2.05
N LEU A 66 6.35 12.49 2.79
CA LEU A 66 6.17 11.16 2.24
C LEU A 66 4.70 10.93 1.93
N ASN A 67 4.39 10.75 0.65
CA ASN A 67 3.02 10.54 0.20
C ASN A 67 2.99 9.42 -0.82
N LEU A 68 2.74 8.21 -0.36
CA LEU A 68 2.77 7.03 -1.21
C LEU A 68 1.39 6.42 -1.36
N ALA A 69 1.03 6.10 -2.60
CA ALA A 69 -0.22 5.40 -2.87
C ALA A 69 0.06 4.03 -3.46
N LEU A 70 -0.25 2.99 -2.70
CA LEU A 70 -0.01 1.63 -3.12
C LEU A 70 -1.24 1.06 -3.82
N THR A 71 -1.07 0.59 -5.05
CA THR A 71 -2.15 -0.05 -5.78
C THR A 71 -1.69 -1.42 -6.29
N TRP A 72 -2.62 -2.35 -6.41
CA TRP A 72 -2.27 -3.71 -6.79
C TRP A 72 -3.11 -4.19 -7.97
N ASN A 73 -2.55 -5.14 -8.70
CA ASN A 73 -3.20 -5.74 -9.86
C ASN A 73 -4.46 -6.49 -9.45
N THR A 74 -5.54 -6.21 -10.16
CA THR A 74 -6.85 -6.77 -9.86
C THR A 74 -6.86 -8.29 -9.92
N ASP A 75 -5.98 -8.86 -10.75
CA ASP A 75 -5.86 -10.31 -10.84
C ASP A 75 -5.40 -10.88 -9.51
N GLU A 76 -4.42 -10.21 -8.92
CA GLU A 76 -3.93 -10.57 -7.60
C GLU A 76 -5.06 -10.52 -6.56
N ILE A 77 -5.87 -9.47 -6.61
CA ILE A 77 -7.01 -9.34 -5.71
C ILE A 77 -7.95 -10.54 -5.85
N GLU A 78 -8.26 -10.89 -7.10
CA GLU A 78 -9.09 -12.07 -7.40
C GLU A 78 -8.47 -13.32 -6.78
N ARG A 79 -7.17 -13.46 -6.97
CA ARG A 79 -6.41 -14.62 -6.52
C ARG A 79 -6.36 -14.69 -4.99
N LEU A 80 -6.44 -13.54 -4.32
CA LEU A 80 -6.41 -13.50 -2.86
C LEU A 80 -7.64 -14.15 -2.26
N MET A 81 -8.67 -14.34 -3.07
CA MET A 81 -9.90 -14.99 -2.62
C MET A 81 -9.71 -16.49 -2.51
N GLU A 82 -8.62 -16.99 -3.06
CA GLU A 82 -8.32 -18.41 -3.07
C GLU A 82 -7.42 -18.79 -1.89
N ALA A 83 -7.41 -20.07 -1.54
CA ALA A 83 -6.60 -20.54 -0.41
C ALA A 83 -5.13 -20.21 -0.59
N ASP A 84 -4.59 -20.53 -1.77
CA ASP A 84 -3.18 -20.28 -2.07
C ASP A 84 -2.88 -18.79 -2.14
N GLY A 85 -3.93 -18.00 -2.32
CA GLY A 85 -3.77 -16.57 -2.40
C GLY A 85 -3.43 -15.98 -1.06
N ALA A 86 -4.21 -16.35 -0.04
CA ALA A 86 -3.95 -15.92 1.33
C ALA A 86 -2.55 -16.33 1.79
N ALA A 87 -2.10 -17.50 1.34
CA ALA A 87 -0.78 -18.00 1.69
C ALA A 87 0.30 -17.05 1.18
N ARG A 88 0.07 -16.44 0.02
CA ARG A 88 1.01 -15.47 -0.52
C ARG A 88 0.96 -14.17 0.27
N PHE A 89 -0.21 -13.85 0.80
CA PHE A 89 -0.38 -12.66 1.63
C PHE A 89 0.54 -12.74 2.85
N GLU A 90 0.63 -13.93 3.43
CA GLU A 90 1.52 -14.15 4.56
C GLU A 90 2.97 -13.99 4.13
N ARG A 91 3.29 -14.48 2.94
CA ARG A 91 4.62 -14.37 2.37
C ARG A 91 4.99 -12.90 2.17
N TYR A 92 4.00 -12.10 1.83
CA TYR A 92 4.22 -10.69 1.54
C TYR A 92 4.41 -9.90 2.83
N LEU A 93 3.71 -10.32 3.89
CA LEU A 93 3.81 -9.67 5.19
C LEU A 93 5.22 -9.81 5.74
N ALA A 94 5.77 -11.02 5.64
CA ALA A 94 7.12 -11.29 6.13
C ALA A 94 8.18 -10.59 5.29
N ALA A 95 7.81 -10.16 4.09
CA ALA A 95 8.75 -9.52 3.19
C ALA A 95 8.49 -8.03 3.08
N LEU A 96 7.55 -7.52 3.88
CA LEU A 96 7.24 -6.09 3.90
C LEU A 96 8.49 -5.22 4.05
N PRO A 97 9.38 -5.51 5.03
CA PRO A 97 10.63 -4.74 5.21
C PRO A 97 11.52 -4.76 3.97
N ARG A 98 11.48 -5.87 3.25
CA ARG A 98 12.34 -6.05 2.07
C ARG A 98 11.76 -5.30 0.88
N LYS A 99 10.44 -5.32 0.76
CA LYS A 99 9.75 -4.62 -0.31
C LYS A 99 9.88 -3.13 -0.09
N LEU A 100 9.82 -2.73 1.18
CA LEU A 100 9.95 -1.35 1.59
C LEU A 100 11.31 -0.80 1.16
N ALA A 101 12.36 -1.56 1.48
CA ALA A 101 13.73 -1.16 1.16
C ALA A 101 13.91 -0.98 -0.34
N ALA A 102 13.23 -1.82 -1.11
CA ALA A 102 13.30 -1.76 -2.56
C ALA A 102 12.75 -0.44 -3.08
N TRP A 103 11.58 -0.04 -2.54
CA TRP A 103 10.93 1.19 -2.97
C TRP A 103 11.74 2.41 -2.54
N GLU A 104 12.36 2.34 -1.37
CA GLU A 104 13.17 3.44 -0.86
C GLU A 104 14.34 3.71 -1.80
N ASN A 105 15.07 2.65 -2.13
CA ASN A 105 16.23 2.75 -3.01
C ASN A 105 15.83 3.20 -4.41
N ALA A 106 14.66 2.74 -4.86
CA ALA A 106 14.25 2.99 -6.24
C ALA A 106 13.70 4.40 -6.45
N ARG A 107 12.81 4.85 -5.56
CA ARG A 107 12.12 6.12 -5.79
C ARG A 107 12.74 7.28 -5.03
N GLY A 108 13.71 7.00 -4.17
CA GLY A 108 14.30 8.06 -3.37
C GLY A 108 13.39 8.47 -2.24
N VAL A 109 12.95 7.48 -1.49
CA VAL A 109 12.00 7.69 -0.40
C VAL A 109 12.61 7.20 0.91
N ASP A 110 12.37 7.91 2.00
CA ASP A 110 12.91 7.51 3.29
C ASP A 110 11.80 7.54 4.34
N PHE A 111 11.31 6.35 4.68
CA PHE A 111 10.19 6.22 5.60
C PHE A 111 10.59 6.58 7.02
N GLY A 112 11.87 6.47 7.33
CA GLY A 112 12.36 6.82 8.65
C GLY A 112 12.54 8.32 8.82
N SER A 113 12.72 9.01 7.71
CA SER A 113 12.89 10.46 7.73
C SER A 113 11.58 11.17 7.44
N ARG A 114 10.56 10.39 7.08
CA ARG A 114 9.21 10.89 6.81
C ARG A 114 9.20 11.86 5.63
N THR A 115 10.23 11.77 4.79
CA THR A 115 10.40 12.67 3.67
C THR A 115 10.85 11.90 2.43
N GLN A 116 10.75 12.53 1.28
CA GLN A 116 11.09 11.88 0.02
C GLN A 116 11.61 12.92 -0.97
N ALA A 117 12.48 12.47 -1.88
CA ALA A 117 13.06 13.35 -2.88
C ALA A 117 12.13 13.49 -4.08
N ASP A 118 11.12 12.63 -4.13
CA ASP A 118 10.18 12.62 -5.24
C ASP A 118 9.00 13.52 -4.91
N ALA A 119 8.38 14.09 -5.95
CA ALA A 119 7.26 14.99 -5.78
C ALA A 119 5.98 14.23 -5.45
N LEU A 120 5.91 12.99 -5.89
CA LEU A 120 4.73 12.15 -5.69
C LEU A 120 5.05 10.71 -6.09
N VAL A 121 4.81 9.77 -5.20
CA VAL A 121 5.10 8.38 -5.51
C VAL A 121 3.82 7.53 -5.51
N LEU A 122 3.30 7.29 -6.70
CA LEU A 122 2.14 6.43 -6.89
C LEU A 122 2.59 5.12 -7.51
N LEU A 123 2.63 4.06 -6.71
CA LEU A 123 3.09 2.78 -7.17
C LEU A 123 1.94 1.94 -7.71
N GLY A 124 1.98 1.68 -9.02
CA GLY A 124 0.96 0.88 -9.66
C GLY A 124 1.53 -0.39 -10.26
N GLY A 125 0.66 -1.34 -10.56
CA GLY A 125 1.11 -2.58 -11.16
C GLY A 125 1.82 -3.50 -10.18
N LEU A 126 1.59 -3.29 -8.89
CA LEU A 126 2.21 -4.12 -7.87
C LEU A 126 1.53 -5.47 -7.76
N ASP A 127 2.30 -6.46 -7.35
CA ASP A 127 1.81 -7.82 -7.18
C ASP A 127 2.02 -8.26 -5.75
N PHE A 128 1.46 -9.40 -5.38
CA PHE A 128 1.60 -9.90 -4.02
C PHE A 128 2.68 -10.96 -3.94
N GLU A 129 3.76 -10.71 -4.67
CA GLU A 129 4.94 -11.57 -4.63
C GLU A 129 5.98 -10.94 -3.72
N ALA A 130 6.63 -11.76 -2.92
CA ALA A 130 7.59 -11.27 -1.95
C ALA A 130 8.96 -11.10 -2.59
N GLY A 1 -20.73 -15.48 -16.49
CA GLY A 1 -20.82 -14.02 -16.24
C GLY A 1 -20.18 -13.64 -14.93
N ALA A 2 -20.46 -12.40 -14.47
CA ALA A 2 -19.91 -11.88 -13.23
C ALA A 2 -18.38 -11.90 -13.25
N MET A 3 -17.82 -11.74 -14.44
CA MET A 3 -16.38 -11.75 -14.62
C MET A 3 -15.89 -10.37 -15.03
N GLY A 4 -16.76 -9.63 -15.73
CA GLY A 4 -16.41 -8.28 -16.15
C GLY A 4 -16.32 -7.35 -14.97
N MET A 5 -17.38 -7.33 -14.17
CA MET A 5 -17.39 -6.55 -12.94
C MET A 5 -17.47 -7.49 -11.75
N SER A 6 -16.81 -7.13 -10.66
CA SER A 6 -16.80 -7.96 -9.48
C SER A 6 -16.77 -7.09 -8.22
N PRO A 7 -17.90 -6.44 -7.88
CA PRO A 7 -17.99 -5.58 -6.70
C PRO A 7 -17.78 -6.34 -5.41
N ASP A 8 -18.03 -7.65 -5.45
CA ASP A 8 -17.85 -8.50 -4.28
C ASP A 8 -16.38 -8.63 -3.93
N THR A 9 -15.55 -8.83 -4.94
CA THR A 9 -14.10 -8.92 -4.75
C THR A 9 -13.58 -7.64 -4.12
N ALA A 10 -14.07 -6.52 -4.61
CA ALA A 10 -13.68 -5.21 -4.10
C ALA A 10 -14.13 -5.06 -2.65
N ARG A 11 -15.31 -5.58 -2.35
CA ARG A 11 -15.86 -5.52 -0.99
C ARG A 11 -14.98 -6.31 -0.02
N ARG A 12 -14.57 -7.50 -0.44
CA ARG A 12 -13.80 -8.38 0.43
C ARG A 12 -12.41 -7.83 0.70
N PHE A 13 -11.78 -7.28 -0.33
CA PHE A 13 -10.45 -6.70 -0.19
C PHE A 13 -10.52 -5.49 0.74
N ASP A 14 -11.55 -4.68 0.53
CA ASP A 14 -11.78 -3.47 1.32
C ASP A 14 -11.94 -3.78 2.80
N THR A 15 -12.60 -4.88 3.11
CA THR A 15 -12.94 -5.19 4.50
C THR A 15 -11.87 -6.02 5.19
N GLU A 16 -11.36 -7.05 4.51
CA GLU A 16 -10.48 -8.01 5.17
C GLU A 16 -9.00 -7.69 4.97
N PHE A 17 -8.61 -7.36 3.75
CA PHE A 17 -7.20 -7.29 3.42
C PHE A 17 -6.64 -5.88 3.52
N ALA A 18 -7.33 -4.91 2.95
CA ALA A 18 -6.83 -3.53 2.92
C ALA A 18 -6.51 -2.96 4.32
N PRO A 19 -7.43 -3.08 5.31
CA PRO A 19 -7.16 -2.58 6.67
C PRO A 19 -6.03 -3.35 7.33
N ARG A 20 -5.86 -4.60 6.92
CA ARG A 20 -4.83 -5.45 7.49
C ARG A 20 -3.46 -5.01 6.99
N ILE A 21 -3.39 -4.64 5.72
CA ILE A 21 -2.15 -4.16 5.11
C ILE A 21 -1.71 -2.87 5.79
N ALA A 22 -2.64 -1.93 5.92
CA ALA A 22 -2.37 -0.65 6.53
C ALA A 22 -1.92 -0.81 7.97
N ARG A 23 -2.55 -1.76 8.66
CA ARG A 23 -2.26 -2.02 10.06
C ARG A 23 -0.86 -2.58 10.24
N ALA A 24 -0.48 -3.50 9.35
CA ALA A 24 0.84 -4.12 9.40
C ALA A 24 1.93 -3.11 9.10
N ILE A 25 1.73 -2.31 8.06
CA ILE A 25 2.67 -1.28 7.67
C ILE A 25 2.83 -0.24 8.78
N ALA A 26 1.71 0.14 9.38
CA ALA A 26 1.71 1.09 10.48
C ALA A 26 2.58 0.59 11.64
N ASP A 27 2.57 -0.71 11.86
CA ASP A 27 3.37 -1.35 12.89
C ASP A 27 4.85 -1.24 12.56
N LEU A 28 5.18 -1.42 11.29
CA LEU A 28 6.57 -1.40 10.84
C LEU A 28 7.12 0.03 10.85
N LEU A 29 6.23 0.99 10.73
CA LEU A 29 6.60 2.40 10.74
C LEU A 29 6.45 2.99 12.14
N ASN A 30 6.22 2.12 13.12
CA ASN A 30 6.13 2.52 14.53
C ASN A 30 5.04 3.55 14.77
N HIS A 31 4.03 3.55 13.89
CA HIS A 31 2.90 4.47 13.97
C HIS A 31 3.33 5.95 13.90
N ARG A 32 4.56 6.19 13.50
CA ARG A 32 5.03 7.57 13.34
C ARG A 32 4.54 8.12 12.01
N ALA A 33 4.32 7.21 11.07
CA ALA A 33 3.69 7.53 9.81
C ALA A 33 2.27 6.99 9.82
N HIS A 34 1.35 7.73 9.21
CA HIS A 34 -0.05 7.37 9.26
C HIS A 34 -0.49 6.78 7.93
N THR A 35 -1.25 5.70 7.99
CA THR A 35 -1.76 5.07 6.79
C THR A 35 -3.27 5.23 6.72
N ASP A 36 -3.78 5.46 5.52
CA ASP A 36 -5.22 5.63 5.33
C ASP A 36 -5.68 4.81 4.13
N VAL A 37 -6.64 3.94 4.37
CA VAL A 37 -7.15 3.06 3.33
C VAL A 37 -8.31 3.70 2.59
N VAL A 38 -8.09 4.06 1.34
CA VAL A 38 -9.16 4.44 0.44
C VAL A 38 -10.06 3.24 0.24
N GLY A 39 -11.21 3.25 0.89
CA GLY A 39 -12.06 2.09 0.91
C GLY A 39 -13.02 2.03 -0.26
N TYR A 40 -13.54 0.84 -0.51
CA TYR A 40 -14.51 0.65 -1.57
C TYR A 40 -15.91 0.91 -1.04
N GLY A 41 -16.55 1.92 -1.58
CA GLY A 41 -17.92 2.22 -1.21
C GLY A 41 -18.72 2.69 -2.41
N GLY A 42 -19.81 2.00 -2.69
CA GLY A 42 -20.67 2.37 -3.80
C GLY A 42 -20.03 2.09 -5.14
N HIS A 43 -19.56 3.15 -5.79
CA HIS A 43 -18.96 3.02 -7.11
C HIS A 43 -17.93 4.13 -7.31
N GLY A 44 -16.87 3.83 -8.03
CA GLY A 44 -15.85 4.81 -8.30
C GLY A 44 -14.95 5.04 -7.12
N HIS A 45 -14.62 3.97 -6.41
CA HIS A 45 -13.74 4.05 -5.26
C HIS A 45 -12.76 2.88 -5.25
N PRO A 46 -11.59 3.06 -5.88
CA PRO A 46 -10.55 2.03 -5.95
C PRO A 46 -9.82 1.86 -4.62
N THR A 47 -9.90 0.68 -4.05
CA THR A 47 -9.27 0.40 -2.77
C THR A 47 -7.75 0.46 -2.88
N GLN A 48 -7.14 1.21 -1.97
CA GLN A 48 -5.69 1.38 -1.94
C GLN A 48 -5.28 2.02 -0.63
N VAL A 49 -4.04 1.82 -0.23
CA VAL A 49 -3.58 2.36 1.05
C VAL A 49 -2.49 3.40 0.82
N ARG A 50 -2.74 4.61 1.32
CA ARG A 50 -1.75 5.67 1.24
C ARG A 50 -1.01 5.82 2.56
N ILE A 51 0.29 6.06 2.47
CA ILE A 51 1.12 6.29 3.63
C ILE A 51 1.54 7.76 3.66
N VAL A 52 1.05 8.49 4.64
CA VAL A 52 1.30 9.91 4.76
C VAL A 52 2.04 10.23 6.04
N ALA A 53 2.98 11.15 5.97
CA ALA A 53 3.70 11.62 7.15
C ALA A 53 3.10 12.94 7.63
N PRO A 54 2.25 12.89 8.68
CA PRO A 54 1.58 14.08 9.22
C PRO A 54 2.52 14.96 10.06
N HIS A 55 3.63 15.36 9.46
CA HIS A 55 4.58 16.25 10.08
C HIS A 55 5.14 17.23 9.06
N ALA A 56 4.59 18.43 9.04
CA ALA A 56 5.03 19.46 8.10
C ALA A 56 6.28 20.14 8.63
N GLU A 57 6.83 21.05 7.83
CA GLU A 57 8.04 21.78 8.19
C GLU A 57 9.20 20.82 8.40
N HIS A 58 9.41 19.95 7.42
CA HIS A 58 10.48 18.98 7.50
C HIS A 58 11.44 19.18 6.33
N VAL A 59 12.14 20.31 6.34
CA VAL A 59 13.09 20.64 5.29
C VAL A 59 14.46 20.10 5.68
N ARG A 60 14.58 18.78 5.71
CA ARG A 60 15.82 18.13 6.08
C ARG A 60 16.25 17.19 4.95
N GLY A 61 16.95 17.75 3.98
CA GLY A 61 17.29 17.01 2.79
C GLY A 61 16.30 17.30 1.68
N TYR A 62 15.24 16.51 1.60
CA TYR A 62 14.14 16.78 0.68
C TYR A 62 12.97 17.33 1.46
N ALA A 63 12.41 18.43 1.00
CA ALA A 63 11.29 19.07 1.68
C ALA A 63 9.95 18.52 1.17
N HIS A 64 9.93 17.24 0.87
CA HIS A 64 8.74 16.59 0.34
C HIS A 64 8.26 15.51 1.31
N PRO A 65 7.13 15.77 1.99
CA PRO A 65 6.54 14.81 2.94
C PRO A 65 6.16 13.49 2.26
N LEU A 66 6.32 12.40 3.00
CA LEU A 66 5.96 11.08 2.51
C LEU A 66 4.48 11.01 2.16
N ASN A 67 4.20 10.71 0.90
CA ASN A 67 2.84 10.56 0.41
C ASN A 67 2.81 9.48 -0.66
N LEU A 68 2.63 8.25 -0.23
CA LEU A 68 2.70 7.10 -1.12
C LEU A 68 1.33 6.45 -1.28
N ALA A 69 1.00 6.11 -2.51
CA ALA A 69 -0.23 5.39 -2.79
C ALA A 69 0.08 4.00 -3.33
N LEU A 70 -0.22 2.99 -2.55
CA LEU A 70 0.04 1.61 -2.93
C LEU A 70 -1.18 0.99 -3.58
N THR A 71 -1.03 0.52 -4.81
CA THR A 71 -2.10 -0.18 -5.50
C THR A 71 -1.61 -1.55 -5.98
N TRP A 72 -2.50 -2.51 -6.02
CA TRP A 72 -2.15 -3.87 -6.41
C TRP A 72 -3.01 -4.33 -7.58
N ASN A 73 -2.46 -5.27 -8.34
CA ASN A 73 -3.13 -5.82 -9.51
C ASN A 73 -4.46 -6.46 -9.12
N THR A 74 -5.51 -6.08 -9.83
CA THR A 74 -6.86 -6.60 -9.58
C THR A 74 -6.90 -8.12 -9.69
N ASP A 75 -6.04 -8.67 -10.54
CA ASP A 75 -5.94 -10.12 -10.70
C ASP A 75 -5.40 -10.75 -9.42
N GLU A 76 -4.36 -10.15 -8.87
CA GLU A 76 -3.81 -10.57 -7.59
C GLU A 76 -4.87 -10.51 -6.50
N ILE A 77 -5.66 -9.44 -6.52
CA ILE A 77 -6.77 -9.29 -5.58
C ILE A 77 -7.77 -10.44 -5.72
N GLU A 78 -8.07 -10.79 -6.97
CA GLU A 78 -8.97 -11.90 -7.29
C GLU A 78 -8.43 -13.21 -6.74
N ARG A 79 -7.12 -13.40 -6.90
CA ARG A 79 -6.44 -14.61 -6.46
C ARG A 79 -6.62 -14.87 -4.97
N LEU A 80 -6.82 -13.80 -4.20
CA LEU A 80 -6.98 -13.92 -2.76
C LEU A 80 -8.26 -14.67 -2.38
N MET A 81 -9.13 -14.87 -3.36
CA MET A 81 -10.36 -15.65 -3.17
C MET A 81 -10.04 -17.12 -2.99
N GLU A 82 -8.84 -17.52 -3.40
CA GLU A 82 -8.40 -18.89 -3.25
C GLU A 82 -7.35 -18.97 -2.14
N ALA A 83 -7.28 -20.12 -1.48
CA ALA A 83 -6.38 -20.30 -0.34
C ALA A 83 -4.93 -20.23 -0.76
N ASP A 84 -4.65 -20.58 -2.01
CA ASP A 84 -3.30 -20.49 -2.55
C ASP A 84 -2.86 -19.03 -2.64
N GLY A 85 -3.83 -18.17 -2.95
CA GLY A 85 -3.56 -16.75 -3.05
C GLY A 85 -3.37 -16.14 -1.68
N ALA A 86 -4.24 -16.49 -0.74
CA ALA A 86 -4.13 -16.04 0.64
C ALA A 86 -2.77 -16.39 1.23
N ALA A 87 -2.26 -17.58 0.89
CA ALA A 87 -0.95 -18.01 1.33
C ALA A 87 0.14 -17.09 0.79
N ARG A 88 -0.03 -16.64 -0.44
CA ARG A 88 0.95 -15.76 -1.06
C ARG A 88 0.94 -14.40 -0.39
N PHE A 89 -0.24 -13.97 0.04
CA PHE A 89 -0.42 -12.71 0.75
C PHE A 89 0.38 -12.71 2.06
N GLU A 90 0.34 -13.84 2.77
CA GLU A 90 1.06 -13.96 4.03
C GLU A 90 2.57 -13.89 3.82
N ARG A 91 3.01 -14.44 2.69
CA ARG A 91 4.42 -14.43 2.34
C ARG A 91 4.86 -13.02 1.98
N TYR A 92 3.91 -12.22 1.51
CA TYR A 92 4.17 -10.84 1.13
C TYR A 92 4.29 -9.97 2.38
N LEU A 93 3.48 -10.28 3.40
CA LEU A 93 3.52 -9.56 4.66
C LEU A 93 4.89 -9.69 5.29
N ALA A 94 5.44 -10.89 5.20
CA ALA A 94 6.78 -11.16 5.73
C ALA A 94 7.85 -10.43 4.93
N ALA A 95 7.51 -10.04 3.71
CA ALA A 95 8.47 -9.40 2.84
C ALA A 95 8.28 -7.88 2.80
N LEU A 96 7.34 -7.38 3.59
CA LEU A 96 7.04 -5.94 3.63
C LEU A 96 8.31 -5.09 3.85
N PRO A 97 9.15 -5.39 4.87
CA PRO A 97 10.38 -4.64 5.12
C PRO A 97 11.36 -4.70 3.94
N ARG A 98 11.31 -5.81 3.20
CA ARG A 98 12.22 -6.01 2.08
C ARG A 98 11.72 -5.24 0.85
N LYS A 99 10.42 -5.19 0.69
CA LYS A 99 9.79 -4.42 -0.37
C LYS A 99 10.00 -2.95 -0.12
N LEU A 100 9.85 -2.57 1.15
CA LEU A 100 10.02 -1.19 1.59
C LEU A 100 11.40 -0.69 1.20
N ALA A 101 12.42 -1.47 1.55
CA ALA A 101 13.79 -1.11 1.25
C ALA A 101 14.02 -0.96 -0.26
N ALA A 102 13.38 -1.85 -1.03
CA ALA A 102 13.50 -1.81 -2.48
C ALA A 102 12.94 -0.51 -3.03
N TRP A 103 11.78 -0.10 -2.54
CA TRP A 103 11.14 1.12 -3.00
C TRP A 103 11.96 2.34 -2.62
N GLU A 104 12.62 2.28 -1.47
CA GLU A 104 13.45 3.39 -1.02
C GLU A 104 14.59 3.63 -2.01
N ASN A 105 15.31 2.58 -2.34
CA ASN A 105 16.46 2.67 -3.24
C ASN A 105 16.04 3.00 -4.67
N ALA A 106 14.96 2.38 -5.13
CA ALA A 106 14.56 2.48 -6.53
C ALA A 106 13.71 3.72 -6.80
N ARG A 107 12.89 4.13 -5.85
CA ARG A 107 11.95 5.21 -6.09
C ARG A 107 12.37 6.52 -5.41
N GLY A 108 13.53 6.50 -4.75
CA GLY A 108 14.06 7.71 -4.16
C GLY A 108 13.26 8.17 -2.96
N VAL A 109 13.02 7.25 -2.03
CA VAL A 109 12.21 7.54 -0.87
C VAL A 109 13.00 7.21 0.40
N ASP A 110 12.84 8.02 1.43
CA ASP A 110 13.55 7.80 2.69
C ASP A 110 12.54 7.70 3.83
N PHE A 111 12.22 6.48 4.23
CA PHE A 111 11.21 6.25 5.28
C PHE A 111 11.74 6.60 6.67
N GLY A 112 13.05 6.83 6.77
CA GLY A 112 13.61 7.26 8.03
C GLY A 112 13.26 8.71 8.32
N SER A 113 13.44 9.55 7.31
CA SER A 113 13.11 10.96 7.40
C SER A 113 11.63 11.19 7.06
N ARG A 114 10.99 10.13 6.55
CA ARG A 114 9.59 10.18 6.11
C ARG A 114 9.41 11.22 5.02
N THR A 115 10.39 11.26 4.12
CA THR A 115 10.38 12.20 3.02
C THR A 115 10.68 11.49 1.70
N GLN A 116 10.42 12.19 0.60
CA GLN A 116 10.64 11.63 -0.72
C GLN A 116 11.33 12.64 -1.62
N ALA A 117 12.10 12.16 -2.59
CA ALA A 117 12.78 13.03 -3.54
C ALA A 117 11.87 13.34 -4.71
N ASP A 118 10.65 12.86 -4.62
CA ASP A 118 9.66 13.06 -5.68
C ASP A 118 8.56 13.99 -5.16
N ALA A 119 7.72 14.46 -6.07
CA ALA A 119 6.62 15.33 -5.70
C ALA A 119 5.38 14.52 -5.36
N LEU A 120 5.36 13.27 -5.81
CA LEU A 120 4.23 12.38 -5.58
C LEU A 120 4.61 10.97 -6.00
N VAL A 121 4.44 10.00 -5.12
CA VAL A 121 4.79 8.62 -5.46
C VAL A 121 3.57 7.71 -5.42
N LEU A 122 3.03 7.43 -6.60
CA LEU A 122 1.91 6.52 -6.76
C LEU A 122 2.40 5.24 -7.42
N LEU A 123 2.50 4.17 -6.65
CA LEU A 123 3.04 2.92 -7.16
C LEU A 123 1.93 1.96 -7.60
N GLY A 124 1.92 1.64 -8.88
CA GLY A 124 0.98 0.69 -9.42
C GLY A 124 1.66 -0.58 -9.88
N GLY A 125 0.85 -1.60 -10.15
CA GLY A 125 1.38 -2.85 -10.68
C GLY A 125 2.11 -3.68 -9.64
N LEU A 126 1.75 -3.50 -8.37
CA LEU A 126 2.36 -4.28 -7.31
C LEU A 126 1.78 -5.70 -7.25
N ASP A 127 2.66 -6.64 -6.90
CA ASP A 127 2.28 -8.05 -6.81
C ASP A 127 2.44 -8.50 -5.36
N PHE A 128 2.06 -9.74 -5.08
CA PHE A 128 2.23 -10.30 -3.74
C PHE A 128 3.31 -11.38 -3.75
N GLU A 129 4.19 -11.29 -4.74
CA GLU A 129 5.26 -12.25 -4.89
C GLU A 129 6.48 -11.81 -4.08
N ALA A 130 6.95 -12.69 -3.22
CA ALA A 130 8.12 -12.42 -2.41
C ALA A 130 9.32 -13.21 -2.94
N GLY A 1 -23.31 3.09 -14.17
CA GLY A 1 -24.47 3.09 -13.24
C GLY A 1 -24.04 3.42 -11.82
N ALA A 2 -24.84 4.20 -11.12
CA ALA A 2 -24.51 4.61 -9.75
C ALA A 2 -24.43 3.41 -8.84
N MET A 3 -25.56 2.72 -8.68
CA MET A 3 -25.63 1.53 -7.85
C MET A 3 -25.55 0.27 -8.71
N GLY A 4 -24.65 0.28 -9.68
CA GLY A 4 -24.51 -0.85 -10.58
C GLY A 4 -23.15 -1.51 -10.46
N MET A 5 -22.47 -1.26 -9.36
CA MET A 5 -21.14 -1.83 -9.16
C MET A 5 -21.08 -2.56 -7.82
N SER A 6 -21.11 -3.89 -7.87
CA SER A 6 -21.03 -4.70 -6.68
C SER A 6 -19.91 -5.75 -6.82
N PRO A 7 -18.65 -5.32 -6.68
CA PRO A 7 -17.50 -6.21 -6.78
C PRO A 7 -17.20 -6.91 -5.45
N ASP A 8 -17.31 -8.23 -5.45
CA ASP A 8 -17.06 -9.01 -4.23
C ASP A 8 -15.57 -9.03 -3.94
N THR A 9 -14.77 -9.07 -4.98
CA THR A 9 -13.32 -9.07 -4.86
C THR A 9 -12.82 -7.77 -4.23
N ALA A 10 -13.25 -6.64 -4.79
CA ALA A 10 -12.81 -5.33 -4.33
C ALA A 10 -13.34 -5.06 -2.92
N ARG A 11 -14.57 -5.47 -2.66
CA ARG A 11 -15.20 -5.23 -1.37
C ARG A 11 -14.49 -6.01 -0.27
N ARG A 12 -14.15 -7.26 -0.57
CA ARG A 12 -13.47 -8.12 0.41
C ARG A 12 -12.07 -7.58 0.70
N PHE A 13 -11.43 -7.07 -0.33
CA PHE A 13 -10.09 -6.52 -0.18
C PHE A 13 -10.14 -5.28 0.71
N ASP A 14 -11.12 -4.43 0.45
CA ASP A 14 -11.32 -3.19 1.22
C ASP A 14 -11.55 -3.46 2.70
N THR A 15 -12.28 -4.53 2.99
CA THR A 15 -12.69 -4.80 4.36
C THR A 15 -11.73 -5.71 5.11
N GLU A 16 -11.22 -6.75 4.46
CA GLU A 16 -10.38 -7.73 5.14
C GLU A 16 -8.89 -7.46 4.94
N PHE A 17 -8.50 -7.18 3.71
CA PHE A 17 -7.08 -7.13 3.36
C PHE A 17 -6.48 -5.75 3.61
N ALA A 18 -7.10 -4.71 3.07
CA ALA A 18 -6.57 -3.36 3.15
C ALA A 18 -6.33 -2.90 4.59
N PRO A 19 -7.28 -3.10 5.53
CA PRO A 19 -7.07 -2.76 6.94
C PRO A 19 -5.93 -3.55 7.56
N ARG A 20 -5.74 -4.78 7.07
CA ARG A 20 -4.68 -5.64 7.56
C ARG A 20 -3.34 -5.10 7.11
N ILE A 21 -3.29 -4.65 5.85
CA ILE A 21 -2.09 -4.06 5.28
C ILE A 21 -1.75 -2.76 5.97
N ALA A 22 -2.76 -1.90 6.12
CA ALA A 22 -2.57 -0.58 6.72
C ALA A 22 -2.04 -0.67 8.14
N ARG A 23 -2.59 -1.61 8.90
CA ARG A 23 -2.18 -1.79 10.29
C ARG A 23 -0.78 -2.40 10.35
N ALA A 24 -0.47 -3.27 9.39
CA ALA A 24 0.84 -3.91 9.32
C ALA A 24 1.92 -2.88 9.00
N ILE A 25 1.63 -2.03 8.04
CA ILE A 25 2.54 -0.95 7.65
C ILE A 25 2.75 0.02 8.82
N ALA A 26 1.65 0.40 9.46
CA ALA A 26 1.70 1.31 10.60
C ALA A 26 2.55 0.72 11.71
N ASP A 27 2.44 -0.58 11.90
CA ASP A 27 3.19 -1.31 12.91
C ASP A 27 4.67 -1.36 12.53
N LEU A 28 4.93 -1.60 11.25
CA LEU A 28 6.29 -1.76 10.75
C LEU A 28 7.04 -0.43 10.83
N LEU A 29 6.33 0.66 10.57
CA LEU A 29 6.92 1.99 10.61
C LEU A 29 6.86 2.57 12.02
N ASN A 30 6.45 1.73 12.98
CA ASN A 30 6.38 2.12 14.39
C ASN A 30 5.51 3.37 14.58
N HIS A 31 4.45 3.45 13.77
CA HIS A 31 3.49 4.56 13.83
C HIS A 31 4.15 5.93 13.63
N ARG A 32 5.28 5.95 12.93
CA ARG A 32 5.92 7.21 12.57
C ARG A 32 5.18 7.85 11.40
N ALA A 33 4.45 7.02 10.69
CA ALA A 33 3.63 7.47 9.57
C ALA A 33 2.21 6.96 9.76
N HIS A 34 1.25 7.69 9.19
CA HIS A 34 -0.15 7.33 9.30
C HIS A 34 -0.65 6.78 7.98
N THR A 35 -1.36 5.68 8.03
CA THR A 35 -1.88 5.07 6.83
C THR A 35 -3.40 5.19 6.78
N ASP A 36 -3.95 5.26 5.58
CA ASP A 36 -5.39 5.37 5.40
C ASP A 36 -5.85 4.38 4.36
N VAL A 37 -6.92 3.66 4.68
CA VAL A 37 -7.52 2.74 3.74
C VAL A 37 -8.50 3.47 2.86
N VAL A 38 -8.07 3.77 1.64
CA VAL A 38 -8.92 4.38 0.65
C VAL A 38 -9.94 3.36 0.16
N GLY A 39 -11.20 3.58 0.51
CA GLY A 39 -12.24 2.63 0.20
C GLY A 39 -12.64 2.64 -1.26
N TYR A 40 -13.46 1.66 -1.65
CA TYR A 40 -13.88 1.53 -3.03
C TYR A 40 -15.11 2.39 -3.30
N GLY A 41 -14.95 3.39 -4.13
CA GLY A 41 -16.06 4.25 -4.49
C GLY A 41 -16.73 3.77 -5.76
N GLY A 42 -15.96 3.14 -6.62
CA GLY A 42 -16.50 2.58 -7.84
C GLY A 42 -16.32 3.48 -9.04
N HIS A 43 -16.53 4.76 -8.84
CA HIS A 43 -16.50 5.71 -9.95
C HIS A 43 -15.23 6.52 -9.90
N GLY A 44 -14.12 5.88 -10.26
CA GLY A 44 -12.84 6.55 -10.23
C GLY A 44 -12.22 6.56 -8.85
N HIS A 45 -12.66 5.62 -8.02
CA HIS A 45 -12.16 5.52 -6.66
C HIS A 45 -11.81 4.08 -6.32
N PRO A 46 -10.57 3.68 -6.64
CA PRO A 46 -10.09 2.31 -6.37
C PRO A 46 -9.58 2.17 -4.94
N THR A 47 -9.64 0.95 -4.44
CA THR A 47 -9.16 0.65 -3.09
C THR A 47 -7.64 0.62 -3.05
N GLN A 48 -7.07 1.30 -2.07
CA GLN A 48 -5.63 1.41 -1.94
C GLN A 48 -5.27 1.91 -0.56
N VAL A 49 -4.04 1.68 -0.14
CA VAL A 49 -3.58 2.17 1.14
C VAL A 49 -2.51 3.23 0.97
N ARG A 50 -2.80 4.42 1.46
CA ARG A 50 -1.87 5.52 1.38
C ARG A 50 -1.07 5.66 2.66
N ILE A 51 0.22 5.98 2.52
CA ILE A 51 1.07 6.23 3.64
C ILE A 51 1.40 7.71 3.70
N VAL A 52 0.90 8.39 4.71
CA VAL A 52 1.14 9.81 4.88
C VAL A 52 1.99 10.03 6.12
N ALA A 53 3.10 10.71 5.94
CA ALA A 53 4.03 10.94 7.03
C ALA A 53 4.04 12.39 7.45
N PRO A 54 3.47 12.71 8.62
CA PRO A 54 3.46 14.07 9.17
C PRO A 54 4.87 14.59 9.39
N HIS A 55 5.08 15.87 9.13
CA HIS A 55 6.39 16.46 9.28
C HIS A 55 6.39 17.49 10.39
N ALA A 56 7.35 17.37 11.29
CA ALA A 56 7.57 18.40 12.28
C ALA A 56 8.46 19.48 11.68
N GLU A 57 8.19 20.73 12.03
CA GLU A 57 8.85 21.89 11.43
C GLU A 57 8.40 22.06 9.97
N HIS A 58 8.22 23.31 9.57
CA HIS A 58 7.65 23.62 8.26
C HIS A 58 8.69 23.51 7.16
N VAL A 59 9.95 23.74 7.50
CA VAL A 59 11.02 23.67 6.54
C VAL A 59 12.00 22.56 6.88
N ARG A 60 12.34 21.77 5.88
CA ARG A 60 13.28 20.67 6.03
C ARG A 60 14.19 20.61 4.81
N GLY A 61 15.00 19.57 4.70
CA GLY A 61 15.81 19.39 3.51
C GLY A 61 14.94 19.12 2.30
N TYR A 62 13.97 18.24 2.48
CA TYR A 62 12.99 17.95 1.44
C TYR A 62 11.68 18.67 1.74
N ALA A 63 11.11 19.30 0.73
CA ALA A 63 9.88 20.07 0.91
C ALA A 63 8.64 19.21 0.70
N HIS A 64 8.85 17.98 0.22
CA HIS A 64 7.74 17.06 -0.01
C HIS A 64 7.73 15.96 1.04
N PRO A 65 6.73 15.97 1.93
CA PRO A 65 6.52 14.91 2.90
C PRO A 65 6.04 13.63 2.23
N LEU A 66 6.37 12.50 2.82
CA LEU A 66 6.03 11.20 2.24
C LEU A 66 4.51 11.05 2.06
N ASN A 67 4.10 10.91 0.80
CA ASN A 67 2.73 10.56 0.48
C ASN A 67 2.73 9.48 -0.60
N LEU A 68 2.56 8.24 -0.16
CA LEU A 68 2.64 7.10 -1.05
C LEU A 68 1.28 6.44 -1.22
N ALA A 69 0.93 6.12 -2.44
CA ALA A 69 -0.30 5.39 -2.72
C ALA A 69 0.02 4.03 -3.32
N LEU A 70 -0.26 2.99 -2.55
CA LEU A 70 0.02 1.62 -2.99
C LEU A 70 -1.22 0.99 -3.63
N THR A 71 -1.09 0.60 -4.90
CA THR A 71 -2.17 -0.10 -5.58
C THR A 71 -1.66 -1.42 -6.13
N TRP A 72 -2.54 -2.40 -6.20
CA TRP A 72 -2.16 -3.72 -6.67
C TRP A 72 -3.07 -4.16 -7.80
N ASN A 73 -2.53 -4.98 -8.69
CA ASN A 73 -3.27 -5.53 -9.81
C ASN A 73 -4.51 -6.28 -9.33
N THR A 74 -5.67 -5.87 -9.84
CA THR A 74 -6.95 -6.43 -9.43
C THR A 74 -7.01 -7.95 -9.64
N ASP A 75 -6.28 -8.42 -10.65
CA ASP A 75 -6.19 -9.85 -10.90
C ASP A 75 -5.51 -10.55 -9.74
N GLU A 76 -4.36 -10.02 -9.32
CA GLU A 76 -3.64 -10.56 -8.18
C GLU A 76 -4.49 -10.49 -6.91
N ILE A 77 -5.32 -9.45 -6.81
CA ILE A 77 -6.28 -9.35 -5.71
C ILE A 77 -7.24 -10.53 -5.71
N GLU A 78 -7.70 -10.89 -6.90
CA GLU A 78 -8.60 -12.03 -7.07
C GLU A 78 -7.86 -13.33 -6.77
N ARG A 79 -6.57 -13.34 -7.12
CA ARG A 79 -5.68 -14.46 -6.80
C ARG A 79 -5.62 -14.71 -5.29
N LEU A 80 -5.75 -13.63 -4.51
CA LEU A 80 -5.67 -13.73 -3.05
C LEU A 80 -6.90 -14.40 -2.47
N MET A 81 -7.94 -14.52 -3.28
CA MET A 81 -9.19 -15.11 -2.84
C MET A 81 -9.16 -16.62 -3.01
N GLU A 82 -8.07 -17.12 -3.57
CA GLU A 82 -7.90 -18.55 -3.77
C GLU A 82 -7.19 -19.16 -2.56
N ALA A 83 -7.16 -20.48 -2.47
CA ALA A 83 -6.51 -21.16 -1.35
C ALA A 83 -5.04 -20.76 -1.22
N ASP A 84 -4.31 -20.86 -2.33
CA ASP A 84 -2.88 -20.47 -2.35
C ASP A 84 -2.75 -18.96 -2.33
N GLY A 85 -3.88 -18.27 -2.40
CA GLY A 85 -3.87 -16.83 -2.43
C GLY A 85 -3.70 -16.24 -1.05
N ALA A 86 -4.58 -16.64 -0.13
CA ALA A 86 -4.47 -16.24 1.27
C ALA A 86 -3.10 -16.62 1.82
N ALA A 87 -2.62 -17.79 1.41
CA ALA A 87 -1.28 -18.25 1.81
C ALA A 87 -0.21 -17.28 1.32
N ARG A 88 -0.40 -16.75 0.12
CA ARG A 88 0.56 -15.83 -0.47
C ARG A 88 0.56 -14.49 0.26
N PHE A 89 -0.61 -14.10 0.78
CA PHE A 89 -0.74 -12.85 1.52
C PHE A 89 0.06 -12.91 2.81
N GLU A 90 0.06 -14.06 3.47
CA GLU A 90 0.83 -14.24 4.69
C GLU A 90 2.32 -14.11 4.36
N ARG A 91 2.71 -14.72 3.26
CA ARG A 91 4.08 -14.63 2.76
C ARG A 91 4.46 -13.20 2.42
N TYR A 92 3.47 -12.42 1.98
CA TYR A 92 3.70 -11.04 1.59
C TYR A 92 3.94 -10.16 2.82
N LEU A 93 3.30 -10.53 3.93
CA LEU A 93 3.47 -9.81 5.19
C LEU A 93 4.90 -9.92 5.68
N ALA A 94 5.50 -11.10 5.51
CA ALA A 94 6.87 -11.33 5.92
C ALA A 94 7.85 -10.58 5.02
N ALA A 95 7.43 -10.30 3.79
CA ALA A 95 8.30 -9.66 2.82
C ALA A 95 8.11 -8.15 2.80
N LEU A 96 7.16 -7.66 3.60
CA LEU A 96 6.86 -6.22 3.65
C LEU A 96 8.12 -5.37 3.87
N PRO A 97 8.96 -5.64 4.90
CA PRO A 97 10.17 -4.85 5.16
C PRO A 97 11.11 -4.81 3.95
N ARG A 98 11.15 -5.91 3.23
CA ARG A 98 12.05 -6.05 2.10
C ARG A 98 11.51 -5.30 0.88
N LYS A 99 10.18 -5.26 0.76
CA LYS A 99 9.54 -4.51 -0.31
C LYS A 99 9.71 -3.01 -0.08
N LEU A 100 9.47 -2.58 1.16
CA LEU A 100 9.61 -1.19 1.56
C LEU A 100 11.03 -0.70 1.27
N ALA A 101 12.01 -1.53 1.62
CA ALA A 101 13.41 -1.18 1.41
C ALA A 101 13.73 -1.04 -0.09
N ALA A 102 13.12 -1.91 -0.89
CA ALA A 102 13.34 -1.90 -2.33
C ALA A 102 12.80 -0.61 -2.95
N TRP A 103 11.63 -0.18 -2.50
CA TRP A 103 11.02 1.04 -3.01
C TRP A 103 11.83 2.27 -2.63
N GLU A 104 12.51 2.21 -1.50
CA GLU A 104 13.38 3.30 -1.08
C GLU A 104 14.47 3.53 -2.10
N ASN A 105 15.14 2.46 -2.47
CA ASN A 105 16.26 2.53 -3.39
C ASN A 105 15.80 2.85 -4.81
N ALA A 106 14.72 2.21 -5.24
CA ALA A 106 14.28 2.31 -6.62
C ALA A 106 13.48 3.57 -6.91
N ARG A 107 12.87 4.18 -5.89
CA ARG A 107 12.02 5.33 -6.13
C ARG A 107 12.53 6.61 -5.46
N GLY A 108 13.71 6.53 -4.84
CA GLY A 108 14.26 7.71 -4.18
C GLY A 108 13.40 8.14 -3.00
N VAL A 109 13.03 7.18 -2.18
CA VAL A 109 12.12 7.42 -1.07
C VAL A 109 12.78 6.98 0.23
N ASP A 110 12.50 7.68 1.32
CA ASP A 110 13.04 7.30 2.61
C ASP A 110 11.93 7.27 3.65
N PHE A 111 11.60 6.08 4.13
CA PHE A 111 10.50 5.92 5.09
C PHE A 111 10.96 6.20 6.52
N GLY A 112 12.26 6.34 6.70
CA GLY A 112 12.79 6.66 8.01
C GLY A 112 12.68 8.15 8.29
N SER A 113 13.22 8.94 7.37
CA SER A 113 13.15 10.40 7.49
C SER A 113 11.78 10.90 7.06
N ARG A 114 11.04 10.01 6.38
CA ARG A 114 9.66 10.26 5.98
C ARG A 114 9.56 11.40 4.97
N THR A 115 10.54 11.44 4.08
CA THR A 115 10.59 12.44 3.02
C THR A 115 10.82 11.77 1.67
N GLN A 116 10.54 12.48 0.59
CA GLN A 116 10.68 11.92 -0.75
C GLN A 116 11.24 12.96 -1.72
N ALA A 117 11.95 12.48 -2.74
CA ALA A 117 12.56 13.34 -3.74
C ALA A 117 11.58 13.69 -4.84
N ASP A 118 10.50 12.92 -4.93
CA ASP A 118 9.47 13.15 -5.93
C ASP A 118 8.39 14.08 -5.39
N ALA A 119 7.49 14.52 -6.26
CA ALA A 119 6.35 15.30 -5.84
C ALA A 119 5.32 14.38 -5.18
N LEU A 120 4.83 13.41 -5.95
CA LEU A 120 3.89 12.43 -5.46
C LEU A 120 4.25 11.05 -5.99
N VAL A 121 4.25 10.06 -5.13
CA VAL A 121 4.65 8.71 -5.53
C VAL A 121 3.46 7.75 -5.51
N LEU A 122 2.94 7.47 -6.69
CA LEU A 122 1.83 6.54 -6.84
C LEU A 122 2.32 5.25 -7.48
N LEU A 123 2.39 4.19 -6.69
CA LEU A 123 2.89 2.91 -7.18
C LEU A 123 1.74 2.03 -7.65
N GLY A 124 1.67 1.82 -8.95
CA GLY A 124 0.65 0.96 -9.51
C GLY A 124 1.24 -0.29 -10.14
N GLY A 125 0.38 -1.25 -10.47
CA GLY A 125 0.84 -2.47 -11.11
C GLY A 125 1.65 -3.36 -10.18
N LEU A 126 1.48 -3.18 -8.88
CA LEU A 126 2.19 -3.99 -7.91
C LEU A 126 1.66 -5.42 -7.86
N ASP A 127 2.55 -6.35 -7.58
CA ASP A 127 2.21 -7.77 -7.48
C ASP A 127 2.58 -8.27 -6.08
N PHE A 128 2.03 -9.42 -5.70
CA PHE A 128 2.28 -9.97 -4.37
C PHE A 128 3.34 -11.07 -4.44
N GLU A 129 4.17 -11.01 -5.46
CA GLU A 129 5.22 -11.99 -5.65
C GLU A 129 6.33 -11.78 -4.62
N ALA A 130 6.41 -12.69 -3.67
CA ALA A 130 7.37 -12.59 -2.58
C ALA A 130 8.08 -13.91 -2.38
N GLY A 1 -25.56 -8.68 -18.01
CA GLY A 1 -25.42 -7.85 -16.79
C GLY A 1 -25.02 -6.44 -17.13
N ALA A 2 -25.09 -5.55 -16.14
CA ALA A 2 -24.74 -4.15 -16.35
C ALA A 2 -23.27 -3.89 -16.02
N MET A 3 -22.80 -4.50 -14.93
CA MET A 3 -21.44 -4.29 -14.49
C MET A 3 -20.62 -5.57 -14.67
N GLY A 4 -20.70 -6.47 -13.70
CA GLY A 4 -19.97 -7.73 -13.80
C GLY A 4 -18.48 -7.55 -13.61
N MET A 5 -18.11 -6.79 -12.58
CA MET A 5 -16.70 -6.57 -12.27
C MET A 5 -16.34 -7.22 -10.95
N SER A 6 -17.16 -8.18 -10.55
CA SER A 6 -17.00 -8.90 -9.29
C SER A 6 -17.01 -7.92 -8.11
N PRO A 7 -18.18 -7.35 -7.77
CA PRO A 7 -18.31 -6.40 -6.67
C PRO A 7 -17.99 -7.04 -5.34
N ASP A 8 -18.10 -8.37 -5.29
CA ASP A 8 -17.80 -9.12 -4.09
C ASP A 8 -16.31 -9.13 -3.82
N THR A 9 -15.53 -9.26 -4.89
CA THR A 9 -14.08 -9.25 -4.80
C THR A 9 -13.57 -7.91 -4.27
N ALA A 10 -14.04 -6.83 -4.87
CA ALA A 10 -13.63 -5.48 -4.50
C ALA A 10 -14.03 -5.18 -3.05
N ARG A 11 -15.26 -5.52 -2.69
CA ARG A 11 -15.79 -5.21 -1.37
C ARG A 11 -15.08 -6.00 -0.28
N ARG A 12 -14.86 -7.29 -0.54
CA ARG A 12 -14.22 -8.16 0.43
C ARG A 12 -12.77 -7.76 0.68
N PHE A 13 -12.08 -7.31 -0.37
CA PHE A 13 -10.71 -6.86 -0.22
C PHE A 13 -10.67 -5.60 0.64
N ASP A 14 -11.60 -4.70 0.39
CA ASP A 14 -11.67 -3.43 1.11
C ASP A 14 -11.95 -3.62 2.59
N THR A 15 -12.75 -4.62 2.92
CA THR A 15 -13.17 -4.83 4.29
C THR A 15 -12.26 -5.79 5.05
N GLU A 16 -11.86 -6.88 4.42
CA GLU A 16 -11.08 -7.91 5.11
C GLU A 16 -9.57 -7.68 5.00
N PHE A 17 -9.10 -7.33 3.82
CA PHE A 17 -7.66 -7.29 3.56
C PHE A 17 -7.05 -5.90 3.74
N ALA A 18 -7.67 -4.89 3.12
CA ALA A 18 -7.10 -3.54 3.10
C ALA A 18 -6.77 -3.01 4.50
N PRO A 19 -7.69 -3.08 5.50
CA PRO A 19 -7.41 -2.61 6.86
C PRO A 19 -6.24 -3.37 7.50
N ARG A 20 -6.09 -4.63 7.12
CA ARG A 20 -5.03 -5.47 7.67
C ARG A 20 -3.68 -5.08 7.08
N ILE A 21 -3.68 -4.80 5.77
CA ILE A 21 -2.47 -4.35 5.09
C ILE A 21 -1.97 -3.05 5.70
N ALA A 22 -2.89 -2.10 5.85
CA ALA A 22 -2.57 -0.80 6.40
C ALA A 22 -2.03 -0.90 7.83
N ARG A 23 -2.57 -1.85 8.57
CA ARG A 23 -2.17 -2.07 9.95
C ARG A 23 -0.77 -2.68 10.04
N ALA A 24 -0.50 -3.66 9.19
CA ALA A 24 0.79 -4.32 9.17
C ALA A 24 1.90 -3.35 8.79
N ILE A 25 1.61 -2.55 7.77
CA ILE A 25 2.55 -1.54 7.31
C ILE A 25 2.78 -0.48 8.39
N ALA A 26 1.69 -0.06 9.04
CA ALA A 26 1.78 0.96 10.08
C ALA A 26 2.67 0.50 11.24
N ASP A 27 2.55 -0.77 11.59
CA ASP A 27 3.36 -1.34 12.67
C ASP A 27 4.81 -1.46 12.25
N LEU A 28 5.02 -1.79 10.98
CA LEU A 28 6.37 -1.94 10.44
C LEU A 28 7.09 -0.60 10.45
N LEU A 29 6.33 0.46 10.19
CA LEU A 29 6.88 1.80 10.16
C LEU A 29 6.88 2.42 11.55
N ASN A 30 6.64 1.59 12.57
CA ASN A 30 6.64 2.03 13.97
C ASN A 30 5.67 3.18 14.19
N HIS A 31 4.59 3.19 13.41
CA HIS A 31 3.54 4.21 13.51
C HIS A 31 4.07 5.61 13.24
N ARG A 32 5.21 5.71 12.57
CA ARG A 32 5.78 7.01 12.21
C ARG A 32 5.05 7.59 11.01
N ALA A 33 4.42 6.71 10.25
CA ALA A 33 3.61 7.13 9.13
C ALA A 33 2.16 6.74 9.37
N HIS A 34 1.26 7.56 8.87
CA HIS A 34 -0.16 7.34 9.05
C HIS A 34 -0.75 6.77 7.77
N THR A 35 -1.48 5.67 7.91
CA THR A 35 -2.06 5.01 6.75
C THR A 35 -3.57 5.14 6.76
N ASP A 36 -4.17 5.25 5.59
CA ASP A 36 -5.62 5.34 5.46
C ASP A 36 -6.11 4.40 4.39
N VAL A 37 -7.30 3.88 4.57
CA VAL A 37 -7.87 2.93 3.63
C VAL A 37 -8.84 3.63 2.69
N VAL A 38 -8.49 3.65 1.42
CA VAL A 38 -9.38 4.16 0.39
C VAL A 38 -10.12 2.99 -0.23
N GLY A 39 -11.36 2.81 0.16
CA GLY A 39 -12.08 1.61 -0.22
C GLY A 39 -13.04 1.81 -1.37
N TYR A 40 -13.60 0.70 -1.84
CA TYR A 40 -14.57 0.72 -2.91
C TYR A 40 -15.91 1.22 -2.39
N GLY A 41 -16.46 2.23 -3.05
CA GLY A 41 -17.75 2.75 -2.67
C GLY A 41 -18.78 2.55 -3.76
N GLY A 42 -19.24 3.65 -4.35
CA GLY A 42 -20.24 3.56 -5.39
C GLY A 42 -19.62 3.49 -6.77
N HIS A 43 -18.97 4.57 -7.19
CA HIS A 43 -18.38 4.63 -8.53
C HIS A 43 -17.09 5.42 -8.51
N GLY A 44 -16.14 4.99 -9.33
CA GLY A 44 -14.88 5.72 -9.51
C GLY A 44 -14.09 5.87 -8.23
N HIS A 45 -14.08 4.82 -7.41
CA HIS A 45 -13.37 4.87 -6.14
C HIS A 45 -12.59 3.57 -5.93
N PRO A 46 -11.46 3.42 -6.63
CA PRO A 46 -10.62 2.20 -6.54
C PRO A 46 -10.02 2.03 -5.15
N THR A 47 -9.87 0.78 -4.73
CA THR A 47 -9.35 0.47 -3.41
C THR A 47 -7.82 0.53 -3.40
N GLN A 48 -7.27 1.26 -2.43
CA GLN A 48 -5.84 1.43 -2.30
C GLN A 48 -5.51 1.96 -0.91
N VAL A 49 -4.27 1.79 -0.48
CA VAL A 49 -3.86 2.29 0.82
C VAL A 49 -2.83 3.40 0.66
N ARG A 50 -3.13 4.54 1.26
CA ARG A 50 -2.22 5.67 1.21
C ARG A 50 -1.37 5.73 2.47
N ILE A 51 -0.07 5.90 2.29
CA ILE A 51 0.84 6.04 3.40
C ILE A 51 1.41 7.45 3.40
N VAL A 52 1.07 8.20 4.43
CA VAL A 52 1.45 9.60 4.52
C VAL A 52 2.26 9.86 5.79
N ALA A 53 3.24 10.74 5.68
CA ALA A 53 4.05 11.13 6.83
C ALA A 53 3.79 12.60 7.15
N PRO A 54 2.86 12.87 8.08
CA PRO A 54 2.50 14.24 8.44
C PRO A 54 3.48 14.86 9.45
N HIS A 55 3.47 16.18 9.50
CA HIS A 55 4.29 16.95 10.44
C HIS A 55 5.77 16.84 10.07
N ALA A 56 6.05 16.56 8.80
CA ALA A 56 7.40 16.43 8.33
C ALA A 56 8.03 17.81 8.14
N GLU A 57 9.15 18.03 8.81
CA GLU A 57 9.81 19.33 8.74
C GLU A 57 10.43 19.51 7.36
N HIS A 58 10.05 20.59 6.70
CA HIS A 58 10.49 20.84 5.33
C HIS A 58 11.18 22.20 5.22
N VAL A 59 12.03 22.50 6.20
CA VAL A 59 12.78 23.74 6.21
C VAL A 59 14.01 23.65 5.31
N ARG A 60 14.78 22.59 5.51
CA ARG A 60 16.02 22.39 4.77
C ARG A 60 16.19 20.92 4.43
N GLY A 61 16.92 20.64 3.35
CA GLY A 61 17.11 19.27 2.92
C GLY A 61 16.12 18.91 1.84
N TYR A 62 15.24 17.98 2.12
CA TYR A 62 14.18 17.66 1.18
C TYR A 62 12.87 18.26 1.68
N ALA A 63 12.24 19.09 0.86
CA ALA A 63 11.03 19.79 1.26
C ALA A 63 9.79 19.07 0.77
N HIS A 64 9.95 17.79 0.45
CA HIS A 64 8.84 17.00 -0.08
C HIS A 64 8.33 16.04 0.98
N PRO A 65 7.11 16.27 1.49
CA PRO A 65 6.48 15.38 2.46
C PRO A 65 6.27 13.99 1.88
N LEU A 66 6.56 12.97 2.66
CA LEU A 66 6.47 11.59 2.19
C LEU A 66 5.01 11.21 1.97
N ASN A 67 4.68 10.86 0.73
CA ASN A 67 3.36 10.38 0.39
C ASN A 67 3.50 9.21 -0.58
N LEU A 68 2.70 8.18 -0.40
CA LEU A 68 2.88 6.93 -1.14
C LEU A 68 1.51 6.30 -1.39
N ALA A 69 1.26 5.96 -2.63
CA ALA A 69 0.01 5.30 -2.99
C ALA A 69 0.28 3.88 -3.48
N LEU A 70 -0.10 2.91 -2.66
CA LEU A 70 0.08 1.50 -3.00
C LEU A 70 -1.18 0.94 -3.64
N THR A 71 -1.07 0.54 -4.89
CA THR A 71 -2.18 -0.10 -5.57
C THR A 71 -1.74 -1.47 -6.09
N TRP A 72 -2.67 -2.41 -6.16
CA TRP A 72 -2.33 -3.77 -6.55
C TRP A 72 -3.18 -4.23 -7.71
N ASN A 73 -2.60 -5.12 -8.52
CA ASN A 73 -3.26 -5.66 -9.70
C ASN A 73 -4.53 -6.40 -9.32
N THR A 74 -5.56 -6.20 -10.15
CA THR A 74 -6.89 -6.77 -9.92
C THR A 74 -6.85 -8.29 -9.85
N ASP A 75 -5.88 -8.89 -10.55
CA ASP A 75 -5.68 -10.34 -10.52
C ASP A 75 -5.32 -10.77 -9.11
N GLU A 76 -4.37 -10.06 -8.52
CA GLU A 76 -3.90 -10.34 -7.18
C GLU A 76 -5.04 -10.29 -6.18
N ILE A 77 -5.84 -9.24 -6.27
CA ILE A 77 -6.98 -9.06 -5.38
C ILE A 77 -7.92 -10.26 -5.41
N GLU A 78 -8.25 -10.74 -6.61
CA GLU A 78 -9.13 -11.89 -6.75
C GLU A 78 -8.47 -13.15 -6.22
N ARG A 79 -7.16 -13.26 -6.47
CA ARG A 79 -6.38 -14.41 -6.04
C ARG A 79 -6.34 -14.54 -4.52
N LEU A 80 -6.45 -13.42 -3.82
CA LEU A 80 -6.40 -13.41 -2.36
C LEU A 80 -7.57 -14.17 -1.73
N MET A 81 -8.63 -14.37 -2.51
CA MET A 81 -9.80 -15.10 -2.03
C MET A 81 -9.62 -16.60 -2.20
N GLU A 82 -8.47 -17.00 -2.74
CA GLU A 82 -8.16 -18.40 -2.94
C GLU A 82 -7.21 -18.89 -1.86
N ALA A 83 -7.06 -20.21 -1.72
CA ALA A 83 -6.12 -20.76 -0.73
C ALA A 83 -4.69 -20.30 -1.03
N ASP A 84 -4.30 -20.38 -2.30
CA ASP A 84 -2.97 -19.94 -2.74
C ASP A 84 -2.82 -18.44 -2.55
N GLY A 85 -3.94 -17.75 -2.40
CA GLY A 85 -3.90 -16.32 -2.25
C GLY A 85 -3.52 -15.92 -0.84
N ALA A 86 -4.18 -16.52 0.14
CA ALA A 86 -3.82 -16.33 1.53
C ALA A 86 -2.35 -16.67 1.77
N ALA A 87 -1.89 -17.76 1.17
CA ALA A 87 -0.49 -18.15 1.25
C ALA A 87 0.43 -17.07 0.69
N ARG A 88 -0.02 -16.47 -0.41
CA ARG A 88 0.74 -15.41 -1.08
C ARG A 88 0.81 -14.18 -0.18
N PHE A 89 -0.27 -13.95 0.55
CA PHE A 89 -0.38 -12.78 1.43
C PHE A 89 0.54 -12.92 2.64
N GLU A 90 0.60 -14.13 3.21
CA GLU A 90 1.48 -14.37 4.36
C GLU A 90 2.93 -14.08 3.98
N ARG A 91 3.33 -14.57 2.81
CA ARG A 91 4.67 -14.39 2.30
C ARG A 91 4.95 -12.91 2.02
N TYR A 92 3.90 -12.18 1.67
CA TYR A 92 4.05 -10.77 1.33
C TYR A 92 4.29 -9.94 2.59
N LEU A 93 3.62 -10.33 3.68
CA LEU A 93 3.77 -9.64 4.95
C LEU A 93 5.19 -9.79 5.46
N ALA A 94 5.72 -11.00 5.37
CA ALA A 94 7.07 -11.30 5.82
C ALA A 94 8.13 -10.61 4.95
N ALA A 95 7.73 -10.20 3.76
CA ALA A 95 8.66 -9.57 2.83
C ALA A 95 8.48 -8.06 2.79
N LEU A 96 7.53 -7.55 3.57
CA LEU A 96 7.25 -6.11 3.61
C LEU A 96 8.51 -5.27 3.85
N PRO A 97 9.32 -5.55 4.90
CA PRO A 97 10.55 -4.78 5.18
C PRO A 97 11.56 -4.85 4.04
N ARG A 98 11.53 -5.95 3.31
CA ARG A 98 12.45 -6.17 2.21
C ARG A 98 12.05 -5.36 0.99
N LYS A 99 10.75 -5.38 0.70
CA LYS A 99 10.23 -4.67 -0.45
C LYS A 99 10.23 -3.17 -0.18
N LEU A 100 10.04 -2.83 1.08
CA LEU A 100 10.07 -1.44 1.53
C LEU A 100 11.43 -0.83 1.24
N ALA A 101 12.49 -1.54 1.64
CA ALA A 101 13.85 -1.09 1.41
C ALA A 101 14.12 -0.94 -0.08
N ALA A 102 13.52 -1.82 -0.88
CA ALA A 102 13.68 -1.78 -2.33
C ALA A 102 13.04 -0.53 -2.92
N TRP A 103 11.88 -0.15 -2.40
CA TRP A 103 11.18 1.04 -2.86
C TRP A 103 11.94 2.30 -2.49
N GLU A 104 12.45 2.35 -1.25
CA GLU A 104 13.19 3.50 -0.76
C GLU A 104 14.38 3.80 -1.67
N ASN A 105 15.16 2.77 -1.94
CA ASN A 105 16.38 2.90 -2.74
C ASN A 105 16.07 3.30 -4.18
N ALA A 106 14.96 2.83 -4.70
CA ALA A 106 14.64 3.03 -6.11
C ALA A 106 13.91 4.35 -6.36
N ARG A 107 12.89 4.64 -5.57
CA ARG A 107 12.01 5.76 -5.86
C ARG A 107 12.44 7.04 -5.14
N GLY A 108 13.48 6.95 -4.32
CA GLY A 108 13.96 8.13 -3.62
C GLY A 108 13.07 8.51 -2.45
N VAL A 109 12.82 7.54 -1.59
CA VAL A 109 11.93 7.73 -0.46
C VAL A 109 12.66 7.34 0.82
N ASP A 110 12.43 8.07 1.91
CA ASP A 110 13.10 7.74 3.16
C ASP A 110 12.11 7.85 4.33
N PHE A 111 11.72 6.71 4.85
CA PHE A 111 10.72 6.65 5.91
C PHE A 111 11.31 7.07 7.27
N GLY A 112 12.62 7.27 7.31
CA GLY A 112 13.24 7.73 8.52
C GLY A 112 13.17 9.23 8.67
N SER A 113 13.25 9.93 7.56
CA SER A 113 13.22 11.38 7.56
C SER A 113 11.81 11.91 7.36
N ARG A 114 10.87 11.00 7.04
CA ARG A 114 9.46 11.35 6.83
C ARG A 114 9.30 12.20 5.56
N THR A 115 10.36 12.24 4.76
CA THR A 115 10.38 13.03 3.55
C THR A 115 10.82 12.17 2.38
N GLN A 116 10.80 12.74 1.19
CA GLN A 116 11.25 12.05 0.00
C GLN A 116 11.97 13.00 -0.93
N ALA A 117 12.96 12.47 -1.63
CA ALA A 117 13.73 13.25 -2.59
C ALA A 117 12.98 13.34 -3.91
N ASP A 118 11.98 12.48 -4.06
CA ASP A 118 11.11 12.52 -5.23
C ASP A 118 9.96 13.49 -4.97
N ALA A 119 9.18 13.78 -5.99
CA ALA A 119 8.03 14.65 -5.82
C ALA A 119 6.85 13.89 -5.23
N LEU A 120 6.65 12.67 -5.70
CA LEU A 120 5.50 11.87 -5.30
C LEU A 120 5.69 10.44 -5.78
N VAL A 121 5.41 9.46 -4.94
CA VAL A 121 5.57 8.07 -5.35
C VAL A 121 4.22 7.34 -5.39
N LEU A 122 3.66 7.24 -6.58
CA LEU A 122 2.42 6.51 -6.81
C LEU A 122 2.71 5.16 -7.47
N LEU A 123 2.69 4.11 -6.68
CA LEU A 123 3.04 2.78 -7.17
C LEU A 123 1.81 2.04 -7.70
N GLY A 124 1.76 1.86 -9.00
CA GLY A 124 0.69 1.10 -9.62
C GLY A 124 1.17 -0.23 -10.16
N GLY A 125 0.24 -1.15 -10.38
CA GLY A 125 0.59 -2.44 -10.96
C GLY A 125 1.45 -3.30 -10.05
N LEU A 126 1.26 -3.18 -8.74
CA LEU A 126 2.00 -4.00 -7.79
C LEU A 126 1.43 -5.41 -7.70
N ASP A 127 2.31 -6.36 -7.38
CA ASP A 127 1.92 -7.75 -7.23
C ASP A 127 2.37 -8.24 -5.87
N PHE A 128 1.86 -9.38 -5.44
CA PHE A 128 2.25 -9.96 -4.16
C PHE A 128 3.36 -10.98 -4.36
N GLU A 129 4.14 -10.75 -5.41
CA GLU A 129 5.27 -11.60 -5.72
C GLU A 129 6.43 -11.28 -4.78
N ALA A 130 6.69 -12.19 -3.86
CA ALA A 130 7.71 -12.00 -2.86
C ALA A 130 8.43 -13.31 -2.60
N GLY A 1 -20.40 -6.78 -21.20
CA GLY A 1 -18.97 -6.64 -20.81
C GLY A 1 -18.79 -6.69 -19.31
N ALA A 2 -17.54 -6.54 -18.87
CA ALA A 2 -17.20 -6.54 -17.45
C ALA A 2 -17.63 -7.84 -16.78
N MET A 3 -17.38 -8.96 -17.45
CA MET A 3 -17.73 -10.26 -16.91
C MET A 3 -16.70 -10.70 -15.88
N GLY A 4 -15.46 -10.26 -16.08
CA GLY A 4 -14.42 -10.53 -15.11
C GLY A 4 -14.38 -9.47 -14.03
N MET A 5 -15.55 -9.17 -13.49
CA MET A 5 -15.72 -8.11 -12.51
C MET A 5 -16.79 -8.50 -11.49
N SER A 6 -16.41 -8.53 -10.23
CA SER A 6 -17.35 -8.88 -9.17
C SER A 6 -17.21 -7.92 -8.00
N PRO A 7 -18.31 -7.31 -7.55
CA PRO A 7 -18.31 -6.36 -6.44
C PRO A 7 -18.02 -7.04 -5.11
N ASP A 8 -18.11 -8.36 -5.09
CA ASP A 8 -17.80 -9.12 -3.87
C ASP A 8 -16.30 -9.19 -3.69
N THR A 9 -15.58 -9.16 -4.80
CA THR A 9 -14.13 -9.18 -4.80
C THR A 9 -13.60 -7.87 -4.21
N ALA A 10 -14.11 -6.76 -4.72
CA ALA A 10 -13.70 -5.43 -4.26
C ALA A 10 -14.02 -5.25 -2.78
N ARG A 11 -15.22 -5.63 -2.38
CA ARG A 11 -15.66 -5.46 -1.00
C ARG A 11 -14.85 -6.33 -0.05
N ARG A 12 -14.46 -7.51 -0.53
CA ARG A 12 -13.70 -8.46 0.26
C ARG A 12 -12.33 -7.89 0.60
N PHE A 13 -11.63 -7.38 -0.42
CA PHE A 13 -10.32 -6.80 -0.22
C PHE A 13 -10.41 -5.57 0.68
N ASP A 14 -11.46 -4.78 0.44
CA ASP A 14 -11.74 -3.57 1.20
C ASP A 14 -11.79 -3.83 2.70
N THR A 15 -12.43 -4.93 3.08
CA THR A 15 -12.71 -5.18 4.49
C THR A 15 -11.76 -6.20 5.11
N GLU A 16 -11.39 -7.22 4.35
CA GLU A 16 -10.63 -8.33 4.91
C GLU A 16 -9.12 -8.13 4.79
N PHE A 17 -8.66 -7.68 3.63
CA PHE A 17 -7.22 -7.65 3.37
C PHE A 17 -6.61 -6.26 3.59
N ALA A 18 -7.26 -5.23 3.07
CA ALA A 18 -6.72 -3.87 3.14
C ALA A 18 -6.38 -3.44 4.59
N PRO A 19 -7.29 -3.61 5.57
CA PRO A 19 -7.01 -3.24 6.97
C PRO A 19 -5.80 -3.98 7.54
N ARG A 20 -5.54 -5.18 7.02
CA ARG A 20 -4.40 -5.98 7.46
C ARG A 20 -3.11 -5.35 6.98
N ILE A 21 -3.13 -4.80 5.78
CA ILE A 21 -1.95 -4.17 5.20
C ILE A 21 -1.61 -2.89 5.95
N ALA A 22 -2.64 -2.07 6.16
CA ALA A 22 -2.46 -0.76 6.78
C ALA A 22 -1.92 -0.87 8.20
N ARG A 23 -2.47 -1.79 8.98
CA ARG A 23 -2.06 -1.95 10.37
C ARG A 23 -0.65 -2.55 10.46
N ALA A 24 -0.33 -3.41 9.49
CA ALA A 24 0.99 -4.04 9.45
C ALA A 24 2.07 -3.00 9.17
N ILE A 25 1.81 -2.16 8.17
CA ILE A 25 2.73 -1.09 7.81
C ILE A 25 2.84 -0.08 8.94
N ALA A 26 1.72 0.23 9.57
CA ALA A 26 1.69 1.18 10.67
C ALA A 26 2.58 0.72 11.82
N ASP A 27 2.51 -0.57 12.14
CA ASP A 27 3.32 -1.15 13.20
C ASP A 27 4.80 -1.17 12.80
N LEU A 28 5.04 -1.40 11.51
CA LEU A 28 6.39 -1.49 10.99
C LEU A 28 7.08 -0.12 11.07
N LEU A 29 6.31 0.94 10.88
CA LEU A 29 6.84 2.29 10.92
C LEU A 29 6.61 2.90 12.30
N ASN A 30 6.26 2.04 13.26
CA ASN A 30 6.07 2.44 14.66
C ASN A 30 5.09 3.61 14.79
N HIS A 31 4.09 3.64 13.90
CA HIS A 31 3.07 4.69 13.88
C HIS A 31 3.68 6.08 13.75
N ARG A 32 4.87 6.18 13.17
CA ARG A 32 5.50 7.47 12.93
C ARG A 32 5.01 8.04 11.61
N ALA A 33 4.45 7.17 10.79
CA ALA A 33 3.79 7.57 9.57
C ALA A 33 2.36 7.08 9.58
N HIS A 34 1.44 7.89 9.08
CA HIS A 34 0.04 7.54 9.12
C HIS A 34 -0.37 6.77 7.87
N THR A 35 -0.93 5.59 8.09
CA THR A 35 -1.41 4.78 6.99
C THR A 35 -2.92 4.73 7.01
N ASP A 36 -3.54 4.83 5.84
CA ASP A 36 -4.99 4.87 5.77
C ASP A 36 -5.50 4.05 4.61
N VAL A 37 -6.53 3.25 4.87
CA VAL A 37 -7.15 2.44 3.85
C VAL A 37 -8.22 3.23 3.12
N VAL A 38 -7.90 3.63 1.90
CA VAL A 38 -8.88 4.21 1.01
C VAL A 38 -9.83 3.13 0.54
N GLY A 39 -11.07 3.18 1.02
CA GLY A 39 -12.02 2.14 0.70
C GLY A 39 -12.50 2.22 -0.73
N TYR A 40 -13.21 1.20 -1.17
CA TYR A 40 -13.73 1.17 -2.52
C TYR A 40 -14.89 2.14 -2.64
N GLY A 41 -14.70 3.19 -3.42
CA GLY A 41 -15.71 4.21 -3.56
C GLY A 41 -16.28 4.27 -4.96
N GLY A 42 -16.74 3.13 -5.44
CA GLY A 42 -17.30 3.04 -6.76
C GLY A 42 -16.25 2.75 -7.81
N HIS A 43 -16.68 2.48 -9.04
CA HIS A 43 -15.76 2.16 -10.11
C HIS A 43 -15.00 3.40 -10.54
N GLY A 44 -13.72 3.42 -10.19
CA GLY A 44 -12.91 4.59 -10.40
C GLY A 44 -12.19 4.98 -9.13
N HIS A 45 -12.65 4.43 -8.02
CA HIS A 45 -12.02 4.65 -6.72
C HIS A 45 -11.68 3.30 -6.08
N PRO A 46 -10.58 2.68 -6.54
CA PRO A 46 -10.17 1.36 -6.08
C PRO A 46 -9.53 1.40 -4.68
N THR A 47 -9.75 0.34 -3.92
CA THR A 47 -9.17 0.22 -2.58
C THR A 47 -7.65 0.27 -2.64
N GLN A 48 -7.06 1.08 -1.77
CA GLN A 48 -5.63 1.29 -1.76
C GLN A 48 -5.17 1.74 -0.39
N VAL A 49 -3.96 1.39 -0.01
CA VAL A 49 -3.42 1.84 1.25
C VAL A 49 -2.33 2.89 1.00
N ARG A 50 -2.56 4.08 1.50
CA ARG A 50 -1.61 5.16 1.33
C ARG A 50 -0.91 5.50 2.63
N ILE A 51 0.38 5.80 2.51
CA ILE A 51 1.19 6.17 3.65
C ILE A 51 1.51 7.66 3.57
N VAL A 52 0.96 8.42 4.51
CA VAL A 52 1.13 9.86 4.51
C VAL A 52 1.88 10.28 5.77
N ALA A 53 2.79 11.24 5.61
CA ALA A 53 3.56 11.75 6.73
C ALA A 53 3.17 13.20 7.01
N PRO A 54 2.21 13.42 7.92
CA PRO A 54 1.72 14.75 8.24
C PRO A 54 2.62 15.45 9.26
N HIS A 55 3.80 15.83 8.81
CA HIS A 55 4.74 16.53 9.66
C HIS A 55 5.41 17.67 8.91
N ALA A 56 4.60 18.59 8.40
CA ALA A 56 5.10 19.77 7.71
C ALA A 56 5.52 20.83 8.72
N GLU A 57 5.30 20.50 10.00
CA GLU A 57 5.66 21.38 11.11
C GLU A 57 7.15 21.74 11.07
N HIS A 58 7.98 20.81 10.62
CA HIS A 58 9.41 21.02 10.55
C HIS A 58 10.01 20.30 9.35
N VAL A 59 10.05 20.98 8.22
CA VAL A 59 10.67 20.45 7.00
C VAL A 59 11.50 21.52 6.31
N ARG A 60 12.70 21.74 6.83
CA ARG A 60 13.59 22.78 6.29
C ARG A 60 14.54 22.21 5.25
N GLY A 61 14.52 20.89 5.10
CA GLY A 61 15.31 20.27 4.05
C GLY A 61 14.52 20.20 2.76
N TYR A 62 13.87 19.07 2.53
CA TYR A 62 12.96 18.95 1.41
C TYR A 62 11.53 19.02 1.92
N ALA A 63 10.75 19.95 1.38
CA ALA A 63 9.36 20.10 1.78
C ALA A 63 8.49 19.14 0.98
N HIS A 64 8.90 17.89 0.95
CA HIS A 64 8.19 16.85 0.22
C HIS A 64 7.75 15.76 1.19
N PRO A 65 6.54 15.89 1.75
CA PRO A 65 6.02 14.90 2.70
C PRO A 65 5.79 13.56 2.02
N LEU A 66 5.99 12.49 2.77
CA LEU A 66 5.76 11.14 2.27
C LEU A 66 4.28 10.95 1.93
N ASN A 67 4.03 10.60 0.69
CA ASN A 67 2.67 10.33 0.23
C ASN A 67 2.72 9.20 -0.79
N LEU A 68 2.60 7.98 -0.29
CA LEU A 68 2.71 6.79 -1.12
C LEU A 68 1.34 6.18 -1.36
N ALA A 69 1.06 5.84 -2.60
CA ALA A 69 -0.18 5.17 -2.95
C ALA A 69 0.11 3.76 -3.47
N LEU A 70 -0.14 2.78 -2.63
CA LEU A 70 0.11 1.38 -2.98
C LEU A 70 -1.11 0.77 -3.64
N THR A 71 -0.94 0.25 -4.85
CA THR A 71 -2.02 -0.41 -5.57
C THR A 71 -1.51 -1.71 -6.17
N TRP A 72 -2.39 -2.69 -6.30
CA TRP A 72 -2.00 -4.02 -6.77
C TRP A 72 -2.83 -4.43 -7.98
N ASN A 73 -2.30 -5.38 -8.73
CA ASN A 73 -2.98 -5.92 -9.90
C ASN A 73 -4.31 -6.54 -9.51
N THR A 74 -5.33 -6.26 -10.32
CA THR A 74 -6.68 -6.76 -10.07
C THR A 74 -6.71 -8.28 -10.08
N ASP A 75 -5.78 -8.89 -10.82
CA ASP A 75 -5.64 -10.34 -10.85
C ASP A 75 -5.24 -10.86 -9.47
N GLU A 76 -4.31 -10.15 -8.84
CA GLU A 76 -3.91 -10.46 -7.46
C GLU A 76 -5.12 -10.41 -6.53
N ILE A 77 -5.90 -9.35 -6.65
CA ILE A 77 -7.11 -9.19 -5.84
C ILE A 77 -8.07 -10.36 -6.08
N GLU A 78 -8.20 -10.74 -7.34
CA GLU A 78 -9.01 -11.89 -7.75
C GLU A 78 -8.54 -13.16 -7.05
N ARG A 79 -7.23 -13.37 -7.09
CA ARG A 79 -6.61 -14.57 -6.53
C ARG A 79 -6.76 -14.62 -5.01
N LEU A 80 -6.83 -13.45 -4.38
CA LEU A 80 -6.87 -13.37 -2.91
C LEU A 80 -8.12 -14.04 -2.35
N MET A 81 -9.14 -14.20 -3.17
CA MET A 81 -10.38 -14.84 -2.73
C MET A 81 -10.19 -16.35 -2.59
N GLU A 82 -9.09 -16.85 -3.11
CA GLU A 82 -8.80 -18.28 -3.10
C GLU A 82 -7.65 -18.60 -2.16
N ALA A 83 -7.56 -19.85 -1.73
CA ALA A 83 -6.56 -20.29 -0.75
C ALA A 83 -5.14 -19.86 -1.13
N ASP A 84 -4.72 -20.18 -2.35
CA ASP A 84 -3.37 -19.90 -2.83
C ASP A 84 -3.08 -18.40 -2.85
N GLY A 85 -4.14 -17.62 -2.99
CA GLY A 85 -3.99 -16.19 -3.03
C GLY A 85 -3.73 -15.62 -1.66
N ALA A 86 -4.56 -16.00 -0.70
CA ALA A 86 -4.36 -15.60 0.68
C ALA A 86 -2.97 -15.99 1.19
N ALA A 87 -2.50 -17.15 0.75
CA ALA A 87 -1.15 -17.61 1.10
C ALA A 87 -0.09 -16.62 0.60
N ARG A 88 -0.31 -16.03 -0.57
CA ARG A 88 0.62 -15.06 -1.12
C ARG A 88 0.60 -13.78 -0.29
N PHE A 89 -0.58 -13.45 0.24
CA PHE A 89 -0.76 -12.27 1.08
C PHE A 89 0.10 -12.37 2.34
N GLU A 90 0.09 -13.53 2.98
CA GLU A 90 0.86 -13.75 4.20
C GLU A 90 2.36 -13.67 3.88
N ARG A 91 2.71 -14.14 2.70
CA ARG A 91 4.08 -14.13 2.22
C ARG A 91 4.54 -12.68 1.99
N TYR A 92 3.60 -11.83 1.58
CA TYR A 92 3.91 -10.44 1.28
C TYR A 92 4.05 -9.63 2.56
N LEU A 93 3.27 -10.01 3.57
CA LEU A 93 3.31 -9.32 4.87
C LEU A 93 4.71 -9.41 5.48
N ALA A 94 5.28 -10.61 5.47
CA ALA A 94 6.62 -10.80 6.00
C ALA A 94 7.68 -10.11 5.15
N ALA A 95 7.32 -9.77 3.92
CA ALA A 95 8.25 -9.17 2.98
C ALA A 95 8.07 -7.65 2.92
N LEU A 96 7.15 -7.12 3.72
CA LEU A 96 6.89 -5.67 3.76
C LEU A 96 8.19 -4.85 3.96
N PRO A 97 9.03 -5.18 4.97
CA PRO A 97 10.29 -4.46 5.19
C PRO A 97 11.25 -4.57 4.00
N ARG A 98 11.13 -5.66 3.25
CA ARG A 98 12.02 -5.91 2.11
C ARG A 98 11.56 -5.11 0.89
N LYS A 99 10.25 -5.03 0.71
CA LYS A 99 9.68 -4.27 -0.38
C LYS A 99 9.93 -2.79 -0.14
N LEU A 100 9.78 -2.39 1.12
CA LEU A 100 9.99 -1.03 1.54
C LEU A 100 11.39 -0.55 1.17
N ALA A 101 12.38 -1.38 1.49
CA ALA A 101 13.78 -1.05 1.22
C ALA A 101 14.04 -0.90 -0.28
N ALA A 102 13.36 -1.72 -1.07
CA ALA A 102 13.53 -1.70 -2.51
C ALA A 102 12.99 -0.40 -3.11
N TRP A 103 11.81 0.02 -2.65
CA TRP A 103 11.18 1.22 -3.16
C TRP A 103 12.00 2.45 -2.81
N GLU A 104 12.61 2.44 -1.63
CA GLU A 104 13.47 3.55 -1.20
C GLU A 104 14.62 3.72 -2.17
N ASN A 105 15.28 2.60 -2.47
CA ASN A 105 16.45 2.59 -3.34
C ASN A 105 16.09 3.02 -4.75
N ALA A 106 14.93 2.60 -5.23
CA ALA A 106 14.55 2.85 -6.62
C ALA A 106 13.96 4.25 -6.83
N ARG A 107 13.02 4.65 -5.99
CA ARG A 107 12.25 5.86 -6.24
C ARG A 107 12.82 7.09 -5.54
N GLY A 108 13.84 6.91 -4.71
CA GLY A 108 14.42 8.04 -4.01
C GLY A 108 13.55 8.48 -2.85
N VAL A 109 13.20 7.54 -2.00
CA VAL A 109 12.30 7.78 -0.88
C VAL A 109 12.96 7.33 0.41
N ASP A 110 12.66 8.01 1.51
CA ASP A 110 13.17 7.60 2.82
C ASP A 110 12.05 7.66 3.85
N PHE A 111 11.50 6.50 4.17
CA PHE A 111 10.35 6.41 5.05
C PHE A 111 10.69 6.84 6.48
N GLY A 112 11.95 6.63 6.87
CA GLY A 112 12.36 7.01 8.20
C GLY A 112 12.44 8.52 8.36
N SER A 113 12.74 9.20 7.27
CA SER A 113 12.83 10.64 7.26
C SER A 113 11.49 11.28 6.92
N ARG A 114 10.53 10.44 6.53
CA ARG A 114 9.17 10.87 6.23
C ARG A 114 9.13 11.87 5.08
N THR A 115 10.17 11.86 4.28
CA THR A 115 10.31 12.79 3.17
C THR A 115 10.86 12.06 1.94
N GLN A 116 10.80 12.71 0.79
CA GLN A 116 11.19 12.07 -0.46
C GLN A 116 11.79 13.07 -1.44
N ALA A 117 12.69 12.58 -2.28
CA ALA A 117 13.28 13.40 -3.34
C ALA A 117 12.33 13.48 -4.51
N ASP A 118 11.38 12.55 -4.57
CA ASP A 118 10.34 12.56 -5.59
C ASP A 118 9.25 13.55 -5.19
N ALA A 119 8.38 13.88 -6.12
CA ALA A 119 7.30 14.80 -5.86
C ALA A 119 6.05 14.05 -5.43
N LEU A 120 5.97 12.78 -5.82
CA LEU A 120 4.83 11.93 -5.52
C LEU A 120 5.18 10.49 -5.86
N VAL A 121 4.99 9.58 -4.92
CA VAL A 121 5.32 8.19 -5.17
C VAL A 121 4.07 7.32 -5.25
N LEU A 122 3.66 7.05 -6.49
CA LEU A 122 2.55 6.16 -6.77
C LEU A 122 3.10 4.83 -7.26
N LEU A 123 2.57 3.73 -6.76
CA LEU A 123 3.08 2.42 -7.12
C LEU A 123 1.94 1.50 -7.55
N GLY A 124 1.84 1.27 -8.86
CA GLY A 124 0.83 0.38 -9.37
C GLY A 124 1.43 -0.85 -10.02
N GLY A 125 0.59 -1.85 -10.29
CA GLY A 125 1.06 -3.06 -10.95
C GLY A 125 1.84 -3.99 -10.03
N LEU A 126 1.68 -3.80 -8.74
CA LEU A 126 2.38 -4.64 -7.76
C LEU A 126 1.73 -6.02 -7.64
N ASP A 127 2.54 -6.99 -7.23
CA ASP A 127 2.08 -8.37 -7.03
C ASP A 127 2.45 -8.82 -5.63
N PHE A 128 1.79 -9.86 -5.15
CA PHE A 128 2.06 -10.38 -3.81
C PHE A 128 3.09 -11.49 -3.84
N GLU A 129 4.12 -11.31 -4.64
CA GLU A 129 5.20 -12.28 -4.73
C GLU A 129 6.39 -11.84 -3.89
N ALA A 130 6.97 -12.77 -3.16
CA ALA A 130 8.15 -12.48 -2.36
C ALA A 130 9.17 -13.61 -2.49
N GLY A 1 -11.58 -13.50 -18.36
CA GLY A 1 -11.64 -12.15 -18.95
C GLY A 1 -12.76 -11.32 -18.36
N ALA A 2 -12.51 -10.73 -17.20
CA ALA A 2 -13.52 -9.94 -16.52
C ALA A 2 -13.17 -8.46 -16.50
N MET A 3 -11.89 -8.17 -16.72
CA MET A 3 -11.36 -6.79 -16.71
C MET A 3 -11.35 -6.20 -15.31
N GLY A 4 -12.49 -6.22 -14.65
CA GLY A 4 -12.61 -5.70 -13.31
C GLY A 4 -14.05 -5.41 -12.95
N MET A 5 -14.27 -4.31 -12.23
CA MET A 5 -15.61 -3.89 -11.83
C MET A 5 -16.35 -4.99 -11.07
N SER A 6 -15.62 -5.72 -10.24
CA SER A 6 -16.21 -6.76 -9.43
C SER A 6 -16.42 -6.23 -8.00
N PRO A 7 -17.64 -5.79 -7.68
CA PRO A 7 -17.93 -5.11 -6.41
C PRO A 7 -17.65 -5.99 -5.20
N ASP A 8 -17.92 -7.29 -5.32
CA ASP A 8 -17.73 -8.20 -4.20
C ASP A 8 -16.25 -8.47 -3.98
N THR A 9 -15.51 -8.67 -5.07
CA THR A 9 -14.07 -8.87 -4.99
C THR A 9 -13.39 -7.64 -4.39
N ALA A 10 -13.80 -6.48 -4.89
CA ALA A 10 -13.24 -5.21 -4.45
C ALA A 10 -13.54 -4.98 -2.97
N ARG A 11 -14.75 -5.36 -2.55
CA ARG A 11 -15.17 -5.19 -1.17
C ARG A 11 -14.37 -6.10 -0.24
N ARG A 12 -14.12 -7.33 -0.68
CA ARG A 12 -13.39 -8.29 0.15
C ARG A 12 -11.97 -7.78 0.43
N PHE A 13 -11.34 -7.21 -0.59
CA PHE A 13 -10.01 -6.65 -0.43
C PHE A 13 -10.08 -5.44 0.50
N ASP A 14 -11.10 -4.61 0.27
CA ASP A 14 -11.33 -3.41 1.06
C ASP A 14 -11.53 -3.73 2.54
N THR A 15 -12.35 -4.73 2.81
CA THR A 15 -12.74 -5.03 4.18
C THR A 15 -11.74 -5.93 4.90
N GLU A 16 -11.25 -6.97 4.23
CA GLU A 16 -10.42 -7.96 4.89
C GLU A 16 -8.92 -7.68 4.72
N PHE A 17 -8.51 -7.33 3.50
CA PHE A 17 -7.07 -7.23 3.20
C PHE A 17 -6.51 -5.84 3.52
N ALA A 18 -7.15 -4.80 2.99
CA ALA A 18 -6.64 -3.44 3.09
C ALA A 18 -6.35 -3.01 4.54
N PRO A 19 -7.29 -3.23 5.50
CA PRO A 19 -7.04 -2.90 6.91
C PRO A 19 -5.86 -3.67 7.49
N ARG A 20 -5.64 -4.87 6.98
CA ARG A 20 -4.54 -5.71 7.42
C ARG A 20 -3.21 -5.14 6.93
N ILE A 21 -3.23 -4.63 5.71
CA ILE A 21 -2.03 -4.05 5.11
C ILE A 21 -1.64 -2.78 5.84
N ALA A 22 -2.64 -1.92 6.07
CA ALA A 22 -2.41 -0.65 6.74
C ALA A 22 -1.92 -0.84 8.17
N ARG A 23 -2.44 -1.86 8.82
CA ARG A 23 -2.08 -2.18 10.20
C ARG A 23 -0.64 -2.68 10.28
N ALA A 24 -0.29 -3.59 9.37
CA ALA A 24 1.03 -4.18 9.35
C ALA A 24 2.10 -3.14 9.04
N ILE A 25 1.83 -2.32 8.03
CA ILE A 25 2.77 -1.27 7.62
C ILE A 25 2.96 -0.26 8.74
N ALA A 26 1.85 0.14 9.38
CA ALA A 26 1.91 1.08 10.49
C ALA A 26 2.77 0.53 11.61
N ASP A 27 2.68 -0.77 11.83
CA ASP A 27 3.45 -1.45 12.86
C ASP A 27 4.93 -1.49 12.51
N LEU A 28 5.22 -1.68 11.23
CA LEU A 28 6.60 -1.74 10.76
C LEU A 28 7.24 -0.35 10.84
N LEU A 29 6.43 0.68 10.65
CA LEU A 29 6.89 2.05 10.72
C LEU A 29 6.82 2.58 12.14
N ASN A 30 6.47 1.69 13.08
CA ASN A 30 6.37 2.03 14.50
C ASN A 30 5.42 3.19 14.74
N HIS A 31 4.44 3.33 13.85
CA HIS A 31 3.47 4.43 13.90
C HIS A 31 4.16 5.79 13.88
N ARG A 32 5.27 5.88 13.15
CA ARG A 32 5.95 7.17 12.96
C ARG A 32 5.39 7.86 11.72
N ALA A 33 4.71 7.08 10.91
CA ALA A 33 4.00 7.59 9.75
C ALA A 33 2.57 7.07 9.78
N HIS A 34 1.65 7.85 9.22
CA HIS A 34 0.24 7.51 9.29
C HIS A 34 -0.20 6.74 8.05
N THR A 35 -0.93 5.66 8.26
CA THR A 35 -1.45 4.89 7.14
C THR A 35 -2.96 5.04 7.07
N ASP A 36 -3.49 5.05 5.86
CA ASP A 36 -4.91 5.31 5.66
C ASP A 36 -5.47 4.40 4.58
N VAL A 37 -6.60 3.78 4.86
CA VAL A 37 -7.21 2.83 3.94
C VAL A 37 -8.17 3.51 2.99
N VAL A 38 -7.78 3.61 1.74
CA VAL A 38 -8.64 4.13 0.69
C VAL A 38 -9.53 3.00 0.18
N GLY A 39 -10.73 2.90 0.73
CA GLY A 39 -11.58 1.77 0.45
C GLY A 39 -12.45 1.94 -0.78
N TYR A 40 -13.10 0.86 -1.17
CA TYR A 40 -13.95 0.84 -2.35
C TYR A 40 -15.37 1.29 -1.99
N GLY A 41 -15.99 2.04 -2.89
CA GLY A 41 -17.34 2.51 -2.67
C GLY A 41 -18.22 2.28 -3.88
N GLY A 42 -19.41 2.86 -3.85
CA GLY A 42 -20.34 2.71 -4.96
C GLY A 42 -19.91 3.52 -6.18
N HIS A 43 -18.99 4.45 -5.96
CA HIS A 43 -18.46 5.26 -7.05
C HIS A 43 -17.21 4.62 -7.63
N GLY A 44 -16.66 5.23 -8.68
CA GLY A 44 -15.44 4.73 -9.29
C GLY A 44 -14.23 5.09 -8.46
N HIS A 45 -14.21 4.64 -7.21
CA HIS A 45 -13.15 5.00 -6.29
C HIS A 45 -12.13 3.87 -6.21
N PRO A 46 -10.87 4.18 -6.55
CA PRO A 46 -9.79 3.18 -6.56
C PRO A 46 -9.45 2.69 -5.15
N THR A 47 -9.18 1.41 -5.03
CA THR A 47 -8.84 0.82 -3.74
C THR A 47 -7.33 0.75 -3.58
N GLN A 48 -6.82 1.39 -2.52
CA GLN A 48 -5.38 1.47 -2.29
C GLN A 48 -5.11 1.87 -0.85
N VAL A 49 -3.88 1.66 -0.40
CA VAL A 49 -3.50 2.11 0.93
C VAL A 49 -2.42 3.19 0.82
N ARG A 50 -2.72 4.35 1.35
CA ARG A 50 -1.81 5.48 1.28
C ARG A 50 -1.06 5.66 2.60
N ILE A 51 0.23 5.95 2.49
CA ILE A 51 1.04 6.26 3.64
C ILE A 51 1.38 7.74 3.61
N VAL A 52 0.90 8.47 4.59
CA VAL A 52 1.12 9.91 4.66
C VAL A 52 1.99 10.22 5.86
N ALA A 53 3.02 11.03 5.62
CA ALA A 53 3.94 11.40 6.67
C ALA A 53 4.11 12.92 6.72
N PRO A 54 3.30 13.60 7.54
CA PRO A 54 3.39 15.05 7.73
C PRO A 54 4.61 15.41 8.58
N HIS A 55 5.78 15.04 8.09
CA HIS A 55 7.02 15.28 8.81
C HIS A 55 7.99 16.03 7.92
N ALA A 56 7.62 17.25 7.55
CA ALA A 56 8.46 18.08 6.69
C ALA A 56 9.57 18.74 7.49
N GLU A 57 9.50 18.63 8.81
CA GLU A 57 10.51 19.19 9.70
C GLU A 57 11.78 18.34 9.69
N HIS A 58 12.53 18.42 8.62
CA HIS A 58 13.79 17.69 8.51
C HIS A 58 14.81 18.54 7.76
N VAL A 59 15.71 19.18 8.50
CA VAL A 59 16.74 20.03 7.90
C VAL A 59 17.75 19.21 7.12
N ARG A 60 18.36 19.84 6.10
CA ARG A 60 19.35 19.19 5.25
C ARG A 60 18.75 18.01 4.50
N GLY A 61 17.52 18.17 4.06
CA GLY A 61 16.85 17.13 3.32
C GLY A 61 15.90 17.69 2.28
N TYR A 62 14.91 16.91 1.88
CA TYR A 62 13.95 17.35 0.89
C TYR A 62 12.63 17.71 1.54
N ALA A 63 12.15 18.91 1.26
CA ALA A 63 10.91 19.39 1.86
C ALA A 63 9.70 18.89 1.09
N HIS A 64 9.56 17.57 1.03
CA HIS A 64 8.42 16.95 0.39
C HIS A 64 7.75 15.97 1.34
N PRO A 65 6.47 16.22 1.69
CA PRO A 65 5.71 15.33 2.55
C PRO A 65 5.45 13.99 1.88
N LEU A 66 5.88 12.92 2.52
CA LEU A 66 5.78 11.58 1.95
C LEU A 66 4.31 11.20 1.72
N ASN A 67 3.99 10.88 0.47
CA ASN A 67 2.65 10.41 0.13
C ASN A 67 2.75 9.25 -0.84
N LEU A 68 2.60 8.04 -0.32
CA LEU A 68 2.72 6.83 -1.12
C LEU A 68 1.34 6.20 -1.34
N ALA A 69 1.03 5.90 -2.59
CA ALA A 69 -0.20 5.20 -2.92
C ALA A 69 0.12 3.82 -3.48
N LEU A 70 -0.22 2.79 -2.72
CA LEU A 70 0.05 1.42 -3.12
C LEU A 70 -1.17 0.80 -3.78
N THR A 71 -1.04 0.40 -5.04
CA THR A 71 -2.11 -0.29 -5.75
C THR A 71 -1.61 -1.65 -6.22
N TRP A 72 -2.51 -2.62 -6.30
CA TRP A 72 -2.13 -3.98 -6.63
C TRP A 72 -2.94 -4.54 -7.79
N ASN A 73 -2.36 -5.52 -8.47
CA ASN A 73 -2.97 -6.18 -9.61
C ASN A 73 -4.33 -6.77 -9.24
N THR A 74 -5.38 -6.24 -9.86
CA THR A 74 -6.76 -6.67 -9.60
C THR A 74 -6.93 -8.17 -9.83
N ASP A 75 -6.16 -8.71 -10.76
CA ASP A 75 -6.19 -10.14 -11.07
C ASP A 75 -5.79 -10.92 -9.83
N GLU A 76 -4.66 -10.54 -9.25
CA GLU A 76 -4.17 -11.18 -8.04
C GLU A 76 -5.12 -10.99 -6.87
N ILE A 77 -5.82 -9.85 -6.82
CA ILE A 77 -6.84 -9.63 -5.80
C ILE A 77 -7.91 -10.73 -5.86
N GLU A 78 -8.39 -10.99 -7.07
CA GLU A 78 -9.36 -12.07 -7.30
C GLU A 78 -8.79 -13.40 -6.83
N ARG A 79 -7.50 -13.59 -7.10
CA ARG A 79 -6.81 -14.84 -6.76
C ARG A 79 -6.61 -14.97 -5.25
N LEU A 80 -6.51 -13.83 -4.55
CA LEU A 80 -6.27 -13.83 -3.11
C LEU A 80 -7.47 -14.32 -2.33
N MET A 81 -8.61 -14.43 -3.00
CA MET A 81 -9.83 -14.85 -2.33
C MET A 81 -9.89 -16.36 -2.17
N GLU A 82 -8.95 -17.05 -2.82
CA GLU A 82 -8.84 -18.50 -2.68
C GLU A 82 -7.84 -18.84 -1.59
N ALA A 83 -7.89 -20.07 -1.08
CA ALA A 83 -6.99 -20.51 0.01
C ALA A 83 -5.52 -20.25 -0.35
N ASP A 84 -5.11 -20.71 -1.53
CA ASP A 84 -3.73 -20.52 -2.00
C ASP A 84 -3.38 -19.03 -2.06
N GLY A 85 -4.40 -18.22 -2.33
CA GLY A 85 -4.20 -16.80 -2.44
C GLY A 85 -3.89 -16.18 -1.09
N ALA A 86 -4.68 -16.54 -0.08
CA ALA A 86 -4.45 -16.06 1.28
C ALA A 86 -3.05 -16.42 1.76
N ALA A 87 -2.57 -17.58 1.33
CA ALA A 87 -1.22 -18.03 1.66
C ALA A 87 -0.17 -17.07 1.12
N ARG A 88 -0.40 -16.57 -0.09
CA ARG A 88 0.54 -15.65 -0.72
C ARG A 88 0.53 -14.31 -0.01
N PHE A 89 -0.63 -13.94 0.50
CA PHE A 89 -0.79 -12.68 1.21
C PHE A 89 0.03 -12.67 2.49
N GLU A 90 0.08 -13.82 3.17
CA GLU A 90 0.85 -13.94 4.39
C GLU A 90 2.35 -13.80 4.10
N ARG A 91 2.80 -14.43 3.03
CA ARG A 91 4.21 -14.36 2.64
C ARG A 91 4.57 -12.93 2.22
N TYR A 92 3.58 -12.20 1.72
CA TYR A 92 3.79 -10.83 1.29
C TYR A 92 3.93 -9.91 2.48
N LEU A 93 3.16 -10.19 3.54
CA LEU A 93 3.21 -9.40 4.76
C LEU A 93 4.58 -9.54 5.42
N ALA A 94 5.12 -10.75 5.37
CA ALA A 94 6.44 -11.01 5.93
C ALA A 94 7.55 -10.34 5.13
N ALA A 95 7.29 -10.09 3.85
CA ALA A 95 8.30 -9.52 2.96
C ALA A 95 8.21 -8.00 2.91
N LEU A 96 7.16 -7.44 3.54
CA LEU A 96 6.91 -6.00 3.51
C LEU A 96 8.14 -5.14 3.83
N PRO A 97 8.90 -5.44 4.91
CA PRO A 97 10.11 -4.66 5.25
C PRO A 97 11.13 -4.61 4.10
N ARG A 98 11.31 -5.74 3.43
CA ARG A 98 12.30 -5.83 2.35
C ARG A 98 11.81 -5.12 1.09
N LYS A 99 10.50 -5.19 0.85
CA LYS A 99 9.90 -4.50 -0.29
C LYS A 99 9.97 -3.01 -0.07
N LEU A 100 9.77 -2.61 1.18
CA LEU A 100 9.79 -1.22 1.57
C LEU A 100 11.17 -0.62 1.30
N ALA A 101 12.20 -1.39 1.62
CA ALA A 101 13.59 -0.96 1.40
C ALA A 101 13.88 -0.80 -0.08
N ALA A 102 13.35 -1.72 -0.88
CA ALA A 102 13.56 -1.70 -2.32
C ALA A 102 12.95 -0.44 -2.94
N TRP A 103 11.79 -0.02 -2.41
CA TRP A 103 11.12 1.17 -2.91
C TRP A 103 11.89 2.42 -2.53
N GLU A 104 12.52 2.42 -1.36
CA GLU A 104 13.31 3.58 -0.92
C GLU A 104 14.38 3.92 -1.93
N ASN A 105 15.16 2.92 -2.31
CA ASN A 105 16.29 3.11 -3.20
C ASN A 105 15.84 3.48 -4.62
N ALA A 106 14.74 2.88 -5.06
CA ALA A 106 14.29 3.06 -6.43
C ALA A 106 13.52 4.38 -6.63
N ARG A 107 12.66 4.71 -5.68
CA ARG A 107 11.74 5.82 -5.88
C ARG A 107 12.18 7.09 -5.16
N GLY A 108 13.32 7.02 -4.46
CA GLY A 108 13.83 8.19 -3.77
C GLY A 108 12.99 8.54 -2.56
N VAL A 109 12.75 7.52 -1.74
CA VAL A 109 11.91 7.68 -0.57
C VAL A 109 12.73 7.34 0.67
N ASP A 110 12.57 8.14 1.73
CA ASP A 110 13.30 7.91 2.96
C ASP A 110 12.33 7.79 4.12
N PHE A 111 12.02 6.54 4.51
CA PHE A 111 11.07 6.30 5.59
C PHE A 111 11.66 6.65 6.95
N GLY A 112 12.98 6.79 7.01
CA GLY A 112 13.62 7.21 8.24
C GLY A 112 13.43 8.70 8.47
N SER A 113 13.51 9.46 7.39
CA SER A 113 13.32 10.90 7.44
C SER A 113 11.83 11.25 7.34
N ARG A 114 11.06 10.29 6.84
CA ARG A 114 9.61 10.44 6.65
C ARG A 114 9.32 11.46 5.57
N THR A 115 10.26 11.58 4.63
CA THR A 115 10.14 12.51 3.52
C THR A 115 10.52 11.80 2.22
N GLN A 116 10.39 12.51 1.11
CA GLN A 116 10.76 11.94 -0.18
C GLN A 116 11.44 12.98 -1.06
N ALA A 117 12.39 12.52 -1.87
CA ALA A 117 13.10 13.40 -2.78
C ALA A 117 12.33 13.56 -4.07
N ASP A 118 11.29 12.76 -4.22
CA ASP A 118 10.44 12.80 -5.40
C ASP A 118 9.29 13.77 -5.19
N ALA A 119 8.51 14.01 -6.22
CA ALA A 119 7.35 14.88 -6.09
C ALA A 119 6.20 14.13 -5.44
N LEU A 120 6.00 12.89 -5.86
CA LEU A 120 4.89 12.07 -5.39
C LEU A 120 5.12 10.62 -5.83
N VAL A 121 4.87 9.67 -4.96
CA VAL A 121 5.14 8.28 -5.29
C VAL A 121 3.86 7.44 -5.33
N LEU A 122 3.30 7.31 -6.53
CA LEU A 122 2.12 6.49 -6.74
C LEU A 122 2.50 5.21 -7.49
N LEU A 123 2.57 4.11 -6.76
CA LEU A 123 3.05 2.85 -7.34
C LEU A 123 1.90 1.97 -7.81
N GLY A 124 1.82 1.77 -9.11
CA GLY A 124 0.82 0.88 -9.67
C GLY A 124 1.41 -0.43 -10.12
N GLY A 125 0.55 -1.43 -10.34
CA GLY A 125 0.98 -2.71 -10.86
C GLY A 125 1.83 -3.51 -9.88
N LEU A 126 1.59 -3.35 -8.58
CA LEU A 126 2.31 -4.15 -7.60
C LEU A 126 1.88 -5.60 -7.65
N ASP A 127 2.86 -6.48 -7.55
CA ASP A 127 2.63 -7.92 -7.58
C ASP A 127 2.76 -8.49 -6.17
N PHE A 128 2.12 -9.63 -5.93
CA PHE A 128 2.24 -10.30 -4.63
C PHE A 128 3.29 -11.40 -4.72
N GLU A 129 4.26 -11.20 -5.60
CA GLU A 129 5.31 -12.17 -5.81
C GLU A 129 6.40 -11.95 -4.77
N ALA A 130 6.45 -12.84 -3.80
CA ALA A 130 7.43 -12.75 -2.72
C ALA A 130 8.35 -13.96 -2.76
N GLY A 1 -12.74 -18.03 -13.64
CA GLY A 1 -14.11 -17.83 -14.14
C GLY A 1 -14.45 -16.37 -14.35
N ALA A 2 -15.04 -15.75 -13.34
CA ALA A 2 -15.42 -14.35 -13.42
C ALA A 2 -14.24 -13.45 -13.12
N MET A 3 -14.03 -12.44 -13.96
CA MET A 3 -12.90 -11.53 -13.81
C MET A 3 -13.20 -10.21 -14.52
N GLY A 4 -12.21 -9.34 -14.59
CA GLY A 4 -12.39 -8.05 -15.23
C GLY A 4 -12.89 -7.01 -14.26
N MET A 5 -14.19 -7.01 -14.03
CA MET A 5 -14.80 -6.11 -13.06
C MET A 5 -15.28 -6.92 -11.87
N SER A 6 -14.66 -6.73 -10.72
CA SER A 6 -15.01 -7.49 -9.53
C SER A 6 -15.30 -6.56 -8.35
N PRO A 7 -16.47 -5.91 -8.33
CA PRO A 7 -16.86 -4.98 -7.26
C PRO A 7 -16.95 -5.69 -5.91
N ASP A 8 -17.41 -6.93 -5.94
CA ASP A 8 -17.52 -7.73 -4.72
C ASP A 8 -16.15 -8.05 -4.16
N THR A 9 -15.26 -8.49 -5.04
CA THR A 9 -13.89 -8.79 -4.67
C THR A 9 -13.18 -7.55 -4.13
N ALA A 10 -13.36 -6.43 -4.84
CA ALA A 10 -12.71 -5.19 -4.46
C ALA A 10 -13.18 -4.68 -3.10
N ARG A 11 -14.48 -4.85 -2.84
CA ARG A 11 -15.06 -4.46 -1.57
C ARG A 11 -14.56 -5.37 -0.45
N ARG A 12 -14.38 -6.64 -0.78
CA ARG A 12 -13.90 -7.62 0.17
C ARG A 12 -12.46 -7.31 0.57
N PHE A 13 -11.67 -6.85 -0.41
CA PHE A 13 -10.29 -6.46 -0.14
C PHE A 13 -10.28 -5.25 0.78
N ASP A 14 -11.20 -4.33 0.52
CA ASP A 14 -11.33 -3.10 1.31
C ASP A 14 -11.62 -3.39 2.78
N THR A 15 -12.43 -4.41 3.03
CA THR A 15 -12.88 -4.70 4.37
C THR A 15 -11.98 -5.71 5.09
N GLU A 16 -11.52 -6.74 4.38
CA GLU A 16 -10.78 -7.82 5.01
C GLU A 16 -9.27 -7.63 4.94
N PHE A 17 -8.76 -7.22 3.79
CA PHE A 17 -7.32 -7.21 3.56
C PHE A 17 -6.68 -5.84 3.79
N ALA A 18 -7.30 -4.80 3.25
CA ALA A 18 -6.71 -3.45 3.29
C ALA A 18 -6.40 -2.97 4.71
N PRO A 19 -7.33 -3.09 5.68
CA PRO A 19 -7.08 -2.69 7.07
C PRO A 19 -5.91 -3.46 7.68
N ARG A 20 -5.74 -4.70 7.23
CA ARG A 20 -4.69 -5.56 7.73
C ARG A 20 -3.33 -5.07 7.22
N ILE A 21 -3.31 -4.63 5.97
CA ILE A 21 -2.09 -4.10 5.36
C ILE A 21 -1.71 -2.77 6.03
N ALA A 22 -2.70 -1.90 6.18
CA ALA A 22 -2.48 -0.58 6.74
C ALA A 22 -1.92 -0.65 8.16
N ARG A 23 -2.45 -1.56 8.96
CA ARG A 23 -1.98 -1.73 10.33
C ARG A 23 -0.58 -2.31 10.37
N ALA A 24 -0.31 -3.26 9.47
CA ALA A 24 1.00 -3.90 9.41
C ALA A 24 2.09 -2.89 9.06
N ILE A 25 1.80 -2.04 8.08
CA ILE A 25 2.74 -1.01 7.66
C ILE A 25 2.98 -0.01 8.79
N ALA A 26 1.89 0.45 9.40
CA ALA A 26 1.97 1.43 10.48
C ALA A 26 2.76 0.89 11.65
N ASP A 27 2.60 -0.39 11.93
CA ASP A 27 3.30 -1.06 13.02
C ASP A 27 4.78 -1.21 12.70
N LEU A 28 5.07 -1.47 11.43
CA LEU A 28 6.44 -1.67 10.98
C LEU A 28 7.21 -0.35 10.99
N LEU A 29 6.49 0.73 10.71
CA LEU A 29 7.08 2.05 10.71
C LEU A 29 7.07 2.67 12.10
N ASN A 30 6.52 1.94 13.07
CA ASN A 30 6.35 2.42 14.44
C ASN A 30 5.59 3.74 14.43
N HIS A 31 4.65 3.86 13.48
CA HIS A 31 3.84 5.05 13.31
C HIS A 31 4.69 6.31 13.06
N ARG A 32 5.84 6.15 12.40
CA ARG A 32 6.62 7.30 11.96
C ARG A 32 5.88 8.02 10.84
N ALA A 33 5.05 7.27 10.15
CA ALA A 33 4.17 7.80 9.12
C ALA A 33 2.77 7.25 9.36
N HIS A 34 1.77 7.90 8.79
CA HIS A 34 0.39 7.50 9.01
C HIS A 34 -0.15 6.81 7.77
N THR A 35 -0.91 5.74 7.98
CA THR A 35 -1.47 4.98 6.87
C THR A 35 -2.98 5.15 6.82
N ASP A 36 -3.52 5.21 5.60
CA ASP A 36 -4.94 5.42 5.40
C ASP A 36 -5.46 4.49 4.31
N VAL A 37 -6.65 3.95 4.51
CA VAL A 37 -7.21 2.98 3.60
C VAL A 37 -8.23 3.62 2.66
N VAL A 38 -7.86 3.74 1.40
CA VAL A 38 -8.77 4.21 0.38
C VAL A 38 -9.67 3.07 -0.07
N GLY A 39 -10.95 3.17 0.24
CA GLY A 39 -11.88 2.10 -0.08
C GLY A 39 -12.37 2.18 -1.51
N TYR A 40 -12.80 1.05 -2.04
CA TYR A 40 -13.31 0.97 -3.40
C TYR A 40 -14.56 1.83 -3.57
N GLY A 41 -14.50 2.76 -4.51
CA GLY A 41 -15.62 3.66 -4.71
C GLY A 41 -16.13 3.65 -6.14
N GLY A 42 -17.39 3.24 -6.30
CA GLY A 42 -18.04 3.24 -7.60
C GLY A 42 -17.26 2.45 -8.64
N HIS A 43 -16.68 3.16 -9.60
CA HIS A 43 -15.89 2.53 -10.65
C HIS A 43 -14.76 3.46 -11.05
N GLY A 44 -13.53 3.02 -10.83
CA GLY A 44 -12.39 3.86 -11.12
C GLY A 44 -11.63 4.24 -9.88
N HIS A 45 -12.16 3.85 -8.73
CA HIS A 45 -11.49 4.08 -7.45
C HIS A 45 -11.10 2.75 -6.83
N PRO A 46 -9.90 2.24 -7.18
CA PRO A 46 -9.43 0.96 -6.68
C PRO A 46 -8.95 1.04 -5.23
N THR A 47 -9.23 -0.02 -4.47
CA THR A 47 -8.82 -0.10 -3.09
C THR A 47 -7.29 -0.03 -2.98
N GLN A 48 -6.80 0.80 -2.08
CA GLN A 48 -5.37 1.04 -1.97
C GLN A 48 -5.03 1.61 -0.60
N VAL A 49 -3.78 1.43 -0.18
CA VAL A 49 -3.33 1.97 1.08
C VAL A 49 -2.28 3.06 0.84
N ARG A 50 -2.59 4.26 1.29
CA ARG A 50 -1.67 5.38 1.15
C ARG A 50 -0.93 5.65 2.45
N ILE A 51 0.36 5.92 2.33
CA ILE A 51 1.18 6.26 3.47
C ILE A 51 1.53 7.74 3.40
N VAL A 52 1.04 8.49 4.37
CA VAL A 52 1.24 9.93 4.38
C VAL A 52 2.04 10.34 5.61
N ALA A 53 2.98 11.25 5.40
CA ALA A 53 3.80 11.78 6.48
C ALA A 53 3.72 13.30 6.46
N PRO A 54 2.89 13.89 7.33
CA PRO A 54 2.69 15.35 7.38
C PRO A 54 4.00 16.08 7.66
N HIS A 55 4.61 16.61 6.61
CA HIS A 55 5.91 17.26 6.72
C HIS A 55 5.96 18.50 5.84
N ALA A 56 5.32 19.56 6.28
CA ALA A 56 5.46 20.86 5.64
C ALA A 56 6.60 21.62 6.33
N GLU A 57 7.44 20.85 7.00
CA GLU A 57 8.53 21.38 7.80
C GLU A 57 9.76 21.61 6.92
N HIS A 58 10.46 22.70 7.19
CA HIS A 58 11.66 23.04 6.43
C HIS A 58 12.93 22.69 7.23
N VAL A 59 12.79 21.79 8.19
CA VAL A 59 13.91 21.39 9.03
C VAL A 59 14.10 19.88 9.00
N ARG A 60 14.80 19.40 7.97
CA ARG A 60 15.15 17.99 7.86
C ARG A 60 16.01 17.75 6.62
N GLY A 61 15.48 18.11 5.46
CA GLY A 61 16.18 17.90 4.21
C GLY A 61 15.32 18.26 3.03
N TYR A 62 14.37 17.40 2.70
CA TYR A 62 13.40 17.71 1.68
C TYR A 62 12.09 18.10 2.32
N ALA A 63 11.52 19.22 1.89
CA ALA A 63 10.27 19.71 2.45
C ALA A 63 9.08 19.11 1.71
N HIS A 64 9.21 17.85 1.33
CA HIS A 64 8.17 17.16 0.61
C HIS A 64 7.59 16.07 1.48
N PRO A 65 6.32 16.22 1.90
CA PRO A 65 5.64 15.22 2.72
C PRO A 65 5.50 13.89 1.99
N LEU A 66 5.89 12.82 2.66
CA LEU A 66 5.83 11.49 2.08
C LEU A 66 4.40 11.13 1.73
N ASN A 67 4.18 10.78 0.47
CA ASN A 67 2.85 10.47 -0.02
C ASN A 67 2.95 9.31 -1.00
N LEU A 68 2.79 8.10 -0.49
CA LEU A 68 2.91 6.90 -1.28
C LEU A 68 1.56 6.21 -1.41
N ALA A 69 1.20 5.85 -2.63
CA ALA A 69 -0.02 5.10 -2.87
C ALA A 69 0.32 3.71 -3.40
N LEU A 70 0.00 2.71 -2.59
CA LEU A 70 0.27 1.33 -2.95
C LEU A 70 -0.99 0.70 -3.54
N THR A 71 -0.94 0.39 -4.83
CA THR A 71 -2.06 -0.26 -5.49
C THR A 71 -1.63 -1.62 -6.00
N TRP A 72 -2.57 -2.57 -6.04
CA TRP A 72 -2.26 -3.92 -6.48
C TRP A 72 -3.16 -4.33 -7.62
N ASN A 73 -2.64 -5.19 -8.48
CA ASN A 73 -3.35 -5.69 -9.64
C ASN A 73 -4.65 -6.37 -9.23
N THR A 74 -5.74 -5.95 -9.86
CA THR A 74 -7.07 -6.46 -9.56
C THR A 74 -7.16 -7.98 -9.73
N ASP A 75 -6.33 -8.52 -10.61
CA ASP A 75 -6.27 -9.96 -10.82
C ASP A 75 -5.63 -10.63 -9.61
N GLU A 76 -4.59 -10.02 -9.06
CA GLU A 76 -3.98 -10.47 -7.82
C GLU A 76 -5.00 -10.44 -6.68
N ILE A 77 -5.81 -9.39 -6.65
CA ILE A 77 -6.89 -9.27 -5.67
C ILE A 77 -7.87 -10.44 -5.77
N GLU A 78 -8.30 -10.76 -7.00
CA GLU A 78 -9.21 -11.89 -7.23
C GLU A 78 -8.51 -13.20 -6.88
N ARG A 79 -7.21 -13.24 -7.12
CA ARG A 79 -6.35 -14.36 -6.78
C ARG A 79 -6.40 -14.67 -5.28
N LEU A 80 -6.64 -13.65 -4.47
CA LEU A 80 -6.66 -13.80 -3.02
C LEU A 80 -7.91 -14.54 -2.56
N MET A 81 -8.85 -14.77 -3.47
CA MET A 81 -10.05 -15.54 -3.15
C MET A 81 -9.71 -17.02 -3.09
N GLU A 82 -8.58 -17.39 -3.68
CA GLU A 82 -8.08 -18.74 -3.61
C GLU A 82 -7.23 -18.90 -2.36
N ALA A 83 -7.20 -20.11 -1.82
CA ALA A 83 -6.41 -20.39 -0.63
C ALA A 83 -4.92 -20.20 -0.91
N ASP A 84 -4.53 -20.51 -2.15
CA ASP A 84 -3.15 -20.29 -2.59
C ASP A 84 -2.82 -18.80 -2.57
N GLY A 85 -3.86 -17.99 -2.73
CA GLY A 85 -3.69 -16.56 -2.74
C GLY A 85 -3.48 -16.03 -1.35
N ALA A 86 -4.30 -16.46 -0.41
CA ALA A 86 -4.12 -16.12 1.00
C ALA A 86 -2.73 -16.54 1.49
N ALA A 87 -2.27 -17.70 1.04
CA ALA A 87 -0.93 -18.18 1.37
C ALA A 87 0.13 -17.26 0.78
N ARG A 88 -0.19 -16.71 -0.39
CA ARG A 88 0.69 -15.78 -1.07
C ARG A 88 0.80 -14.49 -0.26
N PHE A 89 -0.32 -14.10 0.34
CA PHE A 89 -0.39 -12.88 1.14
C PHE A 89 0.47 -13.03 2.40
N GLU A 90 0.47 -14.22 2.98
CA GLU A 90 1.30 -14.49 4.16
C GLU A 90 2.78 -14.34 3.80
N ARG A 91 3.14 -14.87 2.63
CA ARG A 91 4.51 -14.78 2.13
C ARG A 91 4.90 -13.32 1.88
N TYR A 92 3.91 -12.53 1.50
CA TYR A 92 4.13 -11.12 1.18
C TYR A 92 4.32 -10.31 2.46
N LEU A 93 3.63 -10.71 3.52
CA LEU A 93 3.73 -10.04 4.82
C LEU A 93 5.12 -10.23 5.41
N ALA A 94 5.66 -11.44 5.24
CA ALA A 94 7.00 -11.73 5.71
C ALA A 94 8.04 -10.93 4.95
N ALA A 95 7.64 -10.41 3.78
CA ALA A 95 8.55 -9.70 2.91
C ALA A 95 8.38 -8.18 3.05
N LEU A 96 7.52 -7.76 3.98
CA LEU A 96 7.25 -6.33 4.17
C LEU A 96 8.53 -5.50 4.33
N PRO A 97 9.45 -5.88 5.26
CA PRO A 97 10.71 -5.13 5.46
C PRO A 97 11.55 -5.02 4.18
N ARG A 98 11.52 -6.06 3.35
CA ARG A 98 12.33 -6.07 2.14
C ARG A 98 11.69 -5.26 1.03
N LYS A 99 10.37 -5.34 0.93
CA LYS A 99 9.64 -4.60 -0.08
C LYS A 99 9.68 -3.12 0.23
N LEU A 100 9.50 -2.81 1.50
CA LEU A 100 9.52 -1.44 1.98
C LEU A 100 10.85 -0.78 1.67
N ALA A 101 11.94 -1.49 1.99
CA ALA A 101 13.29 -0.97 1.75
C ALA A 101 13.55 -0.80 0.25
N ALA A 102 13.00 -1.71 -0.54
CA ALA A 102 13.17 -1.67 -1.99
C ALA A 102 12.51 -0.42 -2.58
N TRP A 103 11.33 -0.08 -2.07
CA TRP A 103 10.61 1.09 -2.55
C TRP A 103 11.35 2.37 -2.16
N GLU A 104 11.98 2.36 -0.99
CA GLU A 104 12.75 3.50 -0.54
C GLU A 104 13.86 3.83 -1.53
N ASN A 105 14.63 2.80 -1.87
CA ASN A 105 15.80 2.98 -2.71
C ASN A 105 15.44 3.21 -4.18
N ALA A 106 14.43 2.50 -4.66
CA ALA A 106 14.09 2.55 -6.08
C ALA A 106 13.20 3.73 -6.44
N ARG A 107 12.47 4.28 -5.48
CA ARG A 107 11.50 5.32 -5.81
C ARG A 107 11.85 6.67 -5.18
N GLY A 108 12.91 6.71 -4.37
CA GLY A 108 13.33 7.97 -3.77
C GLY A 108 12.47 8.35 -2.58
N VAL A 109 12.17 7.36 -1.75
CA VAL A 109 11.32 7.56 -0.60
C VAL A 109 12.11 7.20 0.66
N ASP A 110 11.96 7.96 1.73
CA ASP A 110 12.65 7.65 2.98
C ASP A 110 11.71 7.80 4.17
N PHE A 111 11.31 6.67 4.73
CA PHE A 111 10.32 6.64 5.81
C PHE A 111 10.92 7.08 7.14
N GLY A 112 12.24 6.98 7.26
CA GLY A 112 12.89 7.38 8.50
C GLY A 112 12.90 8.88 8.68
N SER A 113 13.08 9.59 7.58
CA SER A 113 13.10 11.03 7.61
C SER A 113 11.70 11.61 7.39
N ARG A 114 10.76 10.72 7.06
CA ARG A 114 9.36 11.10 6.83
C ARG A 114 9.25 11.99 5.60
N THR A 115 10.17 11.81 4.65
CA THR A 115 10.23 12.67 3.49
C THR A 115 10.44 11.86 2.22
N GLN A 116 10.30 12.52 1.08
CA GLN A 116 10.53 11.89 -0.21
C GLN A 116 11.11 12.90 -1.18
N ALA A 117 11.92 12.42 -2.12
CA ALA A 117 12.57 13.30 -3.08
C ALA A 117 11.69 13.50 -4.31
N ASP A 118 10.44 13.08 -4.20
CA ASP A 118 9.50 13.16 -5.30
C ASP A 118 8.27 13.96 -4.86
N ALA A 119 7.52 14.46 -5.81
CA ALA A 119 6.33 15.25 -5.53
C ALA A 119 5.13 14.34 -5.26
N LEU A 120 5.19 13.13 -5.80
CA LEU A 120 4.11 12.16 -5.64
C LEU A 120 4.55 10.80 -6.15
N VAL A 121 4.44 9.77 -5.31
CA VAL A 121 4.84 8.44 -5.73
C VAL A 121 3.67 7.46 -5.67
N LEU A 122 3.08 7.23 -6.84
CA LEU A 122 1.96 6.31 -6.97
C LEU A 122 2.42 5.01 -7.62
N LEU A 123 2.46 3.95 -6.85
CA LEU A 123 2.95 2.67 -7.35
C LEU A 123 1.79 1.77 -7.79
N GLY A 124 1.65 1.60 -9.09
CA GLY A 124 0.64 0.73 -9.63
C GLY A 124 1.22 -0.59 -10.12
N GLY A 125 0.35 -1.56 -10.38
CA GLY A 125 0.79 -2.82 -10.95
C GLY A 125 1.59 -3.66 -9.98
N LEU A 126 1.41 -3.45 -8.68
CA LEU A 126 2.10 -4.25 -7.69
C LEU A 126 1.54 -5.66 -7.65
N ASP A 127 2.43 -6.61 -7.43
CA ASP A 127 2.07 -8.02 -7.39
C ASP A 127 2.58 -8.61 -6.07
N PHE A 128 2.13 -9.82 -5.75
CA PHE A 128 2.49 -10.45 -4.50
C PHE A 128 3.64 -11.45 -4.68
N GLU A 129 4.67 -11.02 -5.41
CA GLU A 129 5.88 -11.81 -5.57
C GLU A 129 6.81 -11.60 -4.38
N ALA A 130 7.25 -12.70 -3.78
CA ALA A 130 8.13 -12.63 -2.63
C ALA A 130 9.02 -13.86 -2.57
N GLY A 1 -19.57 -14.26 -11.73
CA GLY A 1 -18.34 -14.12 -12.54
C GLY A 1 -17.33 -13.24 -11.87
N ALA A 2 -16.19 -13.04 -12.52
CA ALA A 2 -15.11 -12.25 -11.95
C ALA A 2 -14.54 -11.26 -12.96
N MET A 3 -15.26 -11.07 -14.06
CA MET A 3 -14.80 -10.16 -15.10
C MET A 3 -15.94 -9.24 -15.52
N GLY A 4 -15.61 -7.98 -15.78
CA GLY A 4 -16.61 -7.01 -16.17
C GLY A 4 -17.07 -6.18 -14.99
N MET A 5 -17.48 -6.85 -13.93
CA MET A 5 -17.88 -6.18 -12.71
C MET A 5 -17.52 -7.05 -11.51
N SER A 6 -16.58 -6.60 -10.69
CA SER A 6 -16.15 -7.34 -9.52
C SER A 6 -16.13 -6.45 -8.28
N PRO A 7 -17.31 -6.09 -7.77
CA PRO A 7 -17.43 -5.16 -6.65
C PRO A 7 -17.27 -5.85 -5.28
N ASP A 8 -17.55 -7.15 -5.25
CA ASP A 8 -17.52 -7.90 -4.00
C ASP A 8 -16.08 -8.25 -3.61
N THR A 9 -15.28 -8.60 -4.59
CA THR A 9 -13.88 -8.91 -4.36
C THR A 9 -13.13 -7.66 -3.94
N ALA A 10 -13.41 -6.56 -4.64
CA ALA A 10 -12.83 -5.27 -4.30
C ALA A 10 -13.26 -4.84 -2.90
N ARG A 11 -14.52 -5.13 -2.58
CA ARG A 11 -15.06 -4.82 -1.26
C ARG A 11 -14.38 -5.66 -0.20
N ARG A 12 -14.14 -6.93 -0.51
CA ARG A 12 -13.49 -7.83 0.42
C ARG A 12 -12.08 -7.35 0.73
N PHE A 13 -11.37 -6.89 -0.29
CA PHE A 13 -10.03 -6.35 -0.08
C PHE A 13 -10.10 -5.14 0.84
N ASP A 14 -11.09 -4.28 0.57
CA ASP A 14 -11.30 -3.06 1.35
C ASP A 14 -11.50 -3.34 2.84
N THR A 15 -12.21 -4.42 3.16
CA THR A 15 -12.61 -4.66 4.54
C THR A 15 -11.76 -5.75 5.21
N GLU A 16 -11.38 -6.78 4.47
CA GLU A 16 -10.70 -7.92 5.07
C GLU A 16 -9.17 -7.80 5.00
N PHE A 17 -8.64 -7.37 3.87
CA PHE A 17 -7.20 -7.43 3.65
C PHE A 17 -6.51 -6.08 3.82
N ALA A 18 -7.10 -5.03 3.25
CA ALA A 18 -6.51 -3.70 3.28
C ALA A 18 -6.13 -3.23 4.69
N PRO A 19 -7.04 -3.36 5.70
CA PRO A 19 -6.71 -2.97 7.09
C PRO A 19 -5.50 -3.73 7.62
N ARG A 20 -5.32 -4.97 7.15
CA ARG A 20 -4.21 -5.80 7.59
C ARG A 20 -2.89 -5.23 7.08
N ILE A 21 -2.92 -4.76 5.84
CA ILE A 21 -1.75 -4.18 5.22
C ILE A 21 -1.41 -2.85 5.88
N ALA A 22 -2.44 -2.03 6.08
CA ALA A 22 -2.28 -0.71 6.66
C ALA A 22 -1.66 -0.79 8.05
N ARG A 23 -2.13 -1.73 8.86
CA ARG A 23 -1.62 -1.91 10.21
C ARG A 23 -0.19 -2.44 10.18
N ALA A 24 0.07 -3.40 9.30
CA ALA A 24 1.40 -4.01 9.20
C ALA A 24 2.43 -2.97 8.81
N ILE A 25 2.11 -2.17 7.79
CA ILE A 25 3.01 -1.12 7.33
C ILE A 25 3.24 -0.09 8.43
N ALA A 26 2.16 0.29 9.10
CA ALA A 26 2.23 1.25 10.19
C ALA A 26 3.15 0.76 11.30
N ASP A 27 3.07 -0.53 11.57
CA ASP A 27 3.89 -1.14 12.62
C ASP A 27 5.35 -1.21 12.21
N LEU A 28 5.59 -1.44 10.92
CA LEU A 28 6.95 -1.55 10.40
C LEU A 28 7.66 -0.21 10.54
N LEU A 29 6.91 0.86 10.30
CA LEU A 29 7.44 2.21 10.37
C LEU A 29 7.36 2.77 11.79
N ASN A 30 7.07 1.89 12.76
CA ASN A 30 6.97 2.26 14.17
C ASN A 30 5.96 3.39 14.38
N HIS A 31 4.96 3.42 13.51
CA HIS A 31 3.89 4.42 13.56
C HIS A 31 4.42 5.85 13.41
N ARG A 32 5.61 5.99 12.83
CA ARG A 32 6.16 7.32 12.59
C ARG A 32 5.45 7.95 11.39
N ALA A 33 4.90 7.10 10.54
CA ALA A 33 4.07 7.53 9.44
C ALA A 33 2.67 6.96 9.62
N HIS A 34 1.67 7.64 9.09
CA HIS A 34 0.30 7.21 9.26
C HIS A 34 -0.22 6.56 7.99
N THR A 35 -0.92 5.47 8.14
CA THR A 35 -1.47 4.74 7.02
C THR A 35 -2.99 4.83 6.99
N ASP A 36 -3.54 5.03 5.81
CA ASP A 36 -4.99 5.18 5.65
C ASP A 36 -5.46 4.43 4.42
N VAL A 37 -6.45 3.57 4.61
CA VAL A 37 -6.97 2.77 3.51
C VAL A 37 -7.87 3.60 2.61
N VAL A 38 -7.60 3.54 1.31
CA VAL A 38 -8.40 4.24 0.33
C VAL A 38 -9.46 3.30 -0.21
N GLY A 39 -10.72 3.65 0.04
CA GLY A 39 -11.81 2.78 -0.35
C GLY A 39 -11.94 2.63 -1.84
N TYR A 40 -12.64 1.58 -2.26
CA TYR A 40 -12.83 1.29 -3.67
C TYR A 40 -13.75 2.33 -4.32
N GLY A 41 -13.32 2.83 -5.47
CA GLY A 41 -14.13 3.76 -6.22
C GLY A 41 -14.94 3.03 -7.28
N GLY A 42 -16.26 3.13 -7.19
CA GLY A 42 -17.13 2.35 -8.05
C GLY A 42 -17.07 2.77 -9.51
N HIS A 43 -16.57 3.98 -9.76
CA HIS A 43 -16.45 4.47 -11.14
C HIS A 43 -15.27 3.81 -11.83
N GLY A 44 -14.28 3.41 -11.06
CA GLY A 44 -13.12 2.76 -11.63
C GLY A 44 -11.83 3.12 -10.91
N HIS A 45 -11.85 3.03 -9.58
CA HIS A 45 -10.65 3.29 -8.79
C HIS A 45 -10.39 2.12 -7.86
N PRO A 46 -9.38 1.30 -8.19
CA PRO A 46 -8.99 0.15 -7.37
C PRO A 46 -8.61 0.55 -5.94
N THR A 47 -8.94 -0.32 -5.00
CA THR A 47 -8.61 -0.09 -3.60
C THR A 47 -7.09 -0.02 -3.41
N GLN A 48 -6.64 0.83 -2.51
CA GLN A 48 -5.22 1.03 -2.28
C GLN A 48 -5.00 1.62 -0.89
N VAL A 49 -3.77 1.59 -0.42
CA VAL A 49 -3.46 2.16 0.89
C VAL A 49 -2.45 3.30 0.75
N ARG A 50 -2.82 4.46 1.28
CA ARG A 50 -1.95 5.62 1.26
C ARG A 50 -1.18 5.76 2.56
N ILE A 51 0.12 5.96 2.43
CA ILE A 51 0.99 6.15 3.56
C ILE A 51 1.47 7.60 3.58
N VAL A 52 1.07 8.33 4.60
CA VAL A 52 1.38 9.74 4.70
C VAL A 52 2.27 10.01 5.91
N ALA A 53 3.34 10.76 5.70
CA ALA A 53 4.24 11.11 6.78
C ALA A 53 4.22 12.62 7.03
N PRO A 54 3.45 13.06 8.03
CA PRO A 54 3.35 14.48 8.37
C PRO A 54 4.61 14.99 9.07
N HIS A 55 5.21 16.03 8.52
CA HIS A 55 6.43 16.59 9.09
C HIS A 55 6.32 18.10 9.27
N ALA A 56 5.33 18.69 8.60
CA ALA A 56 5.09 20.15 8.63
C ALA A 56 6.29 20.93 8.12
N GLU A 57 7.28 21.12 8.98
CA GLU A 57 8.46 21.87 8.64
C GLU A 57 9.49 20.95 7.97
N HIS A 58 10.41 21.55 7.24
CA HIS A 58 11.45 20.80 6.54
C HIS A 58 12.79 21.51 6.63
N VAL A 59 13.31 21.61 7.85
CA VAL A 59 14.59 22.26 8.09
C VAL A 59 15.70 21.53 7.34
N ARG A 60 16.20 22.18 6.28
CA ARG A 60 17.22 21.59 5.41
C ARG A 60 16.66 20.35 4.71
N GLY A 61 15.35 20.31 4.55
CA GLY A 61 14.70 19.16 3.94
C GLY A 61 13.92 19.55 2.72
N TYR A 62 13.60 18.58 1.88
CA TYR A 62 12.88 18.85 0.64
C TYR A 62 11.46 19.30 0.93
N ALA A 63 10.97 20.25 0.14
CA ALA A 63 9.61 20.73 0.28
C ALA A 63 8.64 19.82 -0.45
N HIS A 64 8.82 18.52 -0.25
CA HIS A 64 8.01 17.51 -0.91
C HIS A 64 7.34 16.64 0.15
N PRO A 65 6.01 16.70 0.24
CA PRO A 65 5.25 15.91 1.21
C PRO A 65 5.29 14.43 0.86
N LEU A 66 5.40 13.58 1.88
CA LEU A 66 5.46 12.15 1.64
C LEU A 66 4.06 11.58 1.54
N ASN A 67 3.74 11.06 0.36
CA ASN A 67 2.44 10.47 0.09
C ASN A 67 2.62 9.28 -0.84
N LEU A 68 2.54 8.09 -0.28
CA LEU A 68 2.75 6.88 -1.04
C LEU A 68 1.44 6.12 -1.21
N ALA A 69 1.11 5.78 -2.45
CA ALA A 69 -0.10 5.04 -2.74
C ALA A 69 0.22 3.66 -3.28
N LEU A 70 -0.11 2.64 -2.50
CA LEU A 70 0.16 1.26 -2.89
C LEU A 70 -1.09 0.61 -3.44
N THR A 71 -1.07 0.28 -4.72
CA THR A 71 -2.18 -0.44 -5.33
C THR A 71 -1.66 -1.66 -6.09
N TRP A 72 -2.49 -2.70 -6.18
CA TRP A 72 -2.05 -3.98 -6.72
C TRP A 72 -2.89 -4.40 -7.90
N ASN A 73 -2.30 -5.23 -8.75
CA ASN A 73 -2.95 -5.76 -9.94
C ASN A 73 -4.17 -6.57 -9.57
N THR A 74 -5.26 -6.33 -10.31
CA THR A 74 -6.54 -6.97 -10.06
C THR A 74 -6.46 -8.49 -10.12
N ASP A 75 -5.52 -9.01 -10.91
CA ASP A 75 -5.29 -10.46 -10.99
C ASP A 75 -4.92 -11.00 -9.62
N GLU A 76 -3.95 -10.37 -9.00
CA GLU A 76 -3.50 -10.77 -7.67
C GLU A 76 -4.58 -10.54 -6.62
N ILE A 77 -5.33 -9.46 -6.74
CA ILE A 77 -6.49 -9.23 -5.88
C ILE A 77 -7.49 -10.39 -6.00
N GLU A 78 -7.72 -10.84 -7.23
CA GLU A 78 -8.61 -11.97 -7.49
C GLU A 78 -8.03 -13.26 -6.90
N ARG A 79 -6.70 -13.35 -6.94
CA ARG A 79 -5.99 -14.51 -6.40
C ARG A 79 -6.35 -14.75 -4.93
N LEU A 80 -6.70 -13.68 -4.23
CA LEU A 80 -7.01 -13.75 -2.80
C LEU A 80 -8.28 -14.57 -2.55
N MET A 81 -9.07 -14.78 -3.60
CA MET A 81 -10.27 -15.61 -3.50
C MET A 81 -9.92 -17.09 -3.48
N GLU A 82 -8.72 -17.41 -3.92
CA GLU A 82 -8.26 -18.79 -3.93
C GLU A 82 -7.65 -19.16 -2.59
N ALA A 83 -7.66 -20.44 -2.24
CA ALA A 83 -7.07 -20.90 -0.98
C ALA A 83 -5.60 -20.52 -0.90
N ASP A 84 -4.87 -20.80 -1.98
CA ASP A 84 -3.44 -20.48 -2.06
C ASP A 84 -3.24 -18.97 -2.18
N GLY A 85 -4.33 -18.24 -2.35
CA GLY A 85 -4.26 -16.81 -2.45
C GLY A 85 -4.12 -16.18 -1.09
N ALA A 86 -5.01 -16.55 -0.17
CA ALA A 86 -4.90 -16.14 1.23
C ALA A 86 -3.54 -16.53 1.81
N ALA A 87 -3.05 -17.70 1.42
CA ALA A 87 -1.73 -18.16 1.85
C ALA A 87 -0.63 -17.25 1.30
N ARG A 88 -0.85 -16.75 0.10
CA ARG A 88 0.12 -15.86 -0.53
C ARG A 88 0.16 -14.53 0.21
N PHE A 89 -1.01 -14.12 0.71
CA PHE A 89 -1.13 -12.90 1.49
C PHE A 89 -0.29 -13.00 2.76
N GLU A 90 -0.32 -14.17 3.40
CA GLU A 90 0.43 -14.40 4.62
C GLU A 90 1.92 -14.28 4.34
N ARG A 91 2.35 -14.84 3.23
CA ARG A 91 3.76 -14.81 2.88
C ARG A 91 4.17 -13.41 2.44
N TYR A 92 3.22 -12.65 1.91
CA TYR A 92 3.47 -11.29 1.46
C TYR A 92 3.72 -10.38 2.66
N LEU A 93 3.13 -10.73 3.80
CA LEU A 93 3.34 -9.98 5.03
C LEU A 93 4.81 -10.05 5.44
N ALA A 94 5.45 -11.17 5.16
CA ALA A 94 6.87 -11.33 5.43
C ALA A 94 7.72 -10.58 4.42
N ALA A 95 7.14 -10.30 3.26
CA ALA A 95 7.88 -9.64 2.19
C ALA A 95 7.64 -8.13 2.20
N LEU A 96 6.70 -7.69 3.03
CA LEU A 96 6.36 -6.26 3.13
C LEU A 96 7.59 -5.40 3.41
N PRO A 97 8.37 -5.68 4.49
CA PRO A 97 9.56 -4.89 4.82
C PRO A 97 10.63 -5.00 3.72
N ARG A 98 10.62 -6.11 3.00
CA ARG A 98 11.61 -6.35 1.95
C ARG A 98 11.32 -5.44 0.75
N LYS A 99 10.04 -5.28 0.45
CA LYS A 99 9.62 -4.40 -0.63
C LYS A 99 9.74 -2.96 -0.19
N LEU A 100 9.44 -2.71 1.08
CA LEU A 100 9.51 -1.38 1.68
C LEU A 100 10.90 -0.79 1.51
N ALA A 101 11.91 -1.57 1.86
CA ALA A 101 13.30 -1.13 1.74
C ALA A 101 13.65 -0.85 0.29
N ALA A 102 13.02 -1.60 -0.60
CA ALA A 102 13.28 -1.47 -2.02
C ALA A 102 12.70 -0.18 -2.57
N TRP A 103 11.51 0.18 -2.10
CA TRP A 103 10.84 1.38 -2.56
C TRP A 103 11.58 2.63 -2.11
N GLU A 104 12.06 2.62 -0.86
CA GLU A 104 12.77 3.78 -0.32
C GLU A 104 13.97 4.14 -1.19
N ASN A 105 14.81 3.14 -1.47
CA ASN A 105 16.03 3.35 -2.23
C ASN A 105 15.76 3.64 -3.69
N ALA A 106 14.66 3.12 -4.22
CA ALA A 106 14.34 3.30 -5.62
C ALA A 106 13.69 4.65 -5.91
N ARG A 107 12.69 5.01 -5.10
CA ARG A 107 11.89 6.19 -5.40
C ARG A 107 12.34 7.42 -4.60
N GLY A 108 13.45 7.27 -3.88
CA GLY A 108 13.96 8.38 -3.09
C GLY A 108 13.02 8.75 -1.96
N VAL A 109 12.61 7.74 -1.22
CA VAL A 109 11.66 7.93 -0.14
C VAL A 109 12.35 7.65 1.19
N ASP A 110 12.19 8.54 2.15
CA ASP A 110 12.84 8.37 3.44
C ASP A 110 11.88 8.71 4.56
N PHE A 111 11.49 7.71 5.33
CA PHE A 111 10.50 7.88 6.38
C PHE A 111 11.08 8.56 7.62
N GLY A 112 12.40 8.65 7.68
CA GLY A 112 13.04 9.38 8.76
C GLY A 112 12.92 10.88 8.56
N SER A 113 13.19 11.31 7.33
CA SER A 113 13.10 12.72 6.97
C SER A 113 11.65 13.09 6.71
N ARG A 114 10.82 12.08 6.46
CA ARG A 114 9.39 12.24 6.23
C ARG A 114 9.13 13.03 4.94
N THR A 115 10.08 12.98 4.03
CA THR A 115 9.98 13.66 2.75
C THR A 115 10.37 12.71 1.63
N GLN A 116 10.30 13.19 0.39
CA GLN A 116 10.65 12.37 -0.75
C GLN A 116 11.37 13.19 -1.81
N ALA A 117 12.28 12.55 -2.52
CA ALA A 117 13.04 13.19 -3.59
C ALA A 117 12.21 13.26 -4.87
N ASP A 118 11.17 12.45 -4.92
CA ASP A 118 10.28 12.41 -6.08
C ASP A 118 9.19 13.47 -5.90
N ALA A 119 8.41 13.72 -6.94
CA ALA A 119 7.31 14.66 -6.85
C ALA A 119 6.14 14.02 -6.13
N LEU A 120 5.89 12.77 -6.46
CA LEU A 120 4.83 11.97 -5.86
C LEU A 120 5.05 10.51 -6.20
N VAL A 121 4.79 9.62 -5.25
CA VAL A 121 5.08 8.22 -5.47
C VAL A 121 3.80 7.38 -5.41
N LEU A 122 3.18 7.20 -6.56
CA LEU A 122 2.01 6.36 -6.69
C LEU A 122 2.40 5.05 -7.35
N LEU A 123 2.45 3.98 -6.57
CA LEU A 123 2.93 2.70 -7.06
C LEU A 123 1.79 1.82 -7.51
N GLY A 124 1.70 1.61 -8.81
CA GLY A 124 0.72 0.71 -9.37
C GLY A 124 1.37 -0.45 -10.07
N GLY A 125 0.60 -1.48 -10.37
CA GLY A 125 1.15 -2.65 -11.04
C GLY A 125 1.90 -3.57 -10.10
N LEU A 126 1.68 -3.40 -8.80
CA LEU A 126 2.31 -4.25 -7.81
C LEU A 126 1.62 -5.62 -7.77
N ASP A 127 2.37 -6.63 -7.36
CA ASP A 127 1.85 -7.99 -7.29
C ASP A 127 2.11 -8.56 -5.91
N PHE A 128 1.49 -9.68 -5.61
CA PHE A 128 1.64 -10.31 -4.30
C PHE A 128 2.68 -11.42 -4.36
N GLU A 129 3.66 -11.24 -5.22
CA GLU A 129 4.75 -12.19 -5.36
C GLU A 129 5.72 -12.04 -4.21
N ALA A 130 5.78 -13.04 -3.35
CA ALA A 130 6.63 -13.00 -2.17
C ALA A 130 7.81 -13.97 -2.32
N GLY A 1 -16.03 -13.70 -15.74
CA GLY A 1 -16.76 -12.45 -15.39
C GLY A 1 -15.83 -11.26 -15.31
N ALA A 2 -16.39 -10.06 -15.26
CA ALA A 2 -15.61 -8.84 -15.21
C ALA A 2 -15.04 -8.62 -13.81
N MET A 3 -14.09 -9.46 -13.43
CA MET A 3 -13.50 -9.42 -12.09
C MET A 3 -12.42 -8.35 -12.00
N GLY A 4 -12.44 -7.40 -12.93
CA GLY A 4 -11.56 -6.27 -12.86
C GLY A 4 -12.18 -5.12 -12.10
N MET A 5 -13.48 -5.20 -11.93
CA MET A 5 -14.23 -4.18 -11.19
C MET A 5 -15.29 -4.84 -10.31
N SER A 6 -15.03 -6.09 -9.96
CA SER A 6 -15.97 -6.89 -9.18
C SER A 6 -16.15 -6.30 -7.77
N PRO A 7 -17.39 -5.87 -7.44
CA PRO A 7 -17.68 -5.26 -6.14
C PRO A 7 -17.44 -6.23 -5.00
N ASP A 8 -17.71 -7.50 -5.22
CA ASP A 8 -17.47 -8.54 -4.21
C ASP A 8 -15.98 -8.63 -3.89
N THR A 9 -15.17 -8.78 -4.92
CA THR A 9 -13.73 -8.87 -4.76
C THR A 9 -13.16 -7.60 -4.15
N ALA A 10 -13.57 -6.46 -4.70
CA ALA A 10 -13.08 -5.17 -4.22
C ALA A 10 -13.44 -4.92 -2.77
N ARG A 11 -14.65 -5.32 -2.38
CA ARG A 11 -15.12 -5.12 -1.00
C ARG A 11 -14.31 -5.97 -0.04
N ARG A 12 -14.06 -7.23 -0.41
CA ARG A 12 -13.32 -8.14 0.46
C ARG A 12 -11.88 -7.66 0.64
N PHE A 13 -11.31 -7.08 -0.40
CA PHE A 13 -9.96 -6.54 -0.32
C PHE A 13 -9.93 -5.34 0.60
N ASP A 14 -10.89 -4.44 0.42
CA ASP A 14 -11.00 -3.21 1.21
C ASP A 14 -11.23 -3.51 2.68
N THR A 15 -11.99 -4.56 2.97
CA THR A 15 -12.38 -4.86 4.33
C THR A 15 -11.35 -5.71 5.08
N GLU A 16 -10.87 -6.78 4.46
CA GLU A 16 -10.02 -7.72 5.16
C GLU A 16 -8.53 -7.47 4.90
N PHE A 17 -8.18 -7.25 3.65
CA PHE A 17 -6.77 -7.25 3.25
C PHE A 17 -6.12 -5.89 3.41
N ALA A 18 -6.75 -4.86 2.88
CA ALA A 18 -6.18 -3.52 2.89
C ALA A 18 -5.88 -3.01 4.31
N PRO A 19 -6.83 -3.09 5.27
CA PRO A 19 -6.59 -2.66 6.66
C PRO A 19 -5.54 -3.52 7.35
N ARG A 20 -5.33 -4.72 6.82
CA ARG A 20 -4.34 -5.63 7.36
C ARG A 20 -2.95 -5.16 6.97
N ILE A 21 -2.79 -4.81 5.70
CA ILE A 21 -1.52 -4.30 5.21
C ILE A 21 -1.22 -2.94 5.82
N ALA A 22 -2.25 -2.10 5.87
CA ALA A 22 -2.12 -0.75 6.39
C ALA A 22 -1.58 -0.73 7.82
N ARG A 23 -2.17 -1.55 8.67
CA ARG A 23 -1.77 -1.61 10.07
C ARG A 23 -0.41 -2.27 10.22
N ALA A 24 -0.12 -3.25 9.36
CA ALA A 24 1.17 -3.92 9.39
C ALA A 24 2.30 -2.93 9.10
N ILE A 25 2.10 -2.11 8.08
CA ILE A 25 3.06 -1.10 7.71
C ILE A 25 3.21 -0.05 8.79
N ALA A 26 2.08 0.46 9.28
CA ALA A 26 2.08 1.49 10.31
C ALA A 26 2.76 0.99 11.58
N ASP A 27 2.50 -0.27 11.92
CA ASP A 27 3.08 -0.89 13.10
C ASP A 27 4.57 -1.07 12.92
N LEU A 28 4.98 -1.41 11.70
CA LEU A 28 6.39 -1.64 11.38
C LEU A 28 7.16 -0.33 11.50
N LEU A 29 6.52 0.77 11.12
CA LEU A 29 7.17 2.07 11.12
C LEU A 29 7.03 2.76 12.48
N ASN A 30 6.48 2.02 13.45
CA ASN A 30 6.25 2.55 14.81
C ASN A 30 5.36 3.79 14.76
N HIS A 31 4.46 3.81 13.77
CA HIS A 31 3.53 4.93 13.57
C HIS A 31 4.24 6.24 13.21
N ARG A 32 5.42 6.14 12.60
CA ARG A 32 6.08 7.33 12.06
C ARG A 32 5.28 7.87 10.88
N ALA A 33 4.61 6.96 10.21
CA ALA A 33 3.72 7.31 9.11
C ALA A 33 2.37 6.64 9.34
N HIS A 34 1.32 7.32 8.91
CA HIS A 34 -0.03 6.81 9.07
C HIS A 34 -0.55 6.32 7.73
N THR A 35 -1.31 5.25 7.75
CA THR A 35 -1.83 4.68 6.53
C THR A 35 -3.34 4.84 6.46
N ASP A 36 -3.83 5.13 5.27
CA ASP A 36 -5.25 5.37 5.07
C ASP A 36 -5.76 4.52 3.92
N VAL A 37 -6.70 3.64 4.23
CA VAL A 37 -7.24 2.73 3.23
C VAL A 37 -8.27 3.42 2.35
N VAL A 38 -7.90 3.71 1.12
CA VAL A 38 -8.81 4.28 0.14
C VAL A 38 -9.61 3.15 -0.50
N GLY A 39 -10.91 3.11 -0.21
CA GLY A 39 -11.76 2.08 -0.76
C GLY A 39 -12.11 2.34 -2.21
N TYR A 40 -12.68 1.33 -2.87
CA TYR A 40 -13.07 1.46 -4.26
C TYR A 40 -14.18 2.49 -4.40
N GLY A 41 -13.95 3.52 -5.18
CA GLY A 41 -14.91 4.60 -5.29
C GLY A 41 -15.59 4.64 -6.64
N GLY A 42 -16.79 4.07 -6.72
CA GLY A 42 -17.58 4.11 -7.94
C GLY A 42 -16.97 3.29 -9.05
N HIS A 43 -16.14 3.92 -9.86
CA HIS A 43 -15.47 3.25 -10.95
C HIS A 43 -14.26 4.08 -11.38
N GLY A 44 -13.16 3.42 -11.69
CA GLY A 44 -11.95 4.15 -12.05
C GLY A 44 -11.08 4.44 -10.84
N HIS A 45 -11.61 4.14 -9.66
CA HIS A 45 -10.88 4.33 -8.42
C HIS A 45 -10.65 3.01 -7.72
N PRO A 46 -9.52 2.34 -8.03
CA PRO A 46 -9.17 1.06 -7.41
C PRO A 46 -8.75 1.25 -5.95
N THR A 47 -9.00 0.22 -5.15
CA THR A 47 -8.62 0.24 -3.74
C THR A 47 -7.11 0.40 -3.60
N GLN A 48 -6.69 1.31 -2.73
CA GLN A 48 -5.28 1.61 -2.56
C GLN A 48 -5.02 2.11 -1.15
N VAL A 49 -3.87 1.78 -0.60
CA VAL A 49 -3.52 2.26 0.72
C VAL A 49 -2.44 3.33 0.62
N ARG A 50 -2.74 4.50 1.14
CA ARG A 50 -1.81 5.61 1.08
C ARG A 50 -1.09 5.77 2.41
N ILE A 51 0.22 5.93 2.33
CA ILE A 51 1.05 6.10 3.51
C ILE A 51 1.53 7.54 3.58
N VAL A 52 1.06 8.26 4.57
CA VAL A 52 1.39 9.67 4.73
C VAL A 52 2.15 9.88 6.03
N ALA A 53 3.20 10.67 5.98
CA ALA A 53 4.00 10.95 7.16
C ALA A 53 3.75 12.36 7.66
N PRO A 54 2.89 12.51 8.69
CA PRO A 54 2.58 13.81 9.27
C PRO A 54 3.62 14.23 10.30
N HIS A 55 3.34 15.32 11.00
CA HIS A 55 4.24 15.87 12.01
C HIS A 55 5.61 16.16 11.39
N ALA A 56 5.59 16.82 10.24
CA ALA A 56 6.82 17.20 9.57
C ALA A 56 7.41 18.43 10.23
N GLU A 57 8.10 18.22 11.34
CA GLU A 57 8.63 19.31 12.14
C GLU A 57 10.11 19.50 11.85
N HIS A 58 10.82 18.38 11.69
CA HIS A 58 12.25 18.40 11.45
C HIS A 58 12.54 18.12 9.99
N VAL A 59 12.32 19.13 9.15
CA VAL A 59 12.52 18.97 7.71
C VAL A 59 13.53 19.99 7.19
N ARG A 60 14.76 19.53 7.00
CA ARG A 60 15.79 20.33 6.37
C ARG A 60 16.45 19.53 5.25
N GLY A 61 15.74 19.38 4.15
CA GLY A 61 16.26 18.63 3.03
C GLY A 61 15.34 18.71 1.84
N TYR A 62 14.46 17.72 1.69
CA TYR A 62 13.47 17.73 0.64
C TYR A 62 12.15 18.25 1.19
N ALA A 63 11.62 19.30 0.58
CA ALA A 63 10.38 19.92 1.07
C ALA A 63 9.16 19.20 0.54
N HIS A 64 9.18 17.88 0.59
CA HIS A 64 8.06 17.07 0.15
C HIS A 64 7.80 15.94 1.14
N PRO A 65 6.67 16.00 1.85
CA PRO A 65 6.28 14.97 2.83
C PRO A 65 5.95 13.65 2.15
N LEU A 66 6.20 12.56 2.86
CA LEU A 66 5.93 11.22 2.34
C LEU A 66 4.44 11.03 2.05
N ASN A 67 4.15 10.73 0.79
CA ASN A 67 2.79 10.41 0.37
C ASN A 67 2.83 9.33 -0.69
N LEU A 68 2.72 8.09 -0.25
CA LEU A 68 2.82 6.93 -1.13
C LEU A 68 1.47 6.26 -1.31
N ALA A 69 1.13 5.94 -2.56
CA ALA A 69 -0.09 5.22 -2.84
C ALA A 69 0.20 3.84 -3.38
N LEU A 70 -0.15 2.83 -2.60
CA LEU A 70 0.09 1.45 -2.97
C LEU A 70 -1.19 0.78 -3.45
N THR A 71 -1.21 0.39 -4.72
CA THR A 71 -2.31 -0.39 -5.25
C THR A 71 -1.79 -1.62 -5.97
N TRP A 72 -2.60 -2.68 -5.96
CA TRP A 72 -2.18 -3.97 -6.51
C TRP A 72 -3.12 -4.41 -7.62
N ASN A 73 -2.58 -5.17 -8.55
CA ASN A 73 -3.33 -5.68 -9.69
C ASN A 73 -4.53 -6.50 -9.23
N THR A 74 -5.69 -6.17 -9.80
CA THR A 74 -6.95 -6.78 -9.41
C THR A 74 -6.94 -8.29 -9.64
N ASP A 75 -6.14 -8.75 -10.62
CA ASP A 75 -5.96 -10.18 -10.86
C ASP A 75 -5.44 -10.87 -9.61
N GLU A 76 -4.39 -10.29 -9.03
CA GLU A 76 -3.82 -10.77 -7.77
C GLU A 76 -4.89 -10.81 -6.68
N ILE A 77 -5.66 -9.73 -6.59
CA ILE A 77 -6.71 -9.61 -5.58
C ILE A 77 -7.73 -10.74 -5.70
N GLU A 78 -8.13 -11.04 -6.93
CA GLU A 78 -9.09 -12.10 -7.21
C GLU A 78 -8.57 -13.45 -6.72
N ARG A 79 -7.28 -13.69 -6.92
CA ARG A 79 -6.67 -14.95 -6.50
C ARG A 79 -6.62 -15.06 -4.97
N LEU A 80 -6.56 -13.91 -4.29
CA LEU A 80 -6.47 -13.89 -2.83
C LEU A 80 -7.71 -14.51 -2.18
N MET A 81 -8.76 -14.66 -2.97
CA MET A 81 -10.02 -15.21 -2.47
C MET A 81 -9.98 -16.74 -2.36
N GLU A 82 -8.84 -17.34 -2.66
CA GLU A 82 -8.70 -18.78 -2.57
C GLU A 82 -7.62 -19.17 -1.56
N ALA A 83 -7.51 -20.47 -1.25
CA ALA A 83 -6.59 -20.96 -0.22
C ALA A 83 -5.15 -20.50 -0.45
N ASP A 84 -4.55 -20.89 -1.57
CA ASP A 84 -3.18 -20.49 -1.87
C ASP A 84 -3.10 -19.01 -2.15
N GLY A 85 -4.24 -18.38 -2.33
CA GLY A 85 -4.28 -16.95 -2.55
C GLY A 85 -4.00 -16.21 -1.26
N ALA A 86 -4.72 -16.56 -0.21
CA ALA A 86 -4.46 -16.02 1.11
C ALA A 86 -3.06 -16.39 1.59
N ALA A 87 -2.58 -17.53 1.13
CA ALA A 87 -1.22 -17.98 1.44
C ALA A 87 -0.19 -17.05 0.80
N ARG A 88 -0.53 -16.49 -0.35
CA ARG A 88 0.33 -15.53 -1.03
C ARG A 88 0.37 -14.24 -0.22
N PHE A 89 -0.78 -13.89 0.35
CA PHE A 89 -0.91 -12.70 1.17
C PHE A 89 0.00 -12.77 2.39
N GLU A 90 0.01 -13.92 3.06
CA GLU A 90 0.84 -14.11 4.25
C GLU A 90 2.32 -14.04 3.87
N ARG A 91 2.65 -14.65 2.74
CA ARG A 91 4.01 -14.69 2.25
C ARG A 91 4.51 -13.28 1.93
N TYR A 92 3.59 -12.44 1.48
CA TYR A 92 3.93 -11.07 1.10
C TYR A 92 4.09 -10.20 2.35
N LEU A 93 3.30 -10.48 3.38
CA LEU A 93 3.34 -9.69 4.61
C LEU A 93 4.72 -9.79 5.26
N ALA A 94 5.27 -11.00 5.30
CA ALA A 94 6.59 -11.19 5.88
C ALA A 94 7.68 -10.57 5.01
N ALA A 95 7.34 -10.30 3.76
CA ALA A 95 8.30 -9.74 2.81
C ALA A 95 8.20 -8.22 2.75
N LEU A 96 7.22 -7.66 3.46
CA LEU A 96 7.01 -6.21 3.50
C LEU A 96 8.29 -5.42 3.79
N PRO A 97 9.11 -5.80 4.81
CA PRO A 97 10.38 -5.11 5.10
C PRO A 97 11.29 -5.01 3.88
N ARG A 98 11.34 -6.08 3.10
CA ARG A 98 12.19 -6.12 1.90
C ARG A 98 11.62 -5.26 0.79
N LYS A 99 10.30 -5.24 0.69
CA LYS A 99 9.63 -4.44 -0.33
C LYS A 99 9.76 -2.96 0.02
N LEU A 100 9.62 -2.67 1.30
CA LEU A 100 9.72 -1.33 1.82
C LEU A 100 11.09 -0.74 1.52
N ALA A 101 12.13 -1.49 1.88
CA ALA A 101 13.50 -1.06 1.66
C ALA A 101 13.78 -0.85 0.18
N ALA A 102 13.11 -1.66 -0.65
CA ALA A 102 13.26 -1.56 -2.09
C ALA A 102 12.65 -0.27 -2.62
N TRP A 103 11.43 0.03 -2.19
CA TRP A 103 10.75 1.24 -2.64
C TRP A 103 11.51 2.49 -2.21
N GLU A 104 12.10 2.44 -1.01
CA GLU A 104 12.89 3.55 -0.50
C GLU A 104 14.06 3.84 -1.43
N ASN A 105 14.83 2.81 -1.75
CA ASN A 105 16.03 2.96 -2.56
C ASN A 105 15.70 3.27 -4.01
N ALA A 106 14.63 2.68 -4.52
CA ALA A 106 14.31 2.80 -5.94
C ALA A 106 13.61 4.13 -6.25
N ARG A 107 12.60 4.46 -5.45
CA ARG A 107 11.75 5.61 -5.77
C ARG A 107 12.21 6.88 -5.06
N GLY A 108 13.27 6.77 -4.26
CA GLY A 108 13.80 7.93 -3.59
C GLY A 108 12.93 8.38 -2.44
N VAL A 109 12.61 7.45 -1.56
CA VAL A 109 11.71 7.72 -0.44
C VAL A 109 12.43 7.42 0.87
N ASP A 110 12.24 8.29 1.87
CA ASP A 110 12.91 8.09 3.15
C ASP A 110 11.89 8.16 4.28
N PHE A 111 11.43 6.98 4.71
CA PHE A 111 10.41 6.88 5.75
C PHE A 111 10.92 7.40 7.09
N GLY A 112 12.23 7.38 7.28
CA GLY A 112 12.81 7.84 8.53
C GLY A 112 12.76 9.34 8.66
N SER A 113 12.91 10.04 7.55
CA SER A 113 12.91 11.49 7.55
C SER A 113 11.53 12.03 7.21
N ARG A 114 10.59 11.11 6.96
CA ARG A 114 9.19 11.46 6.68
C ARG A 114 9.08 12.29 5.39
N THR A 115 10.09 12.18 4.54
CA THR A 115 10.16 12.98 3.33
C THR A 115 10.53 12.12 2.12
N GLN A 116 10.40 12.69 0.94
CA GLN A 116 10.67 11.97 -0.29
C GLN A 116 11.30 12.88 -1.32
N ALA A 117 12.18 12.32 -2.15
CA ALA A 117 12.89 13.09 -3.16
C ALA A 117 12.09 13.18 -4.46
N ASP A 118 10.86 12.70 -4.39
CA ASP A 118 9.98 12.71 -5.55
C ASP A 118 8.86 13.73 -5.34
N ALA A 119 8.17 14.08 -6.40
CA ALA A 119 7.05 15.00 -6.31
C ALA A 119 5.86 14.31 -5.66
N LEU A 120 5.62 13.07 -6.08
CA LEU A 120 4.51 12.27 -5.58
C LEU A 120 4.71 10.84 -6.04
N VAL A 121 4.63 9.88 -5.13
CA VAL A 121 4.97 8.51 -5.48
C VAL A 121 3.73 7.62 -5.45
N LEU A 122 3.14 7.43 -6.61
CA LEU A 122 1.97 6.58 -6.75
C LEU A 122 2.35 5.29 -7.48
N LEU A 123 2.41 4.20 -6.73
CA LEU A 123 2.87 2.93 -7.30
C LEU A 123 1.70 2.04 -7.69
N GLY A 124 1.52 1.86 -8.99
CA GLY A 124 0.51 0.96 -9.49
C GLY A 124 1.13 -0.23 -10.18
N GLY A 125 0.31 -1.23 -10.50
CA GLY A 125 0.80 -2.42 -11.19
C GLY A 125 1.58 -3.35 -10.28
N LEU A 126 1.39 -3.22 -8.97
CA LEU A 126 2.06 -4.10 -8.02
C LEU A 126 1.43 -5.48 -8.01
N ASP A 127 2.23 -6.49 -7.70
CA ASP A 127 1.78 -7.87 -7.65
C ASP A 127 2.15 -8.44 -6.29
N PHE A 128 1.69 -9.66 -6.01
CA PHE A 128 1.99 -10.28 -4.73
C PHE A 128 3.13 -11.27 -4.85
N GLU A 129 4.12 -10.89 -5.64
CA GLU A 129 5.35 -11.65 -5.76
C GLU A 129 6.28 -11.31 -4.61
N ALA A 130 6.55 -12.28 -3.76
CA ALA A 130 7.41 -12.07 -2.61
C ALA A 130 8.87 -12.25 -3.00
N GLY A 1 -14.85 -7.14 -20.10
CA GLY A 1 -15.62 -6.58 -21.23
C GLY A 1 -16.94 -5.99 -20.77
N ALA A 2 -17.81 -6.83 -20.24
CA ALA A 2 -19.10 -6.37 -19.76
C ALA A 2 -19.40 -6.98 -18.40
N MET A 3 -19.71 -6.12 -17.43
CA MET A 3 -20.06 -6.55 -16.07
C MET A 3 -18.91 -7.34 -15.44
N GLY A 4 -17.72 -6.78 -15.49
CA GLY A 4 -16.56 -7.42 -14.90
C GLY A 4 -16.12 -6.73 -13.63
N MET A 5 -17.09 -6.30 -12.83
CA MET A 5 -16.81 -5.58 -11.60
C MET A 5 -16.51 -6.54 -10.46
N SER A 6 -17.46 -7.44 -10.21
CA SER A 6 -17.36 -8.39 -9.11
C SER A 6 -17.25 -7.65 -7.77
N PRO A 7 -18.40 -7.13 -7.26
CA PRO A 7 -18.43 -6.41 -5.99
C PRO A 7 -17.97 -7.28 -4.81
N ASP A 8 -18.05 -8.59 -5.00
CA ASP A 8 -17.58 -9.53 -3.99
C ASP A 8 -16.07 -9.45 -3.85
N THR A 9 -15.38 -9.38 -4.97
CA THR A 9 -13.94 -9.27 -4.97
C THR A 9 -13.50 -7.96 -4.35
N ALA A 10 -14.10 -6.87 -4.80
CA ALA A 10 -13.79 -5.55 -4.30
C ALA A 10 -14.07 -5.44 -2.80
N ARG A 11 -15.20 -5.99 -2.38
CA ARG A 11 -15.63 -5.88 -0.99
C ARG A 11 -14.73 -6.66 -0.06
N ARG A 12 -14.44 -7.90 -0.41
CA ARG A 12 -13.65 -8.77 0.45
C ARG A 12 -12.22 -8.25 0.61
N PHE A 13 -11.66 -7.72 -0.46
CA PHE A 13 -10.32 -7.14 -0.38
C PHE A 13 -10.35 -5.88 0.47
N ASP A 14 -11.35 -5.03 0.22
CA ASP A 14 -11.51 -3.77 0.92
C ASP A 14 -11.71 -3.96 2.42
N THR A 15 -12.34 -5.06 2.80
CA THR A 15 -12.71 -5.29 4.18
C THR A 15 -11.71 -6.20 4.93
N GLU A 16 -11.23 -7.24 4.26
CA GLU A 16 -10.38 -8.22 4.93
C GLU A 16 -8.89 -7.93 4.73
N PHE A 17 -8.49 -7.64 3.50
CA PHE A 17 -7.08 -7.56 3.18
C PHE A 17 -6.52 -6.15 3.37
N ALA A 18 -7.21 -5.16 2.84
CA ALA A 18 -6.73 -3.77 2.87
C ALA A 18 -6.44 -3.28 4.30
N PRO A 19 -7.36 -3.49 5.28
CA PRO A 19 -7.11 -3.09 6.67
C PRO A 19 -5.89 -3.79 7.26
N ARG A 20 -5.63 -5.01 6.81
CA ARG A 20 -4.50 -5.78 7.31
C ARG A 20 -3.20 -5.26 6.73
N ILE A 21 -3.27 -4.74 5.51
CA ILE A 21 -2.10 -4.14 4.87
C ILE A 21 -1.69 -2.89 5.61
N ALA A 22 -2.65 -1.99 5.81
CA ALA A 22 -2.40 -0.72 6.47
C ALA A 22 -1.96 -0.92 7.91
N ARG A 23 -2.52 -1.92 8.57
CA ARG A 23 -2.19 -2.21 9.95
C ARG A 23 -0.76 -2.76 10.04
N ALA A 24 -0.38 -3.60 9.09
CA ALA A 24 0.95 -4.18 9.06
C ALA A 24 2.00 -3.11 8.81
N ILE A 25 1.71 -2.24 7.83
CA ILE A 25 2.60 -1.14 7.51
C ILE A 25 2.73 -0.18 8.69
N ALA A 26 1.59 0.14 9.30
CA ALA A 26 1.58 1.04 10.46
C ALA A 26 2.43 0.49 11.60
N ASP A 27 2.38 -0.82 11.77
CA ASP A 27 3.15 -1.49 12.81
C ASP A 27 4.63 -1.49 12.47
N LEU A 28 4.93 -1.75 11.20
CA LEU A 28 6.31 -1.84 10.73
C LEU A 28 6.99 -0.48 10.83
N LEU A 29 6.23 0.58 10.62
CA LEU A 29 6.76 1.93 10.71
C LEU A 29 6.70 2.45 12.14
N ASN A 30 6.28 1.57 13.06
CA ASN A 30 6.17 1.90 14.48
C ASN A 30 5.25 3.09 14.71
N HIS A 31 4.23 3.20 13.85
CA HIS A 31 3.24 4.27 13.93
C HIS A 31 3.88 5.66 13.87
N ARG A 32 4.97 5.78 13.13
CA ARG A 32 5.60 7.08 12.92
C ARG A 32 4.97 7.77 11.72
N ALA A 33 4.28 6.99 10.90
CA ALA A 33 3.59 7.50 9.74
C ALA A 33 2.12 7.07 9.77
N HIS A 34 1.27 7.84 9.12
CA HIS A 34 -0.16 7.59 9.14
C HIS A 34 -0.58 6.88 7.86
N THR A 35 -1.29 5.78 8.00
CA THR A 35 -1.74 5.03 6.84
C THR A 35 -3.26 5.12 6.72
N ASP A 36 -3.73 5.31 5.49
CA ASP A 36 -5.16 5.49 5.24
C ASP A 36 -5.64 4.53 4.17
N VAL A 37 -6.62 3.72 4.51
CA VAL A 37 -7.18 2.77 3.58
C VAL A 37 -8.31 3.42 2.77
N VAL A 38 -7.99 3.83 1.56
CA VAL A 38 -8.98 4.40 0.66
C VAL A 38 -9.89 3.30 0.14
N GLY A 39 -11.18 3.40 0.47
CA GLY A 39 -12.11 2.35 0.12
C GLY A 39 -12.46 2.31 -1.35
N TYR A 40 -12.97 1.17 -1.80
CA TYR A 40 -13.38 1.00 -3.18
C TYR A 40 -14.57 1.93 -3.46
N GLY A 41 -14.35 2.92 -4.31
CA GLY A 41 -15.37 3.91 -4.55
C GLY A 41 -16.25 3.56 -5.73
N GLY A 42 -15.73 2.74 -6.63
CA GLY A 42 -16.45 2.42 -7.85
C GLY A 42 -16.15 3.42 -8.94
N HIS A 43 -16.65 3.16 -10.14
CA HIS A 43 -16.40 4.04 -11.29
C HIS A 43 -14.90 4.23 -11.50
N GLY A 44 -14.16 3.13 -11.45
CA GLY A 44 -12.73 3.17 -11.70
C GLY A 44 -11.95 3.67 -10.50
N HIS A 45 -12.42 3.33 -9.31
CA HIS A 45 -11.73 3.73 -8.08
C HIS A 45 -11.53 2.52 -7.17
N PRO A 46 -10.41 1.82 -7.31
CA PRO A 46 -10.08 0.64 -6.52
C PRO A 46 -9.55 0.99 -5.13
N THR A 47 -9.61 0.02 -4.22
CA THR A 47 -9.07 0.18 -2.88
C THR A 47 -7.55 0.34 -2.91
N GLN A 48 -7.03 1.20 -2.06
CA GLN A 48 -5.59 1.47 -2.02
C GLN A 48 -5.20 2.00 -0.64
N VAL A 49 -3.97 1.81 -0.26
CA VAL A 49 -3.49 2.30 1.02
C VAL A 49 -2.39 3.35 0.81
N ARG A 50 -2.64 4.54 1.33
CA ARG A 50 -1.68 5.62 1.24
C ARG A 50 -0.96 5.83 2.55
N ILE A 51 0.33 6.11 2.48
CA ILE A 51 1.15 6.39 3.64
C ILE A 51 1.52 7.87 3.64
N VAL A 52 1.09 8.57 4.67
CA VAL A 52 1.30 10.01 4.76
C VAL A 52 2.03 10.36 6.05
N ALA A 53 2.95 11.33 5.96
CA ALA A 53 3.65 11.83 7.14
C ALA A 53 3.02 13.14 7.61
N PRO A 54 2.19 13.09 8.66
CA PRO A 54 1.46 14.27 9.15
C PRO A 54 2.32 15.22 9.97
N HIS A 55 3.57 14.85 10.16
CA HIS A 55 4.51 15.67 10.93
C HIS A 55 5.90 15.59 10.31
N ALA A 56 6.47 16.74 10.01
CA ALA A 56 7.80 16.81 9.42
C ALA A 56 8.88 16.53 10.47
N GLU A 57 9.88 15.75 10.09
CA GLU A 57 10.96 15.41 11.01
C GLU A 57 12.07 16.46 10.91
N HIS A 58 13.03 16.37 11.82
CA HIS A 58 14.12 17.34 11.92
C HIS A 58 15.21 17.11 10.87
N VAL A 59 14.82 16.55 9.72
CA VAL A 59 15.73 16.36 8.61
C VAL A 59 15.06 16.87 7.33
N ARG A 60 15.15 18.17 7.12
CA ARG A 60 14.49 18.80 5.98
C ARG A 60 15.40 18.87 4.77
N GLY A 61 16.02 17.75 4.45
CA GLY A 61 16.85 17.67 3.27
C GLY A 61 16.03 17.92 2.03
N TYR A 62 15.01 17.12 1.83
CA TYR A 62 14.08 17.32 0.72
C TYR A 62 12.79 17.93 1.26
N ALA A 63 12.28 18.94 0.55
CA ALA A 63 11.08 19.64 0.99
C ALA A 63 9.83 18.90 0.53
N HIS A 64 9.81 17.60 0.76
CA HIS A 64 8.68 16.77 0.37
C HIS A 64 8.42 15.70 1.42
N PRO A 65 7.29 15.81 2.14
CA PRO A 65 6.88 14.80 3.12
C PRO A 65 6.50 13.49 2.43
N LEU A 66 6.74 12.37 3.09
CA LEU A 66 6.44 11.06 2.53
C LEU A 66 4.96 10.95 2.21
N ASN A 67 4.66 10.71 0.94
CA ASN A 67 3.29 10.58 0.48
C ASN A 67 3.23 9.49 -0.59
N LEU A 68 3.04 8.26 -0.15
CA LEU A 68 3.06 7.12 -1.03
C LEU A 68 1.68 6.48 -1.17
N ALA A 69 1.31 6.17 -2.40
CA ALA A 69 0.08 5.44 -2.67
C ALA A 69 0.41 4.07 -3.24
N LEU A 70 -0.32 3.05 -2.79
CA LEU A 70 -0.03 1.69 -3.18
C LEU A 70 -1.26 1.06 -3.83
N THR A 71 -1.11 0.60 -5.07
CA THR A 71 -2.18 -0.10 -5.75
C THR A 71 -1.65 -1.42 -6.29
N TRP A 72 -2.51 -2.42 -6.38
CA TRP A 72 -2.10 -3.76 -6.79
C TRP A 72 -2.95 -4.26 -7.95
N ASN A 73 -2.33 -5.09 -8.78
CA ASN A 73 -2.99 -5.67 -9.94
C ASN A 73 -4.18 -6.51 -9.53
N THR A 74 -5.30 -6.30 -10.22
CA THR A 74 -6.57 -6.92 -9.88
C THR A 74 -6.49 -8.44 -9.95
N ASP A 75 -5.61 -8.97 -10.80
CA ASP A 75 -5.40 -10.41 -10.90
C ASP A 75 -4.97 -10.96 -9.55
N GLU A 76 -4.00 -10.28 -8.97
CA GLU A 76 -3.50 -10.62 -7.64
C GLU A 76 -4.64 -10.58 -6.62
N ILE A 77 -5.43 -9.51 -6.68
CA ILE A 77 -6.56 -9.33 -5.76
C ILE A 77 -7.53 -10.51 -5.86
N GLU A 78 -7.83 -10.94 -7.09
CA GLU A 78 -8.74 -12.05 -7.31
C GLU A 78 -8.17 -13.35 -6.74
N ARG A 79 -6.86 -13.53 -6.89
CA ARG A 79 -6.19 -14.72 -6.41
C ARG A 79 -6.19 -14.77 -4.88
N LEU A 80 -6.21 -13.60 -4.25
CA LEU A 80 -6.19 -13.50 -2.79
C LEU A 80 -7.45 -14.09 -2.18
N MET A 81 -8.53 -14.12 -2.94
CA MET A 81 -9.81 -14.63 -2.46
C MET A 81 -9.75 -16.12 -2.17
N GLU A 82 -8.73 -16.78 -2.71
CA GLU A 82 -8.59 -18.21 -2.55
C GLU A 82 -7.73 -18.55 -1.34
N ALA A 83 -7.78 -19.79 -0.86
CA ALA A 83 -7.04 -20.19 0.33
C ALA A 83 -5.53 -19.97 0.16
N ASP A 84 -4.98 -20.44 -0.95
CA ASP A 84 -3.55 -20.27 -1.24
C ASP A 84 -3.23 -18.80 -1.44
N GLY A 85 -4.26 -18.02 -1.75
CA GLY A 85 -4.09 -16.61 -1.95
C GLY A 85 -3.88 -15.89 -0.63
N ALA A 86 -4.70 -16.22 0.36
CA ALA A 86 -4.53 -15.71 1.71
C ALA A 86 -3.16 -16.08 2.27
N ALA A 87 -2.73 -17.31 2.00
CA ALA A 87 -1.41 -17.77 2.42
C ALA A 87 -0.31 -16.98 1.72
N ARG A 88 -0.60 -16.59 0.48
CA ARG A 88 0.33 -15.78 -0.30
C ARG A 88 0.44 -14.39 0.30
N PHE A 89 -0.69 -13.87 0.78
CA PHE A 89 -0.74 -12.58 1.45
C PHE A 89 0.12 -12.61 2.70
N GLU A 90 0.11 -13.73 3.40
CA GLU A 90 0.89 -13.90 4.61
C GLU A 90 2.38 -13.79 4.30
N ARG A 91 2.78 -14.39 3.19
CA ARG A 91 4.18 -14.39 2.79
C ARG A 91 4.57 -13.00 2.28
N TYR A 92 3.58 -12.27 1.77
CA TYR A 92 3.79 -10.91 1.29
C TYR A 92 4.06 -9.98 2.47
N LEU A 93 3.39 -10.24 3.59
CA LEU A 93 3.57 -9.45 4.80
C LEU A 93 5.00 -9.58 5.31
N ALA A 94 5.55 -10.78 5.20
CA ALA A 94 6.92 -11.03 5.61
C ALA A 94 7.91 -10.35 4.68
N ALA A 95 7.45 -10.00 3.48
CA ALA A 95 8.31 -9.39 2.48
C ALA A 95 8.13 -7.87 2.44
N LEU A 96 7.23 -7.36 3.29
CA LEU A 96 7.01 -5.91 3.38
C LEU A 96 8.30 -5.13 3.66
N PRO A 97 9.13 -5.53 4.65
CA PRO A 97 10.43 -4.88 4.91
C PRO A 97 11.33 -4.86 3.67
N ARG A 98 11.19 -5.88 2.83
CA ARG A 98 11.99 -5.96 1.61
C ARG A 98 11.43 -5.02 0.55
N LYS A 99 10.12 -4.84 0.55
CA LYS A 99 9.46 -3.92 -0.37
C LYS A 99 9.84 -2.49 -0.04
N LEU A 100 9.83 -2.17 1.24
CA LEU A 100 10.24 -0.85 1.70
C LEU A 100 11.66 -0.55 1.23
N ALA A 101 12.55 -1.50 1.43
CA ALA A 101 13.95 -1.34 1.04
C ALA A 101 14.08 -1.05 -0.44
N ALA A 102 13.31 -1.78 -1.25
CA ALA A 102 13.33 -1.62 -2.69
C ALA A 102 12.82 -0.24 -3.10
N TRP A 103 11.71 0.18 -2.51
CA TRP A 103 11.11 1.46 -2.84
C TRP A 103 12.00 2.62 -2.43
N GLU A 104 12.77 2.43 -1.36
CA GLU A 104 13.70 3.45 -0.91
C GLU A 104 14.76 3.71 -1.97
N ASN A 105 15.40 2.63 -2.41
CA ASN A 105 16.46 2.71 -3.39
C ASN A 105 15.94 3.15 -4.75
N ALA A 106 14.80 2.61 -5.16
CA ALA A 106 14.30 2.81 -6.51
C ALA A 106 13.54 4.13 -6.67
N ARG A 107 12.68 4.46 -5.70
CA ARG A 107 11.76 5.58 -5.88
C ARG A 107 12.21 6.85 -5.18
N GLY A 108 13.32 6.78 -4.45
CA GLY A 108 13.82 7.96 -3.76
C GLY A 108 12.96 8.29 -2.54
N VAL A 109 12.67 7.26 -1.76
CA VAL A 109 11.82 7.39 -0.59
C VAL A 109 12.59 6.93 0.64
N ASP A 110 12.47 7.66 1.74
CA ASP A 110 13.18 7.28 2.96
C ASP A 110 12.21 7.13 4.11
N PHE A 111 12.01 5.88 4.55
CA PHE A 111 11.06 5.60 5.62
C PHE A 111 11.65 5.94 6.97
N GLY A 112 12.95 6.22 7.01
CA GLY A 112 13.59 6.57 8.25
C GLY A 112 13.18 7.96 8.72
N SER A 113 13.39 8.96 7.87
CA SER A 113 13.07 10.32 8.23
C SER A 113 11.67 10.71 7.73
N ARG A 114 11.06 9.79 6.95
CA ARG A 114 9.71 9.99 6.42
C ARG A 114 9.69 11.13 5.41
N THR A 115 10.77 11.27 4.68
CA THR A 115 10.88 12.28 3.65
C THR A 115 11.15 11.62 2.30
N GLN A 116 10.87 12.31 1.20
CA GLN A 116 11.06 11.73 -0.11
C GLN A 116 11.56 12.79 -1.09
N ALA A 117 12.29 12.34 -2.11
CA ALA A 117 12.87 13.25 -3.09
C ALA A 117 11.91 13.47 -4.25
N ASP A 118 10.72 12.93 -4.14
CA ASP A 118 9.72 13.05 -5.19
C ASP A 118 8.55 13.89 -4.70
N ALA A 119 7.89 14.56 -5.64
CA ALA A 119 6.76 15.42 -5.32
C ALA A 119 5.50 14.61 -5.09
N LEU A 120 5.47 13.40 -5.63
CA LEU A 120 4.32 12.52 -5.49
C LEU A 120 4.67 11.13 -5.99
N VAL A 121 4.50 10.12 -5.15
CA VAL A 121 4.83 8.76 -5.56
C VAL A 121 3.61 7.84 -5.43
N LEU A 122 2.96 7.62 -6.57
CA LEU A 122 1.81 6.74 -6.64
C LEU A 122 2.18 5.49 -7.41
N LEU A 123 2.37 4.39 -6.72
CA LEU A 123 2.87 3.18 -7.35
C LEU A 123 1.74 2.25 -7.78
N GLY A 124 1.71 1.96 -9.07
CA GLY A 124 0.75 1.02 -9.61
C GLY A 124 1.42 -0.18 -10.22
N GLY A 125 0.66 -1.24 -10.45
CA GLY A 125 1.21 -2.43 -11.07
C GLY A 125 1.99 -3.30 -10.12
N LEU A 126 1.69 -3.18 -8.83
CA LEU A 126 2.32 -4.03 -7.82
C LEU A 126 1.67 -5.41 -7.81
N ASP A 127 2.44 -6.42 -7.45
CA ASP A 127 1.96 -7.79 -7.47
C ASP A 127 2.08 -8.44 -6.10
N PHE A 128 1.35 -9.52 -5.89
CA PHE A 128 1.38 -10.25 -4.64
C PHE A 128 2.08 -11.59 -4.83
N GLU A 129 3.10 -11.59 -5.67
CA GLU A 129 3.89 -12.79 -5.91
C GLU A 129 4.82 -13.03 -4.73
N ALA A 130 4.67 -14.18 -4.09
CA ALA A 130 5.49 -14.51 -2.94
C ALA A 130 5.78 -16.00 -2.95
N GLY A 1 -27.15 -9.62 -15.97
CA GLY A 1 -25.69 -9.54 -16.12
C GLY A 1 -25.06 -8.63 -15.09
N ALA A 2 -24.39 -9.21 -14.11
CA ALA A 2 -23.73 -8.45 -13.07
C ALA A 2 -22.22 -8.65 -13.13
N MET A 3 -21.76 -9.22 -14.23
CA MET A 3 -20.33 -9.46 -14.43
C MET A 3 -19.64 -8.18 -14.88
N GLY A 4 -18.32 -8.16 -14.77
CA GLY A 4 -17.57 -6.95 -15.10
C GLY A 4 -17.71 -5.91 -14.01
N MET A 5 -17.74 -6.38 -12.76
CA MET A 5 -17.91 -5.51 -11.60
C MET A 5 -17.08 -6.02 -10.44
N SER A 6 -17.39 -7.23 -10.00
CA SER A 6 -16.75 -7.84 -8.84
C SER A 6 -16.83 -6.93 -7.60
N PRO A 7 -18.05 -6.53 -7.19
CA PRO A 7 -18.22 -5.60 -6.08
C PRO A 7 -18.05 -6.30 -4.73
N ASP A 8 -18.33 -7.60 -4.72
CA ASP A 8 -18.20 -8.40 -3.52
C ASP A 8 -16.74 -8.80 -3.32
N THR A 9 -16.04 -9.05 -4.41
CA THR A 9 -14.62 -9.33 -4.36
C THR A 9 -13.85 -8.08 -3.91
N ALA A 10 -14.23 -6.95 -4.49
CA ALA A 10 -13.61 -5.68 -4.15
C ALA A 10 -13.85 -5.35 -2.68
N ARG A 11 -15.06 -5.61 -2.22
CA ARG A 11 -15.43 -5.32 -0.83
C ARG A 11 -14.68 -6.25 0.13
N ARG A 12 -14.51 -7.50 -0.27
CA ARG A 12 -13.82 -8.49 0.57
C ARG A 12 -12.38 -8.06 0.83
N PHE A 13 -11.69 -7.68 -0.24
CA PHE A 13 -10.32 -7.21 -0.14
C PHE A 13 -10.26 -5.95 0.71
N ASP A 14 -11.23 -5.07 0.48
CA ASP A 14 -11.33 -3.80 1.20
C ASP A 14 -11.55 -4.03 2.70
N THR A 15 -12.39 -4.99 3.02
CA THR A 15 -12.80 -5.22 4.40
C THR A 15 -11.75 -6.00 5.19
N GLU A 16 -11.21 -7.07 4.62
CA GLU A 16 -10.29 -7.91 5.36
C GLU A 16 -8.83 -7.61 5.05
N PHE A 17 -8.49 -7.48 3.78
CA PHE A 17 -7.08 -7.42 3.37
C PHE A 17 -6.48 -6.03 3.55
N ALA A 18 -7.18 -5.01 3.06
CA ALA A 18 -6.68 -3.64 3.12
C ALA A 18 -6.31 -3.20 4.55
N PRO A 19 -7.18 -3.44 5.57
CA PRO A 19 -6.85 -3.11 6.96
C PRO A 19 -5.59 -3.83 7.44
N ARG A 20 -5.37 -5.05 6.95
CA ARG A 20 -4.20 -5.83 7.33
C ARG A 20 -2.95 -5.17 6.80
N ILE A 21 -3.03 -4.66 5.58
CA ILE A 21 -1.90 -4.00 4.94
C ILE A 21 -1.56 -2.72 5.69
N ALA A 22 -2.57 -1.90 5.91
CA ALA A 22 -2.39 -0.61 6.58
C ALA A 22 -1.89 -0.78 8.01
N ARG A 23 -2.38 -1.82 8.68
CA ARG A 23 -1.99 -2.10 10.06
C ARG A 23 -0.55 -2.59 10.11
N ALA A 24 -0.19 -3.47 9.18
CA ALA A 24 1.16 -4.01 9.10
C ALA A 24 2.16 -2.90 8.80
N ILE A 25 1.80 -2.03 7.87
CA ILE A 25 2.65 -0.90 7.52
C ILE A 25 2.78 0.07 8.68
N ALA A 26 1.66 0.36 9.32
CA ALA A 26 1.64 1.26 10.48
C ALA A 26 2.55 0.74 11.58
N ASP A 27 2.52 -0.58 11.77
CA ASP A 27 3.36 -1.23 12.75
C ASP A 27 4.82 -1.22 12.32
N LEU A 28 5.04 -1.41 11.02
CA LEU A 28 6.38 -1.45 10.46
C LEU A 28 7.06 -0.11 10.66
N LEU A 29 6.30 0.96 10.52
CA LEU A 29 6.82 2.31 10.66
C LEU A 29 6.67 2.79 12.10
N ASN A 30 6.25 1.88 12.98
CA ASN A 30 6.10 2.15 14.41
C ASN A 30 5.23 3.39 14.67
N HIS A 31 4.23 3.57 13.82
CA HIS A 31 3.29 4.69 13.92
C HIS A 31 3.98 6.05 13.75
N ARG A 32 5.20 6.05 13.19
CA ARG A 32 5.90 7.30 12.91
C ARG A 32 5.25 8.00 11.71
N ALA A 33 4.61 7.21 10.88
CA ALA A 33 3.84 7.73 9.78
C ALA A 33 2.37 7.34 9.98
N HIS A 34 1.47 8.02 9.30
CA HIS A 34 0.05 7.76 9.45
C HIS A 34 -0.49 7.13 8.17
N THR A 35 -1.19 6.03 8.30
CA THR A 35 -1.69 5.31 7.15
C THR A 35 -3.21 5.42 7.07
N ASP A 36 -3.73 5.43 5.85
CA ASP A 36 -5.15 5.56 5.63
C ASP A 36 -5.60 4.57 4.55
N VAL A 37 -6.77 3.99 4.74
CA VAL A 37 -7.27 2.99 3.83
C VAL A 37 -8.34 3.57 2.91
N VAL A 38 -8.00 3.74 1.65
CA VAL A 38 -8.96 4.22 0.66
C VAL A 38 -10.00 3.15 0.41
N GLY A 39 -11.22 3.43 0.83
CA GLY A 39 -12.28 2.44 0.76
C GLY A 39 -12.95 2.37 -0.60
N TYR A 40 -13.34 1.17 -0.98
CA TYR A 40 -14.08 0.97 -2.21
C TYR A 40 -15.53 1.44 -2.03
N GLY A 41 -15.95 2.36 -2.87
CA GLY A 41 -17.31 2.86 -2.79
C GLY A 41 -18.21 2.21 -3.82
N GLY A 42 -18.64 2.98 -4.80
CA GLY A 42 -19.49 2.44 -5.84
C GLY A 42 -18.71 1.58 -6.81
N HIS A 43 -17.63 2.14 -7.37
CA HIS A 43 -16.82 1.44 -8.35
C HIS A 43 -15.64 2.30 -8.75
N GLY A 44 -15.87 3.60 -8.83
CA GLY A 44 -14.87 4.52 -9.34
C GLY A 44 -13.61 4.59 -8.49
N HIS A 45 -13.74 4.41 -7.18
CA HIS A 45 -12.59 4.47 -6.30
C HIS A 45 -12.14 3.06 -5.90
N PRO A 46 -10.98 2.63 -6.41
CA PRO A 46 -10.40 1.33 -6.06
C PRO A 46 -9.68 1.38 -4.72
N THR A 47 -9.83 0.31 -3.94
CA THR A 47 -9.19 0.21 -2.64
C THR A 47 -7.67 0.28 -2.77
N GLN A 48 -7.04 1.01 -1.85
CA GLN A 48 -5.61 1.20 -1.84
C GLN A 48 -5.18 1.78 -0.50
N VAL A 49 -3.91 1.63 -0.16
CA VAL A 49 -3.43 2.14 1.10
C VAL A 49 -2.42 3.26 0.87
N ARG A 50 -2.73 4.42 1.44
CA ARG A 50 -1.86 5.57 1.33
C ARG A 50 -1.13 5.82 2.65
N ILE A 51 0.16 6.12 2.54
CA ILE A 51 0.99 6.41 3.70
C ILE A 51 1.33 7.89 3.70
N VAL A 52 0.93 8.58 4.74
CA VAL A 52 1.16 10.00 4.86
C VAL A 52 2.09 10.29 6.04
N ALA A 53 3.11 11.09 5.80
CA ALA A 53 4.07 11.43 6.84
C ALA A 53 3.98 12.91 7.18
N PRO A 54 3.57 13.24 8.42
CA PRO A 54 3.48 14.63 8.88
C PRO A 54 4.85 15.28 9.04
N HIS A 55 5.52 15.52 7.93
CA HIS A 55 6.83 16.15 7.93
C HIS A 55 6.73 17.56 7.37
N ALA A 56 6.58 18.53 8.27
CA ALA A 56 6.53 19.92 7.88
C ALA A 56 7.88 20.38 7.35
N GLU A 57 7.86 21.34 6.44
CA GLU A 57 9.08 21.88 5.88
C GLU A 57 9.59 23.01 6.76
N HIS A 58 10.80 22.86 7.27
CA HIS A 58 11.38 23.87 8.15
C HIS A 58 12.90 23.95 7.95
N VAL A 59 13.29 24.39 6.76
CA VAL A 59 14.70 24.64 6.42
C VAL A 59 15.47 23.34 6.18
N ARG A 60 15.50 22.47 7.17
CA ARG A 60 16.28 21.24 7.11
C ARG A 60 15.45 20.10 6.55
N GLY A 61 16.05 19.29 5.70
CA GLY A 61 15.34 18.18 5.11
C GLY A 61 14.82 18.51 3.72
N TYR A 62 14.06 17.59 3.13
CA TYR A 62 13.47 17.82 1.82
C TYR A 62 12.09 18.42 1.97
N ALA A 63 11.70 19.27 1.03
CA ALA A 63 10.40 19.92 1.06
C ALA A 63 9.32 19.04 0.44
N HIS A 64 9.44 17.75 0.64
CA HIS A 64 8.48 16.79 0.10
C HIS A 64 8.15 15.74 1.15
N PRO A 65 7.00 15.89 1.82
CA PRO A 65 6.53 14.90 2.79
C PRO A 65 6.06 13.63 2.09
N LEU A 66 6.24 12.50 2.75
CA LEU A 66 5.89 11.21 2.18
C LEU A 66 4.39 11.10 1.91
N ASN A 67 4.05 10.77 0.67
CA ASN A 67 2.67 10.52 0.28
C ASN A 67 2.66 9.37 -0.72
N LEU A 68 2.58 8.15 -0.20
CA LEU A 68 2.67 6.95 -1.02
C LEU A 68 1.30 6.32 -1.23
N ALA A 69 0.97 6.02 -2.48
CA ALA A 69 -0.26 5.33 -2.81
C ALA A 69 0.03 3.97 -3.42
N LEU A 70 -0.21 2.93 -2.65
CA LEU A 70 0.03 1.56 -3.11
C LEU A 70 -1.22 0.98 -3.76
N THR A 71 -1.08 0.52 -5.00
CA THR A 71 -2.18 -0.13 -5.70
C THR A 71 -1.72 -1.47 -6.27
N TRP A 72 -2.63 -2.42 -6.38
CA TRP A 72 -2.29 -3.77 -6.81
C TRP A 72 -3.10 -4.20 -8.01
N ASN A 73 -2.54 -5.12 -8.79
CA ASN A 73 -3.18 -5.64 -10.00
C ASN A 73 -4.47 -6.36 -9.66
N THR A 74 -5.54 -5.92 -10.32
CA THR A 74 -6.89 -6.42 -10.05
C THR A 74 -7.01 -7.92 -10.28
N ASP A 75 -6.26 -8.45 -11.24
CA ASP A 75 -6.26 -9.88 -11.50
C ASP A 75 -5.68 -10.62 -10.30
N GLU A 76 -4.58 -10.10 -9.80
CA GLU A 76 -3.95 -10.65 -8.60
C GLU A 76 -4.90 -10.58 -7.41
N ILE A 77 -5.63 -9.47 -7.31
CA ILE A 77 -6.65 -9.32 -6.26
C ILE A 77 -7.70 -10.43 -6.38
N GLU A 78 -8.15 -10.67 -7.60
CA GLU A 78 -9.12 -11.73 -7.88
C GLU A 78 -8.55 -13.09 -7.49
N ARG A 79 -7.28 -13.29 -7.79
CA ARG A 79 -6.59 -14.53 -7.48
C ARG A 79 -6.55 -14.81 -5.98
N LEU A 80 -6.59 -13.74 -5.17
CA LEU A 80 -6.56 -13.89 -3.72
C LEU A 80 -7.81 -14.58 -3.18
N MET A 81 -8.79 -14.79 -4.07
CA MET A 81 -9.99 -15.57 -3.71
C MET A 81 -9.65 -17.03 -3.43
N GLU A 82 -8.45 -17.44 -3.78
CA GLU A 82 -8.00 -18.80 -3.52
C GLU A 82 -7.51 -18.92 -2.07
N ALA A 83 -7.56 -20.13 -1.52
CA ALA A 83 -6.97 -20.39 -0.21
C ALA A 83 -5.45 -20.21 -0.29
N ASP A 84 -4.92 -20.48 -1.47
CA ASP A 84 -3.50 -20.25 -1.75
C ASP A 84 -3.19 -18.76 -1.65
N GLY A 85 -4.23 -17.95 -1.74
CA GLY A 85 -4.07 -16.51 -1.71
C GLY A 85 -3.79 -16.01 -0.31
N ALA A 86 -4.57 -16.47 0.65
CA ALA A 86 -4.33 -16.15 2.05
C ALA A 86 -2.91 -16.53 2.47
N ALA A 87 -2.49 -17.71 2.06
CA ALA A 87 -1.14 -18.17 2.36
C ALA A 87 -0.10 -17.25 1.73
N ARG A 88 -0.38 -16.78 0.52
CA ARG A 88 0.53 -15.89 -0.18
C ARG A 88 0.54 -14.51 0.44
N PHE A 89 -0.62 -14.09 0.94
CA PHE A 89 -0.76 -12.77 1.56
C PHE A 89 0.07 -12.68 2.83
N GLU A 90 0.11 -13.78 3.59
CA GLU A 90 0.93 -13.83 4.79
C GLU A 90 2.40 -13.76 4.41
N ARG A 91 2.74 -14.44 3.33
CA ARG A 91 4.09 -14.44 2.78
C ARG A 91 4.47 -13.03 2.30
N TYR A 92 3.47 -12.29 1.81
CA TYR A 92 3.68 -10.94 1.32
C TYR A 92 3.94 -9.99 2.48
N LEU A 93 3.19 -10.17 3.57
CA LEU A 93 3.34 -9.33 4.76
C LEU A 93 4.72 -9.51 5.36
N ALA A 94 5.24 -10.72 5.28
CA ALA A 94 6.57 -11.01 5.78
C ALA A 94 7.65 -10.32 4.95
N ALA A 95 7.33 -10.05 3.69
CA ALA A 95 8.30 -9.48 2.76
C ALA A 95 8.24 -7.96 2.72
N LEU A 96 7.29 -7.39 3.46
CA LEU A 96 7.10 -5.94 3.50
C LEU A 96 8.42 -5.18 3.74
N PRO A 97 9.21 -5.51 4.79
CA PRO A 97 10.47 -4.83 5.08
C PRO A 97 11.40 -4.77 3.86
N ARG A 98 11.46 -5.87 3.11
CA ARG A 98 12.37 -5.96 1.97
C ARG A 98 11.87 -5.15 0.79
N LYS A 99 10.56 -5.14 0.59
CA LYS A 99 9.97 -4.38 -0.50
C LYS A 99 9.99 -2.89 -0.21
N LEU A 100 9.77 -2.53 1.05
CA LEU A 100 9.84 -1.14 1.49
C LEU A 100 11.25 -0.59 1.29
N ALA A 101 12.25 -1.38 1.67
CA ALA A 101 13.64 -0.99 1.52
C ALA A 101 14.00 -0.82 0.05
N ALA A 102 13.39 -1.66 -0.78
CA ALA A 102 13.65 -1.62 -2.22
C ALA A 102 13.08 -0.34 -2.83
N TRP A 103 11.87 0.03 -2.42
CA TRP A 103 11.24 1.25 -2.91
C TRP A 103 12.01 2.49 -2.47
N GLU A 104 12.63 2.41 -1.30
CA GLU A 104 13.47 3.51 -0.81
C GLU A 104 14.61 3.78 -1.79
N ASN A 105 15.31 2.70 -2.14
CA ASN A 105 16.48 2.79 -3.00
C ASN A 105 16.10 3.19 -4.43
N ALA A 106 15.00 2.62 -4.91
CA ALA A 106 14.62 2.78 -6.32
C ALA A 106 13.85 4.07 -6.56
N ARG A 107 12.87 4.36 -5.71
CA ARG A 107 11.97 5.48 -5.95
C ARG A 107 12.42 6.76 -5.26
N GLY A 108 13.55 6.71 -4.58
CA GLY A 108 14.10 7.90 -3.95
C GLY A 108 13.30 8.32 -2.73
N VAL A 109 13.09 7.39 -1.81
CA VAL A 109 12.31 7.64 -0.63
C VAL A 109 13.08 7.22 0.61
N ASP A 110 12.87 7.90 1.73
CA ASP A 110 13.52 7.53 2.97
C ASP A 110 12.53 7.53 4.11
N PHE A 111 12.09 6.35 4.52
CA PHE A 111 11.08 6.21 5.56
C PHE A 111 11.64 6.54 6.94
N GLY A 112 12.97 6.53 7.06
CA GLY A 112 13.58 6.88 8.33
C GLY A 112 13.38 8.34 8.66
N SER A 113 13.68 9.20 7.70
CA SER A 113 13.49 10.64 7.88
C SER A 113 12.06 11.03 7.53
N ARG A 114 11.30 10.05 7.02
CA ARG A 114 9.89 10.24 6.67
C ARG A 114 9.75 11.26 5.54
N THR A 115 10.65 11.17 4.57
CA THR A 115 10.71 12.12 3.48
C THR A 115 10.84 11.41 2.14
N GLN A 116 10.55 12.12 1.06
CA GLN A 116 10.69 11.57 -0.27
C GLN A 116 11.35 12.60 -1.18
N ALA A 117 12.12 12.14 -2.14
CA ALA A 117 12.77 13.03 -3.09
C ALA A 117 11.96 13.12 -4.37
N ASP A 118 10.66 12.90 -4.24
CA ASP A 118 9.75 12.94 -5.37
C ASP A 118 8.58 13.87 -5.07
N ALA A 119 7.91 14.33 -6.11
CA ALA A 119 6.74 15.16 -5.96
C ALA A 119 5.56 14.34 -5.46
N LEU A 120 5.50 13.09 -5.88
CA LEU A 120 4.41 12.20 -5.54
C LEU A 120 4.78 10.77 -5.91
N VAL A 121 4.70 9.85 -4.95
CA VAL A 121 5.10 8.48 -5.22
C VAL A 121 3.88 7.54 -5.25
N LEU A 122 3.39 7.32 -6.45
CA LEU A 122 2.28 6.40 -6.68
C LEU A 122 2.84 5.11 -7.27
N LEU A 123 2.38 3.97 -6.77
CA LEU A 123 2.94 2.70 -7.20
C LEU A 123 1.83 1.80 -7.71
N GLY A 124 1.80 1.61 -9.02
CA GLY A 124 0.78 0.78 -9.63
C GLY A 124 1.34 -0.49 -10.21
N GLY A 125 0.46 -1.46 -10.46
CA GLY A 125 0.90 -2.71 -11.07
C GLY A 125 1.68 -3.59 -10.12
N LEU A 126 1.41 -3.48 -8.83
CA LEU A 126 2.08 -4.30 -7.83
C LEU A 126 1.49 -5.71 -7.80
N ASP A 127 2.35 -6.67 -7.52
CA ASP A 127 1.94 -8.07 -7.41
C ASP A 127 2.30 -8.58 -6.02
N PHE A 128 1.82 -9.77 -5.68
CA PHE A 128 2.04 -10.33 -4.36
C PHE A 128 3.09 -11.43 -4.39
N GLU A 129 4.12 -11.23 -5.21
CA GLU A 129 5.20 -12.19 -5.30
C GLU A 129 6.24 -11.90 -4.23
N ALA A 130 6.55 -12.91 -3.43
CA ALA A 130 7.49 -12.80 -2.35
C ALA A 130 8.18 -14.14 -2.10
N GLY A 1 -16.56 0.15 -15.01
CA GLY A 1 -16.67 -0.98 -15.95
C GLY A 1 -16.17 -2.28 -15.34
N ALA A 2 -15.02 -2.74 -15.81
CA ALA A 2 -14.46 -4.03 -15.40
C ALA A 2 -14.13 -4.04 -13.92
N MET A 3 -13.58 -2.94 -13.42
CA MET A 3 -13.20 -2.85 -12.02
C MET A 3 -14.36 -2.35 -11.15
N GLY A 4 -15.56 -2.37 -11.71
CA GLY A 4 -16.73 -1.94 -10.99
C GLY A 4 -17.82 -2.99 -11.01
N MET A 5 -17.47 -4.19 -11.44
CA MET A 5 -18.43 -5.28 -11.51
C MET A 5 -18.03 -6.41 -10.58
N SER A 6 -17.30 -6.04 -9.53
CA SER A 6 -16.86 -7.01 -8.54
C SER A 6 -16.97 -6.41 -7.12
N PRO A 7 -18.19 -6.06 -6.68
CA PRO A 7 -18.39 -5.42 -5.38
C PRO A 7 -18.07 -6.36 -4.23
N ASP A 8 -18.38 -7.64 -4.41
CA ASP A 8 -18.10 -8.67 -3.41
C ASP A 8 -16.60 -8.80 -3.15
N THR A 9 -15.85 -8.95 -4.24
CA THR A 9 -14.40 -9.06 -4.16
C THR A 9 -13.77 -7.81 -3.54
N ALA A 10 -14.22 -6.65 -4.01
CA ALA A 10 -13.66 -5.39 -3.55
C ALA A 10 -13.98 -5.14 -2.08
N ARG A 11 -15.18 -5.53 -1.68
CA ARG A 11 -15.63 -5.34 -0.31
C ARG A 11 -14.79 -6.18 0.66
N ARG A 12 -14.57 -7.44 0.30
CA ARG A 12 -13.86 -8.36 1.16
C ARG A 12 -12.40 -7.96 1.29
N PHE A 13 -11.81 -7.50 0.20
CA PHE A 13 -10.42 -7.05 0.22
C PHE A 13 -10.27 -5.84 1.13
N ASP A 14 -11.20 -4.90 1.02
CA ASP A 14 -11.15 -3.66 1.80
C ASP A 14 -11.34 -3.93 3.30
N THR A 15 -12.12 -4.95 3.63
CA THR A 15 -12.44 -5.21 5.02
C THR A 15 -11.45 -6.18 5.68
N GLU A 16 -11.05 -7.23 4.97
CA GLU A 16 -10.23 -8.26 5.57
C GLU A 16 -8.73 -8.06 5.30
N PHE A 17 -8.39 -7.71 4.06
CA PHE A 17 -6.99 -7.69 3.63
C PHE A 17 -6.35 -6.31 3.84
N ALA A 18 -7.01 -5.27 3.32
CA ALA A 18 -6.44 -3.93 3.33
C ALA A 18 -6.06 -3.43 4.74
N PRO A 19 -6.92 -3.59 5.77
CA PRO A 19 -6.59 -3.15 7.14
C PRO A 19 -5.35 -3.84 7.69
N ARG A 20 -5.09 -5.05 7.20
CA ARG A 20 -3.95 -5.82 7.64
C ARG A 20 -2.67 -5.21 7.09
N ILE A 21 -2.73 -4.76 5.85
CA ILE A 21 -1.59 -4.13 5.20
C ILE A 21 -1.27 -2.81 5.88
N ALA A 22 -2.29 -1.99 6.06
CA ALA A 22 -2.14 -0.68 6.66
C ALA A 22 -1.60 -0.77 8.08
N ARG A 23 -2.10 -1.75 8.84
CA ARG A 23 -1.70 -1.92 10.23
C ARG A 23 -0.27 -2.42 10.33
N ALA A 24 0.06 -3.42 9.51
CA ALA A 24 1.39 -4.02 9.53
C ALA A 24 2.46 -2.98 9.18
N ILE A 25 2.19 -2.17 8.17
CA ILE A 25 3.12 -1.14 7.75
C ILE A 25 3.25 -0.05 8.81
N ALA A 26 2.11 0.33 9.40
CA ALA A 26 2.09 1.35 10.42
C ALA A 26 2.93 0.94 11.63
N ASP A 27 2.77 -0.30 12.05
CA ASP A 27 3.50 -0.83 13.21
C ASP A 27 4.98 -1.00 12.89
N LEU A 28 5.26 -1.34 11.64
CA LEU A 28 6.63 -1.56 11.18
C LEU A 28 7.40 -0.25 11.15
N LEU A 29 6.70 0.83 10.80
CA LEU A 29 7.31 2.15 10.72
C LEU A 29 7.13 2.91 12.03
N ASN A 30 6.68 2.19 13.06
CA ASN A 30 6.46 2.75 14.39
C ASN A 30 5.54 3.97 14.33
N HIS A 31 4.61 3.95 13.38
CA HIS A 31 3.62 5.02 13.19
C HIS A 31 4.27 6.38 12.86
N ARG A 32 5.47 6.35 12.29
CA ARG A 32 6.08 7.59 11.79
C ARG A 32 5.37 8.05 10.53
N ALA A 33 4.76 7.10 9.86
CA ALA A 33 3.93 7.37 8.70
C ALA A 33 2.52 6.90 8.96
N HIS A 34 1.55 7.64 8.46
CA HIS A 34 0.16 7.32 8.68
C HIS A 34 -0.42 6.67 7.43
N THR A 35 -1.19 5.62 7.62
CA THR A 35 -1.72 4.87 6.50
C THR A 35 -3.24 5.04 6.40
N ASP A 36 -3.72 5.17 5.17
CA ASP A 36 -5.14 5.35 4.93
C ASP A 36 -5.63 4.38 3.87
N VAL A 37 -6.56 3.52 4.26
CA VAL A 37 -7.12 2.54 3.33
C VAL A 37 -8.25 3.16 2.52
N VAL A 38 -7.99 3.39 1.24
CA VAL A 38 -9.01 3.86 0.33
C VAL A 38 -9.81 2.67 -0.17
N GLY A 39 -10.99 2.48 0.39
CA GLY A 39 -11.79 1.33 0.06
C GLY A 39 -12.68 1.57 -1.13
N TYR A 40 -13.51 0.58 -1.45
CA TYR A 40 -14.45 0.68 -2.55
C TYR A 40 -15.54 1.67 -2.18
N GLY A 41 -15.60 2.79 -2.89
CA GLY A 41 -16.52 3.85 -2.54
C GLY A 41 -17.81 3.78 -3.31
N GLY A 42 -18.65 2.80 -2.99
CA GLY A 42 -19.92 2.65 -3.65
C GLY A 42 -19.78 1.99 -5.01
N HIS A 43 -19.08 2.65 -5.91
CA HIS A 43 -18.83 2.12 -7.24
C HIS A 43 -17.47 2.60 -7.74
N GLY A 44 -17.08 3.79 -7.28
CA GLY A 44 -15.79 4.34 -7.64
C GLY A 44 -14.80 4.20 -6.50
N HIS A 45 -13.78 5.04 -6.52
CA HIS A 45 -12.72 5.03 -5.50
C HIS A 45 -11.94 3.71 -5.55
N PRO A 46 -10.88 3.67 -6.37
CA PRO A 46 -10.05 2.46 -6.52
C PRO A 46 -9.41 2.05 -5.19
N THR A 47 -9.58 0.78 -4.84
CA THR A 47 -9.08 0.26 -3.58
C THR A 47 -7.54 0.26 -3.56
N GLN A 48 -6.99 0.92 -2.56
CA GLN A 48 -5.54 1.08 -2.43
C GLN A 48 -5.21 1.59 -1.04
N VAL A 49 -3.95 1.52 -0.67
CA VAL A 49 -3.52 2.07 0.60
C VAL A 49 -2.49 3.17 0.37
N ARG A 50 -2.78 4.35 0.86
CA ARG A 50 -1.89 5.48 0.70
C ARG A 50 -1.15 5.74 2.01
N ILE A 51 0.17 5.88 1.90
CA ILE A 51 1.00 6.13 3.06
C ILE A 51 1.51 7.56 3.02
N VAL A 52 1.19 8.32 4.06
CA VAL A 52 1.60 9.70 4.16
C VAL A 52 2.45 9.87 5.40
N ALA A 53 3.56 10.59 5.29
CA ALA A 53 4.47 10.73 6.42
C ALA A 53 4.69 12.20 6.76
N PRO A 54 4.07 12.66 7.85
CA PRO A 54 4.32 14.00 8.38
C PRO A 54 5.50 13.99 9.33
N HIS A 55 6.36 14.99 9.21
CA HIS A 55 7.58 15.05 10.02
C HIS A 55 7.38 15.96 11.22
N ALA A 56 6.88 15.38 12.31
CA ALA A 56 6.78 16.09 13.58
C ALA A 56 8.18 16.46 14.06
N GLU A 57 9.10 15.55 13.83
CA GLU A 57 10.51 15.79 14.08
C GLU A 57 11.03 16.78 13.04
N HIS A 58 11.88 17.70 13.47
CA HIS A 58 12.41 18.71 12.57
C HIS A 58 13.56 18.15 11.74
N VAL A 59 13.24 17.13 10.95
CA VAL A 59 14.20 16.54 10.03
C VAL A 59 14.10 17.25 8.69
N ARG A 60 14.67 18.44 8.64
CA ARG A 60 14.62 19.26 7.44
C ARG A 60 15.62 18.74 6.41
N GLY A 61 15.28 17.63 5.78
CA GLY A 61 16.10 17.08 4.73
C GLY A 61 15.61 17.47 3.36
N TYR A 62 14.54 16.82 2.91
CA TYR A 62 13.96 17.13 1.61
C TYR A 62 12.69 17.94 1.80
N ALA A 63 12.51 18.97 0.98
CA ALA A 63 11.34 19.86 1.10
C ALA A 63 10.15 19.30 0.33
N HIS A 64 9.84 18.04 0.57
CA HIS A 64 8.70 17.40 -0.08
C HIS A 64 7.99 16.49 0.91
N PRO A 65 6.70 16.72 1.15
CA PRO A 65 5.90 15.87 2.02
C PRO A 65 5.74 14.47 1.43
N LEU A 66 5.90 13.46 2.27
CA LEU A 66 5.88 12.08 1.81
C LEU A 66 4.44 11.63 1.55
N ASN A 67 4.23 11.04 0.38
CA ASN A 67 2.94 10.49 0.00
C ASN A 67 3.16 9.36 -0.98
N LEU A 68 2.45 8.26 -0.80
CA LEU A 68 2.72 7.05 -1.55
C LEU A 68 1.41 6.32 -1.84
N ALA A 69 1.22 5.93 -3.09
CA ALA A 69 0.01 5.22 -3.49
C ALA A 69 0.33 3.80 -3.94
N LEU A 70 -0.02 2.84 -3.10
CA LEU A 70 0.22 1.43 -3.40
C LEU A 70 -1.02 0.82 -4.04
N THR A 71 -0.93 0.42 -5.30
CA THR A 71 -2.04 -0.22 -5.96
C THR A 71 -1.64 -1.61 -6.42
N TRP A 72 -2.60 -2.52 -6.45
CA TRP A 72 -2.33 -3.90 -6.83
C TRP A 72 -3.26 -4.33 -7.96
N ASN A 73 -2.79 -5.28 -8.75
CA ASN A 73 -3.54 -5.79 -9.89
C ASN A 73 -4.91 -6.31 -9.46
N THR A 74 -5.95 -5.74 -10.06
CA THR A 74 -7.34 -6.09 -9.72
C THR A 74 -7.62 -7.57 -9.96
N ASP A 75 -6.90 -8.15 -10.91
CA ASP A 75 -7.02 -9.58 -11.20
C ASP A 75 -6.45 -10.39 -10.05
N GLU A 76 -5.29 -9.94 -9.58
CA GLU A 76 -4.63 -10.56 -8.44
C GLU A 76 -5.52 -10.52 -7.21
N ILE A 77 -6.24 -9.41 -7.03
CA ILE A 77 -7.18 -9.27 -5.92
C ILE A 77 -8.23 -10.37 -5.97
N GLU A 78 -8.75 -10.64 -7.16
CA GLU A 78 -9.71 -11.72 -7.36
C GLU A 78 -9.09 -13.07 -7.02
N ARG A 79 -7.82 -13.23 -7.41
CA ARG A 79 -7.09 -14.47 -7.19
C ARG A 79 -6.83 -14.71 -5.71
N LEU A 80 -6.75 -13.63 -4.93
CA LEU A 80 -6.50 -13.74 -3.48
C LEU A 80 -7.64 -14.48 -2.77
N MET A 81 -8.75 -14.67 -3.46
CA MET A 81 -9.88 -15.40 -2.90
C MET A 81 -9.59 -16.89 -2.84
N GLU A 82 -8.60 -17.33 -3.60
CA GLU A 82 -8.21 -18.73 -3.60
C GLU A 82 -7.29 -18.99 -2.41
N ALA A 83 -7.26 -20.23 -1.92
CA ALA A 83 -6.41 -20.61 -0.81
C ALA A 83 -4.94 -20.37 -1.15
N ASP A 84 -4.59 -20.61 -2.42
CA ASP A 84 -3.23 -20.36 -2.89
C ASP A 84 -2.90 -18.88 -2.84
N GLY A 85 -3.93 -18.07 -3.01
CA GLY A 85 -3.75 -16.63 -3.03
C GLY A 85 -3.55 -16.08 -1.65
N ALA A 86 -4.42 -16.48 -0.72
CA ALA A 86 -4.27 -16.11 0.68
C ALA A 86 -2.92 -16.54 1.24
N ALA A 87 -2.45 -17.72 0.84
CA ALA A 87 -1.15 -18.21 1.26
C ALA A 87 -0.03 -17.29 0.77
N ARG A 88 -0.22 -16.74 -0.42
CA ARG A 88 0.74 -15.81 -0.99
C ARG A 88 0.74 -14.50 -0.18
N PHE A 89 -0.44 -14.07 0.21
CA PHE A 89 -0.61 -12.83 0.97
C PHE A 89 0.10 -12.92 2.33
N GLU A 90 -0.02 -14.08 2.98
CA GLU A 90 0.62 -14.28 4.27
C GLU A 90 2.13 -14.09 4.17
N ARG A 91 2.72 -14.66 3.12
CA ARG A 91 4.15 -14.59 2.95
C ARG A 91 4.56 -13.20 2.46
N TYR A 92 3.60 -12.43 1.97
CA TYR A 92 3.84 -11.08 1.51
C TYR A 92 3.96 -10.15 2.72
N LEU A 93 3.20 -10.47 3.76
CA LEU A 93 3.27 -9.72 5.01
C LEU A 93 4.65 -9.86 5.62
N ALA A 94 5.21 -11.06 5.51
CA ALA A 94 6.56 -11.34 6.00
C ALA A 94 7.62 -10.64 5.15
N ALA A 95 7.26 -10.23 3.94
CA ALA A 95 8.20 -9.61 3.03
C ALA A 95 8.01 -8.10 2.97
N LEU A 96 7.03 -7.58 3.70
CA LEU A 96 6.76 -6.15 3.75
C LEU A 96 8.02 -5.32 4.05
N PRO A 97 8.78 -5.63 5.13
CA PRO A 97 10.03 -4.92 5.44
C PRO A 97 10.99 -4.86 4.26
N ARG A 98 11.04 -5.95 3.50
CA ARG A 98 11.95 -6.06 2.37
C ARG A 98 11.48 -5.18 1.21
N LYS A 99 10.19 -5.20 0.94
CA LYS A 99 9.64 -4.46 -0.18
C LYS A 99 9.64 -2.96 0.10
N LEU A 100 9.26 -2.60 1.32
CA LEU A 100 9.25 -1.20 1.73
C LEU A 100 10.65 -0.61 1.63
N ALA A 101 11.65 -1.35 2.10
CA ALA A 101 13.02 -0.90 2.04
C ALA A 101 13.50 -0.76 0.59
N ALA A 102 12.96 -1.63 -0.26
CA ALA A 102 13.33 -1.64 -1.66
C ALA A 102 12.84 -0.38 -2.37
N TRP A 103 11.62 0.02 -2.07
CA TRP A 103 11.03 1.20 -2.68
C TRP A 103 11.71 2.47 -2.17
N GLU A 104 12.11 2.47 -0.91
CA GLU A 104 12.81 3.61 -0.33
C GLU A 104 14.07 3.94 -1.13
N ASN A 105 14.88 2.91 -1.34
CA ASN A 105 16.17 3.07 -2.02
C ASN A 105 16.00 3.46 -3.48
N ALA A 106 14.91 3.02 -4.10
CA ALA A 106 14.72 3.20 -5.53
C ALA A 106 14.05 4.55 -5.84
N ARG A 107 12.97 4.87 -5.14
CA ARG A 107 12.16 6.03 -5.50
C ARG A 107 12.57 7.30 -4.75
N GLY A 108 13.52 7.17 -3.83
CA GLY A 108 13.96 8.34 -3.09
C GLY A 108 13.04 8.67 -1.95
N VAL A 109 12.73 7.65 -1.17
CA VAL A 109 11.82 7.77 -0.05
C VAL A 109 12.55 7.38 1.23
N ASP A 110 12.32 8.11 2.31
CA ASP A 110 13.01 7.83 3.55
C ASP A 110 12.07 7.99 4.74
N PHE A 111 11.49 6.89 5.19
CA PHE A 111 10.54 6.92 6.29
C PHE A 111 11.22 7.26 7.62
N GLY A 112 12.54 7.14 7.66
CA GLY A 112 13.28 7.54 8.85
C GLY A 112 13.37 9.04 8.97
N SER A 113 13.46 9.71 7.83
CA SER A 113 13.50 11.16 7.79
C SER A 113 12.10 11.74 7.75
N ARG A 114 11.11 10.86 7.51
CA ARG A 114 9.70 11.23 7.47
C ARG A 114 9.44 12.23 6.33
N THR A 115 10.26 12.12 5.30
CA THR A 115 10.16 12.98 4.13
C THR A 115 10.58 12.20 2.88
N GLN A 116 10.48 12.83 1.71
CA GLN A 116 10.88 12.16 0.47
C GLN A 116 11.44 13.19 -0.50
N ALA A 117 12.31 12.73 -1.39
CA ALA A 117 12.95 13.61 -2.36
C ALA A 117 12.10 13.74 -3.61
N ASP A 118 11.07 12.91 -3.70
CA ASP A 118 10.21 12.92 -4.87
C ASP A 118 9.00 13.81 -4.64
N ALA A 119 8.38 14.26 -5.72
CA ALA A 119 7.18 15.06 -5.64
C ALA A 119 5.99 14.17 -5.27
N LEU A 120 5.97 12.96 -5.80
CA LEU A 120 4.89 12.03 -5.55
C LEU A 120 5.28 10.64 -6.04
N VAL A 121 5.20 9.65 -5.16
CA VAL A 121 5.55 8.29 -5.55
C VAL A 121 4.30 7.41 -5.67
N LEU A 122 3.87 7.24 -6.90
CA LEU A 122 2.76 6.36 -7.21
C LEU A 122 3.30 5.02 -7.70
N LEU A 123 2.74 3.93 -7.19
CA LEU A 123 3.22 2.60 -7.53
C LEU A 123 2.07 1.74 -8.03
N GLY A 124 2.02 1.57 -9.35
CA GLY A 124 0.97 0.78 -9.95
C GLY A 124 1.45 -0.58 -10.41
N GLY A 125 0.52 -1.50 -10.59
CA GLY A 125 0.88 -2.82 -11.11
C GLY A 125 1.67 -3.66 -10.14
N LEU A 126 1.42 -3.50 -8.85
CA LEU A 126 2.14 -4.28 -7.86
C LEU A 126 1.57 -5.69 -7.75
N ASP A 127 2.45 -6.63 -7.44
CA ASP A 127 2.08 -8.03 -7.28
C ASP A 127 2.27 -8.42 -5.82
N PHE A 128 1.88 -9.63 -5.47
CA PHE A 128 2.08 -10.12 -4.12
C PHE A 128 3.17 -11.18 -4.11
N GLU A 129 4.14 -10.99 -4.99
CA GLU A 129 5.24 -11.91 -5.16
C GLU A 129 6.15 -11.86 -3.95
N ALA A 130 6.10 -12.91 -3.15
CA ALA A 130 6.90 -13.02 -1.95
C ALA A 130 7.13 -14.48 -1.60
N GLY A 1 -16.00 -0.28 -17.68
CA GLY A 1 -15.55 -1.36 -16.77
C GLY A 1 -16.64 -2.39 -16.53
N ALA A 2 -16.81 -3.29 -17.49
CA ALA A 2 -17.85 -4.33 -17.40
C ALA A 2 -17.51 -5.36 -16.34
N MET A 3 -16.22 -5.52 -16.06
CA MET A 3 -15.75 -6.47 -15.06
C MET A 3 -16.04 -5.95 -13.66
N GLY A 4 -16.48 -4.70 -13.58
CA GLY A 4 -16.74 -4.08 -12.31
C GLY A 4 -18.12 -4.41 -11.76
N MET A 5 -18.90 -5.18 -12.51
CA MET A 5 -20.24 -5.52 -12.09
C MET A 5 -20.23 -6.54 -10.95
N SER A 6 -19.07 -7.15 -10.73
CA SER A 6 -18.89 -8.07 -9.62
C SER A 6 -18.10 -7.39 -8.51
N PRO A 7 -18.78 -6.77 -7.53
CA PRO A 7 -18.13 -6.00 -6.48
C PRO A 7 -17.78 -6.83 -5.24
N ASP A 8 -17.95 -8.14 -5.33
CA ASP A 8 -17.70 -9.01 -4.18
C ASP A 8 -16.21 -9.08 -3.87
N THR A 9 -15.40 -9.21 -4.91
CA THR A 9 -13.95 -9.28 -4.76
C THR A 9 -13.42 -7.99 -4.13
N ALA A 10 -13.84 -6.86 -4.69
CA ALA A 10 -13.40 -5.55 -4.22
C ALA A 10 -13.86 -5.30 -2.80
N ARG A 11 -15.07 -5.75 -2.49
CA ARG A 11 -15.65 -5.56 -1.16
C ARG A 11 -14.82 -6.31 -0.11
N ARG A 12 -14.42 -7.53 -0.43
CA ARG A 12 -13.64 -8.34 0.49
C ARG A 12 -12.26 -7.73 0.72
N PHE A 13 -11.66 -7.19 -0.33
CA PHE A 13 -10.36 -6.56 -0.19
C PHE A 13 -10.46 -5.34 0.71
N ASP A 14 -11.50 -4.55 0.48
CA ASP A 14 -11.77 -3.34 1.26
C ASP A 14 -11.91 -3.64 2.76
N THR A 15 -12.55 -4.76 3.08
CA THR A 15 -12.87 -5.07 4.46
C THR A 15 -11.88 -6.03 5.12
N GLU A 16 -11.45 -7.04 4.38
CA GLU A 16 -10.64 -8.10 4.98
C GLU A 16 -9.14 -7.86 4.81
N PHE A 17 -8.72 -7.46 3.62
CA PHE A 17 -7.28 -7.40 3.30
C PHE A 17 -6.69 -6.02 3.55
N ALA A 18 -7.32 -4.98 3.04
CA ALA A 18 -6.79 -3.63 3.12
C ALA A 18 -6.49 -3.20 4.57
N PRO A 19 -7.44 -3.37 5.53
CA PRO A 19 -7.18 -3.01 6.94
C PRO A 19 -6.04 -3.81 7.55
N ARG A 20 -5.77 -4.99 7.01
CA ARG A 20 -4.66 -5.82 7.47
C ARG A 20 -3.34 -5.21 7.03
N ILE A 21 -3.32 -4.70 5.80
CA ILE A 21 -2.12 -4.08 5.24
C ILE A 21 -1.79 -2.81 6.01
N ALA A 22 -2.82 -2.01 6.28
CA ALA A 22 -2.65 -0.77 7.01
C ALA A 22 -2.12 -1.03 8.43
N ARG A 23 -2.59 -2.13 9.02
CA ARG A 23 -2.14 -2.54 10.34
C ARG A 23 -0.66 -2.90 10.33
N ALA A 24 -0.27 -3.74 9.37
CA ALA A 24 1.10 -4.22 9.27
C ALA A 24 2.08 -3.07 9.05
N ILE A 25 1.71 -2.15 8.16
CA ILE A 25 2.56 -1.02 7.84
C ILE A 25 2.69 -0.08 9.03
N ALA A 26 1.56 0.26 9.64
CA ALA A 26 1.55 1.17 10.79
C ALA A 26 2.39 0.61 11.93
N ASP A 27 2.35 -0.70 12.08
CA ASP A 27 3.13 -1.41 13.09
C ASP A 27 4.61 -1.38 12.76
N LEU A 28 4.90 -1.56 11.47
CA LEU A 28 6.29 -1.62 10.99
C LEU A 28 6.96 -0.25 11.11
N LEU A 29 6.18 0.80 10.90
CA LEU A 29 6.71 2.16 10.99
C LEU A 29 6.54 2.71 12.40
N ASN A 30 6.01 1.88 13.29
CA ASN A 30 5.80 2.23 14.69
C ASN A 30 4.98 3.50 14.83
N HIS A 31 4.04 3.68 13.91
CA HIS A 31 3.13 4.84 13.91
C HIS A 31 3.88 6.17 13.79
N ARG A 32 5.02 6.17 13.14
CA ARG A 32 5.72 7.42 12.86
C ARG A 32 5.11 8.07 11.63
N ALA A 33 4.56 7.25 10.76
CA ALA A 33 3.83 7.71 9.59
C ALA A 33 2.39 7.26 9.70
N HIS A 34 1.50 7.92 8.97
CA HIS A 34 0.08 7.62 9.06
C HIS A 34 -0.38 6.84 7.84
N THR A 35 -1.16 5.81 8.05
CA THR A 35 -1.67 5.01 6.96
C THR A 35 -3.18 5.20 6.83
N ASP A 36 -3.68 5.14 5.61
CA ASP A 36 -5.09 5.40 5.34
C ASP A 36 -5.59 4.54 4.20
N VAL A 37 -6.57 3.70 4.48
CA VAL A 37 -7.13 2.82 3.47
C VAL A 37 -8.21 3.51 2.67
N VAL A 38 -7.90 3.81 1.42
CA VAL A 38 -8.90 4.27 0.47
C VAL A 38 -9.80 3.11 0.08
N GLY A 39 -11.01 3.09 0.63
CA GLY A 39 -11.88 1.96 0.46
C GLY A 39 -12.59 1.95 -0.88
N TYR A 40 -13.35 0.88 -1.12
CA TYR A 40 -14.08 0.74 -2.37
C TYR A 40 -15.44 1.42 -2.26
N GLY A 41 -15.62 2.47 -3.03
CA GLY A 41 -16.87 3.20 -3.02
C GLY A 41 -17.38 3.45 -4.42
N GLY A 42 -18.18 2.54 -4.93
CA GLY A 42 -18.66 2.65 -6.28
C GLY A 42 -17.70 2.00 -7.26
N HIS A 43 -18.22 1.55 -8.39
CA HIS A 43 -17.41 0.86 -9.39
C HIS A 43 -16.39 1.83 -9.98
N GLY A 44 -15.23 1.30 -10.36
CA GLY A 44 -14.20 2.13 -10.94
C GLY A 44 -13.38 2.84 -9.88
N HIS A 45 -13.41 2.34 -8.66
CA HIS A 45 -12.67 2.93 -7.55
C HIS A 45 -11.76 1.90 -6.90
N PRO A 46 -10.53 1.74 -7.40
CA PRO A 46 -9.60 0.73 -6.88
C PRO A 46 -9.20 1.00 -5.43
N THR A 47 -9.29 -0.03 -4.61
CA THR A 47 -8.92 0.07 -3.21
C THR A 47 -7.40 0.15 -3.08
N GLN A 48 -6.92 1.02 -2.21
CA GLN A 48 -5.48 1.26 -2.10
C GLN A 48 -5.13 1.78 -0.71
N VAL A 49 -3.92 1.50 -0.26
CA VAL A 49 -3.48 1.99 1.03
C VAL A 49 -2.36 3.00 0.84
N ARG A 50 -2.61 4.21 1.31
CA ARG A 50 -1.64 5.28 1.20
C ARG A 50 -0.92 5.52 2.51
N ILE A 51 0.37 5.81 2.41
CA ILE A 51 1.18 6.15 3.56
C ILE A 51 1.54 7.63 3.48
N VAL A 52 1.00 8.42 4.39
CA VAL A 52 1.25 9.85 4.40
C VAL A 52 2.04 10.23 5.66
N ALA A 53 3.00 11.12 5.51
CA ALA A 53 3.79 11.57 6.63
C ALA A 53 3.36 12.98 7.06
N PRO A 54 2.57 13.08 8.14
CA PRO A 54 2.08 14.36 8.65
C PRO A 54 3.14 15.08 9.48
N HIS A 55 4.35 15.17 8.95
CA HIS A 55 5.44 15.84 9.63
C HIS A 55 6.34 16.51 8.60
N ALA A 56 5.87 17.63 8.05
CA ALA A 56 6.60 18.36 7.03
C ALA A 56 7.72 19.19 7.63
N GLU A 57 7.82 19.18 8.96
CA GLU A 57 8.89 19.87 9.65
C GLU A 57 10.13 18.97 9.69
N HIS A 58 10.62 18.64 8.50
CA HIS A 58 11.78 17.77 8.37
C HIS A 58 12.52 18.13 7.07
N VAL A 59 12.79 19.42 6.92
CA VAL A 59 13.42 19.92 5.70
C VAL A 59 14.85 20.36 5.98
N ARG A 60 15.76 19.42 5.86
CA ARG A 60 17.19 19.71 5.93
C ARG A 60 17.84 19.31 4.61
N GLY A 61 17.05 18.68 3.76
CA GLY A 61 17.53 18.27 2.46
C GLY A 61 16.44 18.32 1.41
N TYR A 62 15.40 17.53 1.62
CA TYR A 62 14.28 17.49 0.68
C TYR A 62 13.08 18.22 1.26
N ALA A 63 12.34 18.91 0.41
CA ALA A 63 11.15 19.62 0.84
C ALA A 63 9.90 18.97 0.28
N HIS A 64 9.87 17.65 0.32
CA HIS A 64 8.74 16.88 -0.18
C HIS A 64 8.22 15.93 0.89
N PRO A 65 6.97 16.12 1.33
CA PRO A 65 6.33 15.19 2.28
C PRO A 65 6.11 13.83 1.64
N LEU A 66 6.32 12.78 2.41
CA LEU A 66 6.18 11.42 1.92
C LEU A 66 4.70 11.10 1.68
N ASN A 67 4.37 10.77 0.44
CA ASN A 67 3.01 10.42 0.07
C ASN A 67 3.02 9.28 -0.93
N LEU A 68 2.80 8.07 -0.43
CA LEU A 68 2.85 6.88 -1.24
C LEU A 68 1.46 6.25 -1.39
N ALA A 69 1.10 5.93 -2.62
CA ALA A 69 -0.14 5.21 -2.87
C ALA A 69 0.14 3.83 -3.44
N LEU A 70 -0.20 2.80 -2.66
CA LEU A 70 0.02 1.42 -3.08
C LEU A 70 -1.23 0.86 -3.73
N THR A 71 -1.12 0.50 -5.00
CA THR A 71 -2.23 -0.08 -5.73
C THR A 71 -1.84 -1.46 -6.26
N TRP A 72 -2.80 -2.36 -6.39
CA TRP A 72 -2.52 -3.74 -6.78
C TRP A 72 -3.34 -4.15 -8.00
N ASN A 73 -2.86 -5.19 -8.67
CA ASN A 73 -3.54 -5.77 -9.82
C ASN A 73 -4.78 -6.52 -9.37
N THR A 74 -5.93 -6.19 -9.95
CA THR A 74 -7.21 -6.76 -9.55
C THR A 74 -7.25 -8.27 -9.72
N ASP A 75 -6.45 -8.80 -10.65
CA ASP A 75 -6.35 -10.25 -10.83
C ASP A 75 -5.75 -10.89 -9.59
N GLU A 76 -4.68 -10.28 -9.09
CA GLU A 76 -4.04 -10.72 -7.85
C GLU A 76 -5.02 -10.65 -6.69
N ILE A 77 -5.81 -9.59 -6.64
CA ILE A 77 -6.85 -9.45 -5.63
C ILE A 77 -7.84 -10.62 -5.68
N GLU A 78 -8.23 -10.99 -6.90
CA GLU A 78 -9.16 -12.10 -7.11
C GLU A 78 -8.54 -13.39 -6.58
N ARG A 79 -7.25 -13.54 -6.80
CA ARG A 79 -6.52 -14.73 -6.36
C ARG A 79 -6.48 -14.83 -4.84
N LEU A 80 -6.54 -13.67 -4.18
CA LEU A 80 -6.50 -13.63 -2.71
C LEU A 80 -7.70 -14.35 -2.10
N MET A 81 -8.73 -14.53 -2.90
CA MET A 81 -9.95 -15.20 -2.44
C MET A 81 -9.81 -16.71 -2.57
N GLU A 82 -8.60 -17.15 -2.89
CA GLU A 82 -8.29 -18.56 -3.04
C GLU A 82 -7.30 -18.98 -1.96
N ALA A 83 -7.22 -20.28 -1.67
CA ALA A 83 -6.27 -20.78 -0.69
C ALA A 83 -4.85 -20.36 -1.04
N ASP A 84 -4.48 -20.56 -2.31
CA ASP A 84 -3.15 -20.21 -2.81
C ASP A 84 -2.90 -18.72 -2.66
N GLY A 85 -3.96 -17.93 -2.77
CA GLY A 85 -3.83 -16.49 -2.73
C GLY A 85 -3.57 -15.98 -1.34
N ALA A 86 -4.37 -16.44 -0.38
CA ALA A 86 -4.16 -16.11 1.02
C ALA A 86 -2.74 -16.47 1.48
N ALA A 87 -2.23 -17.59 0.96
CA ALA A 87 -0.87 -18.01 1.25
C ALA A 87 0.14 -16.97 0.78
N ARG A 88 -0.15 -16.35 -0.37
CA ARG A 88 0.73 -15.32 -0.90
C ARG A 88 0.64 -14.06 -0.07
N PHE A 89 -0.54 -13.79 0.49
CA PHE A 89 -0.74 -12.63 1.34
C PHE A 89 0.13 -12.71 2.58
N GLU A 90 0.17 -13.89 3.19
CA GLU A 90 1.00 -14.12 4.37
C GLU A 90 2.47 -13.96 4.02
N ARG A 91 2.84 -14.44 2.85
CA ARG A 91 4.22 -14.37 2.38
C ARG A 91 4.59 -12.93 2.04
N TYR A 92 3.59 -12.16 1.62
CA TYR A 92 3.81 -10.77 1.25
C TYR A 92 4.04 -9.91 2.49
N LEU A 93 3.36 -10.27 3.58
CA LEU A 93 3.53 -9.56 4.85
C LEU A 93 4.94 -9.73 5.36
N ALA A 94 5.49 -10.93 5.17
CA ALA A 94 6.86 -11.23 5.55
C ALA A 94 7.87 -10.52 4.66
N ALA A 95 7.42 -10.06 3.50
CA ALA A 95 8.30 -9.41 2.54
C ALA A 95 8.12 -7.90 2.54
N LEU A 96 7.21 -7.40 3.36
CA LEU A 96 6.94 -5.97 3.45
C LEU A 96 8.20 -5.14 3.68
N PRO A 97 9.02 -5.45 4.72
CA PRO A 97 10.26 -4.70 4.98
C PRO A 97 11.24 -4.76 3.80
N ARG A 98 11.18 -5.85 3.04
CA ARG A 98 12.09 -6.06 1.93
C ARG A 98 11.73 -5.15 0.76
N LYS A 99 10.44 -5.12 0.44
CA LYS A 99 9.97 -4.36 -0.70
C LYS A 99 10.02 -2.87 -0.40
N LEU A 100 9.74 -2.54 0.85
CA LEU A 100 9.75 -1.17 1.32
C LEU A 100 11.13 -0.56 1.10
N ALA A 101 12.16 -1.27 1.57
CA ALA A 101 13.53 -0.80 1.45
C ALA A 101 13.96 -0.73 -0.02
N ALA A 102 13.41 -1.61 -0.83
CA ALA A 102 13.71 -1.63 -2.26
C ALA A 102 13.21 -0.37 -2.94
N TRP A 103 12.00 0.06 -2.58
CA TRP A 103 11.41 1.25 -3.17
C TRP A 103 12.15 2.50 -2.70
N GLU A 104 12.67 2.45 -1.48
CA GLU A 104 13.44 3.57 -0.95
C GLU A 104 14.62 3.89 -1.85
N ASN A 105 15.40 2.86 -2.16
CA ASN A 105 16.59 3.01 -2.99
C ASN A 105 16.23 3.40 -4.42
N ALA A 106 15.07 2.94 -4.89
CA ALA A 106 14.67 3.18 -6.27
C ALA A 106 14.07 4.55 -6.47
N ARG A 107 13.19 4.97 -5.58
CA ARG A 107 12.43 6.21 -5.77
C ARG A 107 13.01 7.38 -4.98
N GLY A 108 14.10 7.15 -4.27
CA GLY A 108 14.70 8.23 -3.49
C GLY A 108 13.86 8.58 -2.28
N VAL A 109 13.51 7.55 -1.53
CA VAL A 109 12.62 7.70 -0.39
C VAL A 109 13.33 7.19 0.86
N ASP A 110 13.02 7.78 2.00
CA ASP A 110 13.54 7.28 3.27
C ASP A 110 12.45 7.30 4.32
N PHE A 111 11.90 6.13 4.63
CA PHE A 111 10.79 6.03 5.57
C PHE A 111 11.22 6.36 7.00
N GLY A 112 12.51 6.23 7.27
CA GLY A 112 13.02 6.61 8.57
C GLY A 112 13.14 8.11 8.70
N SER A 113 13.17 8.78 7.56
CA SER A 113 13.26 10.23 7.51
C SER A 113 11.87 10.86 7.34
N ARG A 114 10.93 10.03 6.87
CA ARG A 114 9.55 10.44 6.64
C ARG A 114 9.45 11.55 5.59
N THR A 115 10.46 11.59 4.72
CA THR A 115 10.49 12.54 3.62
C THR A 115 10.94 11.84 2.35
N GLN A 116 10.84 12.51 1.21
CA GLN A 116 11.19 11.90 -0.05
C GLN A 116 11.75 12.93 -1.01
N ALA A 117 12.59 12.48 -1.94
CA ALA A 117 13.13 13.35 -2.97
C ALA A 117 12.20 13.37 -4.16
N ASP A 118 11.22 12.47 -4.14
CA ASP A 118 10.26 12.33 -5.22
C ASP A 118 9.15 13.38 -5.06
N ALA A 119 8.54 13.76 -6.18
CA ALA A 119 7.47 14.74 -6.18
C ALA A 119 6.16 14.08 -5.72
N LEU A 120 5.97 12.84 -6.13
CA LEU A 120 4.77 12.08 -5.78
C LEU A 120 4.97 10.63 -6.19
N VAL A 121 4.80 9.69 -5.27
CA VAL A 121 5.10 8.30 -5.57
C VAL A 121 3.84 7.44 -5.50
N LEU A 122 3.23 7.24 -6.65
CA LEU A 122 2.05 6.39 -6.76
C LEU A 122 2.43 5.11 -7.50
N LEU A 123 2.55 4.01 -6.76
CA LEU A 123 3.04 2.76 -7.33
C LEU A 123 1.88 1.88 -7.76
N GLY A 124 1.79 1.65 -9.07
CA GLY A 124 0.77 0.78 -9.60
C GLY A 124 1.32 -0.55 -10.07
N GLY A 125 0.43 -1.48 -10.36
CA GLY A 125 0.83 -2.76 -10.91
C GLY A 125 1.59 -3.64 -9.93
N LEU A 126 1.31 -3.49 -8.64
CA LEU A 126 1.94 -4.33 -7.64
C LEU A 126 1.36 -5.74 -7.64
N ASP A 127 2.22 -6.70 -7.35
CA ASP A 127 1.83 -8.10 -7.25
C ASP A 127 2.15 -8.59 -5.85
N PHE A 128 1.74 -9.82 -5.54
CA PHE A 128 2.04 -10.41 -4.26
C PHE A 128 3.15 -11.44 -4.43
N GLU A 129 4.13 -11.07 -5.23
CA GLU A 129 5.23 -11.95 -5.56
C GLU A 129 6.36 -11.73 -4.57
N ALA A 130 6.52 -12.66 -3.65
CA ALA A 130 7.55 -12.54 -2.63
C ALA A 130 8.75 -13.40 -2.99
N GLY A 1 -24.27 -7.09 -5.24
CA GLY A 1 -23.62 -7.10 -6.58
C GLY A 1 -24.46 -7.83 -7.60
N ALA A 2 -24.10 -7.68 -8.88
CA ALA A 2 -24.85 -8.31 -9.96
C ALA A 2 -24.03 -8.32 -11.24
N MET A 3 -24.51 -9.07 -12.24
CA MET A 3 -23.84 -9.18 -13.54
C MET A 3 -22.44 -9.77 -13.40
N GLY A 4 -22.29 -10.67 -12.43
CA GLY A 4 -21.00 -11.28 -12.18
C GLY A 4 -20.40 -10.75 -10.88
N MET A 5 -19.43 -11.47 -10.34
CA MET A 5 -18.84 -11.07 -9.08
C MET A 5 -17.53 -10.31 -9.32
N SER A 6 -17.54 -9.03 -8.98
CA SER A 6 -16.37 -8.19 -9.14
C SER A 6 -16.36 -7.05 -8.10
N PRO A 7 -17.41 -6.20 -8.04
CA PRO A 7 -17.49 -5.13 -7.03
C PRO A 7 -17.56 -5.70 -5.61
N ASP A 8 -17.97 -6.94 -5.52
CA ASP A 8 -18.09 -7.63 -4.23
C ASP A 8 -16.74 -8.22 -3.84
N THR A 9 -15.99 -8.70 -4.83
CA THR A 9 -14.65 -9.20 -4.61
C THR A 9 -13.73 -8.06 -4.19
N ALA A 10 -13.90 -6.91 -4.83
CA ALA A 10 -13.14 -5.71 -4.50
C ALA A 10 -13.42 -5.28 -3.07
N ARG A 11 -14.69 -5.36 -2.68
CA ARG A 11 -15.10 -4.98 -1.34
C ARG A 11 -14.56 -5.96 -0.31
N ARG A 12 -14.43 -7.23 -0.70
CA ARG A 12 -13.88 -8.26 0.18
C ARG A 12 -12.49 -7.88 0.66
N PHE A 13 -11.62 -7.50 -0.28
CA PHE A 13 -10.27 -7.08 0.05
C PHE A 13 -10.32 -5.79 0.88
N ASP A 14 -11.22 -4.90 0.47
CA ASP A 14 -11.45 -3.62 1.14
C ASP A 14 -11.71 -3.81 2.64
N THR A 15 -12.44 -4.85 2.98
CA THR A 15 -12.87 -5.04 4.34
C THR A 15 -11.99 -6.04 5.09
N GLU A 16 -11.61 -7.12 4.43
CA GLU A 16 -10.95 -8.22 5.10
C GLU A 16 -9.42 -8.06 5.15
N PHE A 17 -8.82 -7.67 4.03
CA PHE A 17 -7.36 -7.75 3.91
C PHE A 17 -6.69 -6.37 3.95
N ALA A 18 -7.32 -5.36 3.38
CA ALA A 18 -6.72 -4.03 3.29
C ALA A 18 -6.35 -3.45 4.67
N PRO A 19 -7.26 -3.49 5.67
CA PRO A 19 -6.96 -2.96 7.02
C PRO A 19 -5.77 -3.68 7.66
N ARG A 20 -5.54 -4.93 7.26
CA ARG A 20 -4.45 -5.71 7.82
C ARG A 20 -3.11 -5.15 7.38
N ILE A 21 -3.05 -4.76 6.12
CA ILE A 21 -1.84 -4.18 5.56
C ILE A 21 -1.58 -2.81 6.16
N ALA A 22 -2.62 -1.99 6.20
CA ALA A 22 -2.52 -0.62 6.67
C ALA A 22 -2.02 -0.54 8.12
N ARG A 23 -2.59 -1.38 8.98
CA ARG A 23 -2.22 -1.39 10.39
C ARG A 23 -0.80 -1.92 10.57
N ALA A 24 -0.43 -2.90 9.75
CA ALA A 24 0.90 -3.51 9.83
C ALA A 24 1.97 -2.51 9.42
N ILE A 25 1.70 -1.75 8.37
CA ILE A 25 2.64 -0.77 7.85
C ILE A 25 2.86 0.34 8.88
N ALA A 26 1.77 0.87 9.41
CA ALA A 26 1.82 1.96 10.37
C ALA A 26 2.60 1.54 11.61
N ASP A 27 2.36 0.32 12.08
CA ASP A 27 3.04 -0.20 13.26
C ASP A 27 4.51 -0.48 12.97
N LEU A 28 4.79 -0.86 11.73
CA LEU A 28 6.15 -1.18 11.30
C LEU A 28 6.98 0.10 11.24
N LEU A 29 6.32 1.19 10.90
CA LEU A 29 6.95 2.50 10.84
C LEU A 29 6.95 3.18 12.20
N ASN A 30 6.74 2.39 13.26
CA ASN A 30 6.78 2.88 14.64
C ASN A 30 5.71 3.95 14.89
N HIS A 31 4.62 3.85 14.12
CA HIS A 31 3.49 4.78 14.24
C HIS A 31 3.93 6.22 14.01
N ARG A 32 4.94 6.40 13.16
CA ARG A 32 5.41 7.74 12.80
C ARG A 32 4.77 8.18 11.49
N ALA A 33 4.05 7.27 10.86
CA ALA A 33 3.35 7.55 9.64
C ALA A 33 1.89 7.13 9.76
N HIS A 34 1.03 7.81 9.03
CA HIS A 34 -0.40 7.52 9.08
C HIS A 34 -0.83 6.86 7.78
N THR A 35 -1.55 5.76 7.87
CA THR A 35 -1.98 5.05 6.69
C THR A 35 -3.49 5.15 6.52
N ASP A 36 -3.94 5.33 5.29
CA ASP A 36 -5.35 5.49 5.01
C ASP A 36 -5.79 4.47 3.97
N VAL A 37 -6.87 3.76 4.29
CA VAL A 37 -7.39 2.72 3.41
C VAL A 37 -8.42 3.30 2.46
N VAL A 38 -8.02 3.50 1.22
CA VAL A 38 -8.93 3.98 0.19
C VAL A 38 -9.52 2.80 -0.54
N GLY A 39 -10.60 2.26 -0.01
CA GLY A 39 -11.18 1.06 -0.56
C GLY A 39 -12.32 1.34 -1.51
N TYR A 40 -13.27 0.41 -1.57
CA TYR A 40 -14.35 0.49 -2.52
C TYR A 40 -15.50 1.32 -1.95
N GLY A 41 -15.75 2.48 -2.53
CA GLY A 41 -16.85 3.31 -2.13
C GLY A 41 -17.50 4.01 -3.30
N GLY A 42 -17.06 3.65 -4.50
CA GLY A 42 -17.59 4.27 -5.70
C GLY A 42 -16.50 4.95 -6.51
N HIS A 43 -15.72 5.78 -5.83
CA HIS A 43 -14.62 6.49 -6.50
C HIS A 43 -13.43 5.56 -6.65
N GLY A 44 -13.13 4.86 -5.57
CA GLY A 44 -12.06 3.89 -5.60
C GLY A 44 -12.58 2.50 -5.91
N HIS A 45 -12.22 1.98 -7.07
CA HIS A 45 -12.62 0.63 -7.44
C HIS A 45 -11.59 -0.38 -6.94
N PRO A 46 -10.27 -0.16 -7.18
CA PRO A 46 -9.23 -1.00 -6.61
C PRO A 46 -8.75 -0.43 -5.28
N THR A 47 -8.73 -1.26 -4.24
CA THR A 47 -8.32 -0.82 -2.93
C THR A 47 -6.85 -0.41 -2.92
N GLN A 48 -6.55 0.67 -2.22
CA GLN A 48 -5.18 1.16 -2.12
C GLN A 48 -4.91 1.66 -0.72
N VAL A 49 -3.69 1.52 -0.25
CA VAL A 49 -3.31 2.05 1.04
C VAL A 49 -2.22 3.09 0.88
N ARG A 50 -2.51 4.30 1.31
CA ARG A 50 -1.55 5.38 1.20
C ARG A 50 -0.89 5.68 2.54
N ILE A 51 0.39 5.96 2.49
CA ILE A 51 1.17 6.25 3.66
C ILE A 51 1.55 7.73 3.68
N VAL A 52 1.03 8.45 4.65
CA VAL A 52 1.28 9.87 4.77
C VAL A 52 2.07 10.16 6.04
N ALA A 53 3.08 11.01 5.92
CA ALA A 53 3.90 11.37 7.06
C ALA A 53 3.57 12.78 7.55
N PRO A 54 2.83 12.90 8.65
CA PRO A 54 2.50 14.20 9.25
C PRO A 54 3.70 14.80 9.99
N HIS A 55 3.83 16.12 9.91
CA HIS A 55 4.96 16.82 10.51
C HIS A 55 6.28 16.32 9.92
N ALA A 56 6.38 16.32 8.60
CA ALA A 56 7.61 15.90 7.92
C ALA A 56 8.63 17.04 7.96
N GLU A 57 8.92 17.50 9.17
CA GLU A 57 9.80 18.63 9.39
C GLU A 57 11.10 18.16 10.03
N HIS A 58 12.00 19.12 10.27
CA HIS A 58 13.35 18.83 10.75
C HIS A 58 14.06 17.93 9.75
N VAL A 59 14.13 18.40 8.52
CA VAL A 59 14.77 17.66 7.45
C VAL A 59 15.40 18.63 6.45
N ARG A 60 16.62 18.34 6.06
CA ARG A 60 17.34 19.21 5.13
C ARG A 60 17.82 18.42 3.92
N GLY A 61 17.06 17.39 3.57
CA GLY A 61 17.38 16.59 2.40
C GLY A 61 16.46 16.89 1.25
N TYR A 62 15.28 16.28 1.26
CA TYR A 62 14.27 16.56 0.25
C TYR A 62 13.18 17.44 0.85
N ALA A 63 12.67 18.38 0.07
CA ALA A 63 11.62 19.27 0.56
C ALA A 63 10.24 18.77 0.13
N HIS A 64 9.99 17.49 0.35
CA HIS A 64 8.73 16.88 -0.04
C HIS A 64 8.28 15.87 1.01
N PRO A 65 7.09 16.09 1.60
CA PRO A 65 6.52 15.17 2.58
C PRO A 65 6.16 13.83 1.95
N LEU A 66 6.28 12.77 2.74
CA LEU A 66 6.02 11.42 2.23
C LEU A 66 4.53 11.21 2.00
N ASN A 67 4.18 10.85 0.78
CA ASN A 67 2.81 10.52 0.40
C ASN A 67 2.85 9.44 -0.67
N LEU A 68 2.73 8.20 -0.24
CA LEU A 68 2.86 7.05 -1.13
C LEU A 68 1.55 6.30 -1.23
N ALA A 69 1.15 5.96 -2.44
CA ALA A 69 -0.05 5.17 -2.64
C ALA A 69 0.30 3.82 -3.24
N LEU A 70 0.04 2.77 -2.48
CA LEU A 70 0.31 1.40 -2.92
C LEU A 70 -0.94 0.80 -3.54
N THR A 71 -0.88 0.50 -4.83
CA THR A 71 -1.99 -0.14 -5.51
C THR A 71 -1.57 -1.50 -6.03
N TRP A 72 -2.50 -2.43 -6.10
CA TRP A 72 -2.20 -3.78 -6.55
C TRP A 72 -3.17 -4.19 -7.66
N ASN A 73 -2.67 -5.01 -8.57
CA ASN A 73 -3.45 -5.52 -9.69
C ASN A 73 -4.66 -6.29 -9.18
N THR A 74 -5.82 -5.97 -9.74
CA THR A 74 -7.09 -6.57 -9.35
C THR A 74 -7.06 -8.09 -9.52
N ASP A 75 -6.25 -8.57 -10.46
CA ASP A 75 -6.08 -10.00 -10.67
C ASP A 75 -5.47 -10.64 -9.43
N GLU A 76 -4.43 -10.00 -8.90
CA GLU A 76 -3.82 -10.45 -7.65
C GLU A 76 -4.84 -10.45 -6.52
N ILE A 77 -5.60 -9.36 -6.44
CA ILE A 77 -6.65 -9.22 -5.43
C ILE A 77 -7.67 -10.36 -5.53
N GLU A 78 -8.04 -10.68 -6.77
CA GLU A 78 -8.96 -11.77 -7.05
C GLU A 78 -8.38 -13.09 -6.55
N ARG A 79 -7.09 -13.27 -6.77
CA ARG A 79 -6.40 -14.48 -6.39
C ARG A 79 -6.38 -14.64 -4.86
N LEU A 80 -6.39 -13.52 -4.15
CA LEU A 80 -6.28 -13.54 -2.69
C LEU A 80 -7.50 -14.17 -2.04
N MET A 81 -8.57 -14.31 -2.81
CA MET A 81 -9.80 -14.89 -2.29
C MET A 81 -9.76 -16.41 -2.40
N GLU A 82 -8.75 -16.92 -3.09
CA GLU A 82 -8.58 -18.36 -3.29
C GLU A 82 -7.59 -18.91 -2.26
N ALA A 83 -7.51 -20.23 -2.14
CA ALA A 83 -6.60 -20.87 -1.20
C ALA A 83 -5.15 -20.46 -1.45
N ASP A 84 -4.73 -20.51 -2.71
CA ASP A 84 -3.37 -20.12 -3.08
C ASP A 84 -3.18 -18.62 -2.91
N GLY A 85 -4.28 -17.91 -2.77
CA GLY A 85 -4.23 -16.48 -2.59
C GLY A 85 -3.77 -16.12 -1.20
N ALA A 86 -4.36 -16.76 -0.20
CA ALA A 86 -3.93 -16.59 1.18
C ALA A 86 -2.45 -16.91 1.33
N ALA A 87 -1.98 -17.91 0.59
CA ALA A 87 -0.57 -18.28 0.60
C ALA A 87 0.31 -17.13 0.12
N ARG A 88 -0.20 -16.36 -0.85
CA ARG A 88 0.52 -15.20 -1.36
C ARG A 88 0.51 -14.08 -0.33
N PHE A 89 -0.63 -13.89 0.33
CA PHE A 89 -0.79 -12.82 1.30
C PHE A 89 0.17 -12.98 2.46
N GLU A 90 0.27 -14.19 2.99
CA GLU A 90 1.16 -14.47 4.10
C GLU A 90 2.61 -14.26 3.69
N ARG A 91 2.94 -14.69 2.48
CA ARG A 91 4.29 -14.57 1.95
C ARG A 91 4.65 -13.11 1.73
N TYR A 92 3.65 -12.30 1.40
CA TYR A 92 3.86 -10.89 1.12
C TYR A 92 4.06 -10.11 2.41
N LEU A 93 3.41 -10.55 3.48
CA LEU A 93 3.55 -9.91 4.79
C LEU A 93 4.99 -10.03 5.28
N ALA A 94 5.55 -11.22 5.13
CA ALA A 94 6.93 -11.45 5.54
C ALA A 94 7.90 -10.68 4.64
N ALA A 95 7.45 -10.31 3.45
CA ALA A 95 8.28 -9.65 2.48
C ALA A 95 8.13 -8.13 2.53
N LEU A 96 7.23 -7.65 3.38
CA LEU A 96 7.00 -6.21 3.52
C LEU A 96 8.30 -5.43 3.76
N PRO A 97 9.15 -5.81 4.73
CA PRO A 97 10.42 -5.11 5.00
C PRO A 97 11.36 -5.13 3.80
N ARG A 98 11.28 -6.17 2.98
CA ARG A 98 12.17 -6.32 1.84
C ARG A 98 11.74 -5.40 0.70
N LYS A 99 10.44 -5.36 0.47
CA LYS A 99 9.89 -4.52 -0.60
C LYS A 99 9.95 -3.06 -0.21
N LEU A 100 9.78 -2.80 1.09
CA LEU A 100 9.89 -1.46 1.62
C LEU A 100 11.28 -0.90 1.34
N ALA A 101 12.31 -1.69 1.65
CA ALA A 101 13.69 -1.30 1.41
C ALA A 101 13.95 -1.12 -0.09
N ALA A 102 13.28 -1.92 -0.91
CA ALA A 102 13.43 -1.82 -2.35
C ALA A 102 12.93 -0.47 -2.85
N TRP A 103 11.75 -0.08 -2.39
CA TRP A 103 11.16 1.19 -2.82
C TRP A 103 12.00 2.37 -2.34
N GLU A 104 12.62 2.24 -1.18
CA GLU A 104 13.50 3.28 -0.68
C GLU A 104 14.67 3.49 -1.62
N ASN A 105 15.34 2.40 -1.96
CA ASN A 105 16.56 2.44 -2.76
C ASN A 105 16.26 2.86 -4.20
N ALA A 106 15.15 2.38 -4.74
CA ALA A 106 14.83 2.59 -6.14
C ALA A 106 14.03 3.86 -6.38
N ARG A 107 13.03 4.12 -5.53
CA ARG A 107 12.08 5.20 -5.79
C ARG A 107 12.47 6.52 -5.11
N GLY A 108 13.57 6.50 -4.37
CA GLY A 108 14.02 7.72 -3.71
C GLY A 108 13.10 8.13 -2.59
N VAL A 109 12.73 7.15 -1.78
CA VAL A 109 11.82 7.37 -0.66
C VAL A 109 12.53 6.98 0.63
N ASP A 110 12.39 7.77 1.67
CA ASP A 110 13.04 7.45 2.93
C ASP A 110 12.03 7.42 4.06
N PHE A 111 11.80 6.24 4.61
CA PHE A 111 10.80 6.06 5.66
C PHE A 111 11.36 6.37 7.04
N GLY A 112 12.64 6.72 7.09
CA GLY A 112 13.24 7.11 8.36
C GLY A 112 12.92 8.55 8.69
N SER A 113 13.33 9.45 7.81
CA SER A 113 13.06 10.87 7.98
C SER A 113 11.67 11.22 7.45
N ARG A 114 11.05 10.23 6.80
CA ARG A 114 9.67 10.33 6.32
C ARG A 114 9.54 11.37 5.22
N THR A 115 10.46 11.33 4.27
CA THR A 115 10.45 12.27 3.16
C THR A 115 10.64 11.53 1.84
N GLN A 116 10.37 12.22 0.74
CA GLN A 116 10.47 11.60 -0.58
C GLN A 116 10.96 12.61 -1.60
N ALA A 117 11.55 12.13 -2.70
CA ALA A 117 12.08 12.99 -3.74
C ALA A 117 11.05 13.27 -4.83
N ASP A 118 9.78 13.04 -4.51
CA ASP A 118 8.69 13.28 -5.45
C ASP A 118 7.59 14.09 -4.80
N ALA A 119 6.80 14.77 -5.60
CA ALA A 119 5.62 15.46 -5.10
C ALA A 119 4.56 14.43 -4.73
N LEU A 120 4.14 13.65 -5.72
CA LEU A 120 3.22 12.56 -5.50
C LEU A 120 3.81 11.27 -6.07
N VAL A 121 3.83 10.21 -5.28
CA VAL A 121 4.32 8.93 -5.75
C VAL A 121 3.24 7.85 -5.63
N LEU A 122 2.66 7.50 -6.77
CA LEU A 122 1.64 6.47 -6.82
C LEU A 122 2.21 5.23 -7.50
N LEU A 123 2.39 4.17 -6.74
CA LEU A 123 2.97 2.95 -7.28
C LEU A 123 1.88 2.02 -7.79
N GLY A 124 1.86 1.80 -9.10
CA GLY A 124 0.87 0.94 -9.70
C GLY A 124 1.49 -0.29 -10.33
N GLY A 125 0.66 -1.29 -10.62
CA GLY A 125 1.15 -2.50 -11.24
C GLY A 125 1.85 -3.43 -10.29
N LEU A 126 1.59 -3.27 -9.00
CA LEU A 126 2.20 -4.13 -7.99
C LEU A 126 1.52 -5.49 -7.96
N ASP A 127 2.31 -6.50 -7.64
CA ASP A 127 1.81 -7.87 -7.57
C ASP A 127 2.19 -8.45 -6.22
N PHE A 128 1.62 -9.62 -5.89
CA PHE A 128 1.91 -10.25 -4.63
C PHE A 128 2.99 -11.31 -4.80
N GLU A 129 3.98 -10.97 -5.61
CA GLU A 129 5.13 -11.81 -5.81
C GLU A 129 6.24 -11.37 -4.87
N ALA A 130 6.53 -12.21 -3.88
CA ALA A 130 7.55 -11.89 -2.90
C ALA A 130 8.93 -11.99 -3.52
#